data_8T9W
#
_entry.id   8T9W
#
_cell.length_a   112.093
_cell.length_b   113.391
_cell.length_c   158.156
_cell.angle_alpha   90.00
_cell.angle_beta   90.00
_cell.angle_gamma   90.00
#
_symmetry.space_group_name_H-M   'P 21 21 21'
#
loop_
_entity.id
_entity.type
_entity.pdbx_description
1 polymer Apiosidase
2 water water
#
_entity_poly.entity_id   1
_entity_poly.type   'polypeptide(L)'
_entity_poly.pdbx_seq_one_letter_code
;QTYTVSENKRFLLKDGKPFFWLGDTAWELFHRLDREDADYYLKKRAAQKYTVIQAVALAEFDGLNVPNPYGDKPLLNNDP
TTPNDAYFKHVDFIIDKAAEYGLTIGFLPTWGDKLNKSTWGKGPEVFNTNNARIYGKWLANRYKNKKNIIWILGGDRTPR
PNSDDVKVWRAMAAGIVEGVGGNDKALITFHPQPNKEGASQWFHADEWFDFNMFQNGHCRDTPIYDNIKGSYDRALVKPV
IDGEPIYEDHPVCFNATDLGISNAYDVRKYAYLNLFAGAFGHTYGCHDIWQMYSPFREAVNGPNFYWQQAMELPGAKQMQ
HARKLIESRPFLDRVPDQSLVVENNSPASERIQATRGKDYAFIYSAAGKSFTVNLGKISGTQLNAYWFDPRNGKVEDISK
IDNKGTYKFTPPRSGYGQDWVLILDDASKNFLKP
;
_entity_poly.pdbx_strand_id   A,B,C,D
#
# COMPACT_ATOMS: atom_id res chain seq x y z
N THR A 2 9.44 -22.23 -38.78
CA THR A 2 10.50 -21.50 -38.11
C THR A 2 11.17 -22.35 -37.02
N TYR A 3 10.35 -23.00 -36.20
CA TYR A 3 10.82 -23.71 -35.02
C TYR A 3 10.67 -25.20 -35.24
N THR A 4 11.80 -25.92 -35.16
CA THR A 4 11.82 -27.36 -35.26
C THR A 4 12.62 -27.92 -34.08
N VAL A 5 12.52 -29.23 -33.89
CA VAL A 5 13.32 -29.93 -32.91
C VAL A 5 14.69 -30.21 -33.50
N SER A 6 15.73 -30.11 -32.68
CA SER A 6 17.08 -30.43 -33.12
C SER A 6 17.17 -31.89 -33.55
N GLU A 7 18.21 -32.20 -34.33
CA GLU A 7 18.39 -33.57 -34.82
C GLU A 7 18.63 -34.53 -33.66
N ASN A 8 19.37 -34.10 -32.64
CA ASN A 8 19.54 -34.93 -31.46
C ASN A 8 18.30 -34.95 -30.57
N LYS A 9 17.26 -34.22 -30.96
CA LYS A 9 15.95 -34.24 -30.29
C LYS A 9 16.04 -33.77 -28.84
N ARG A 10 17.01 -32.92 -28.53
CA ARG A 10 17.14 -32.36 -27.19
C ARG A 10 16.98 -30.84 -27.16
N PHE A 11 17.03 -30.16 -28.30
CA PHE A 11 16.98 -28.71 -28.34
C PHE A 11 16.08 -28.25 -29.48
N LEU A 12 15.78 -26.96 -29.50
CA LEU A 12 14.98 -26.35 -30.54
C LEU A 12 15.85 -25.50 -31.47
N LEU A 13 15.37 -25.32 -32.69
CA LEU A 13 16.06 -24.55 -33.70
C LEU A 13 15.17 -23.44 -34.23
N LYS A 14 15.78 -22.35 -34.68
CA LYS A 14 15.09 -21.23 -35.31
C LYS A 14 15.68 -21.05 -36.70
N ASP A 15 14.96 -21.55 -37.71
CA ASP A 15 15.43 -21.57 -39.10
C ASP A 15 16.74 -22.36 -39.20
N GLY A 16 16.76 -23.53 -38.58
CA GLY A 16 17.91 -24.40 -38.61
C GLY A 16 19.02 -24.06 -37.62
N LYS A 17 19.03 -22.86 -37.09
CA LYS A 17 20.09 -22.54 -36.15
C LYS A 17 19.62 -22.70 -34.71
N PRO A 18 20.57 -23.10 -33.84
CA PRO A 18 20.25 -23.25 -32.43
C PRO A 18 19.53 -22.05 -31.84
N PHE A 19 18.34 -22.26 -31.28
CA PHE A 19 17.53 -21.20 -30.71
C PHE A 19 17.51 -21.36 -29.20
N PHE A 20 17.94 -20.33 -28.47
CA PHE A 20 17.87 -20.33 -27.02
C PHE A 20 16.52 -19.77 -26.59
N TRP A 21 15.67 -20.63 -26.06
CA TRP A 21 14.44 -20.22 -25.43
C TRP A 21 14.76 -19.47 -24.13
N LEU A 22 14.47 -18.17 -24.10
CA LEU A 22 14.49 -17.38 -22.87
C LEU A 22 13.17 -16.67 -22.76
N GLY A 23 12.31 -17.14 -21.87
CA GLY A 23 10.93 -16.69 -21.80
C GLY A 23 10.67 -15.76 -20.63
N ASP A 24 9.79 -14.78 -20.86
CA ASP A 24 9.11 -14.05 -19.81
C ASP A 24 7.63 -14.43 -19.82
N THR A 25 7.03 -14.54 -18.64
CA THR A 25 5.64 -14.96 -18.51
C THR A 25 4.75 -13.74 -18.48
N ALA A 26 3.96 -13.56 -19.55
CA ALA A 26 3.09 -12.40 -19.68
C ALA A 26 1.66 -12.84 -20.03
N TRP A 27 1.08 -13.67 -19.15
CA TRP A 27 -0.21 -14.32 -19.46
C TRP A 27 -1.25 -13.31 -19.96
N GLU A 28 -1.44 -12.22 -19.23
CA GLU A 28 -2.50 -11.26 -19.52
C GLU A 28 -2.07 -10.18 -20.51
N LEU A 29 -1.07 -10.46 -21.36
CA LEU A 29 -0.57 -9.44 -22.29
C LEU A 29 -1.66 -8.95 -23.22
N PHE A 30 -2.26 -9.87 -23.99
CA PHE A 30 -3.32 -9.48 -24.91
C PHE A 30 -4.52 -8.89 -24.17
N HIS A 31 -4.74 -9.31 -22.92
CA HIS A 31 -5.94 -8.92 -22.18
C HIS A 31 -5.81 -7.52 -21.61
N ARG A 32 -4.62 -7.12 -21.13
CA ARG A 32 -4.52 -5.95 -20.27
C ARG A 32 -3.53 -4.88 -20.73
N LEU A 33 -2.85 -5.05 -21.85
CA LEU A 33 -1.89 -4.07 -22.34
C LEU A 33 -2.35 -3.50 -23.67
N ASP A 34 -2.59 -2.19 -23.71
CA ASP A 34 -2.91 -1.53 -24.97
C ASP A 34 -1.66 -1.42 -25.84
N ARG A 35 -1.82 -0.80 -27.02
CA ARG A 35 -0.74 -0.77 -27.99
C ARG A 35 0.49 -0.06 -27.46
N GLU A 36 0.30 1.06 -26.75
CA GLU A 36 1.44 1.78 -26.20
C GLU A 36 2.09 0.99 -25.08
N ASP A 37 1.29 0.37 -24.21
CA ASP A 37 1.83 -0.45 -23.14
C ASP A 37 2.61 -1.64 -23.71
N ALA A 38 2.03 -2.33 -24.69
CA ALA A 38 2.67 -3.53 -25.23
C ALA A 38 3.99 -3.21 -25.91
N ASP A 39 4.04 -2.11 -26.66
CA ASP A 39 5.31 -1.67 -27.23
C ASP A 39 6.34 -1.41 -26.13
N TYR A 40 5.89 -0.79 -25.04
CA TYR A 40 6.78 -0.50 -23.91
C TYR A 40 7.31 -1.78 -23.29
N TYR A 41 6.43 -2.75 -23.03
CA TYR A 41 6.86 -4.00 -22.42
C TYR A 41 7.77 -4.81 -23.34
N LEU A 42 7.46 -4.82 -24.64
CA LEU A 42 8.23 -5.65 -25.56
C LEU A 42 9.60 -5.04 -25.85
N LYS A 43 9.69 -3.71 -25.96
CA LYS A 43 10.97 -3.07 -26.24
C LYS A 43 11.93 -3.26 -25.06
N LYS A 44 11.41 -3.23 -23.83
CA LYS A 44 12.27 -3.43 -22.67
C LYS A 44 12.75 -4.87 -22.58
N ARG A 45 11.83 -5.84 -22.75
CA ARG A 45 12.21 -7.24 -22.60
C ARG A 45 13.20 -7.66 -23.69
N ALA A 46 13.13 -7.04 -24.87
CA ALA A 46 14.11 -7.32 -25.91
C ALA A 46 15.49 -6.82 -25.52
N ALA A 47 15.56 -5.64 -24.90
CA ALA A 47 16.84 -5.14 -24.41
C ALA A 47 17.46 -6.08 -23.38
N GLN A 48 16.62 -6.77 -22.60
CA GLN A 48 17.09 -7.70 -21.58
C GLN A 48 17.36 -9.09 -22.14
N LYS A 49 17.42 -9.23 -23.46
CA LYS A 49 17.86 -10.44 -24.15
C LYS A 49 16.89 -11.61 -24.05
N TYR A 50 15.61 -11.34 -23.80
CA TYR A 50 14.62 -12.40 -23.85
C TYR A 50 14.29 -12.76 -25.29
N THR A 51 13.77 -13.97 -25.49
CA THR A 51 13.38 -14.42 -26.83
C THR A 51 11.96 -14.94 -26.92
N VAL A 52 11.35 -15.37 -25.81
CA VAL A 52 10.01 -15.93 -25.81
C VAL A 52 9.13 -15.11 -24.87
N ILE A 53 7.89 -14.87 -25.28
CA ILE A 53 6.90 -14.20 -24.46
C ILE A 53 5.67 -15.10 -24.43
N GLN A 54 5.42 -15.73 -23.29
CA GLN A 54 4.24 -16.57 -23.14
C GLN A 54 3.04 -15.69 -22.79
N ALA A 55 1.97 -15.80 -23.58
CA ALA A 55 0.79 -14.96 -23.42
C ALA A 55 -0.44 -15.78 -23.83
N VAL A 56 -1.58 -15.40 -23.26
CA VAL A 56 -2.81 -16.18 -23.35
C VAL A 56 -3.85 -15.40 -24.15
N ALA A 57 -4.44 -16.05 -25.15
CA ALA A 57 -5.48 -15.40 -25.95
C ALA A 57 -6.78 -15.26 -25.17
N LEU A 58 -7.20 -16.31 -24.48
CA LEU A 58 -8.40 -16.30 -23.63
C LEU A 58 -7.93 -16.30 -22.19
N ALA A 59 -7.62 -15.10 -21.68
CA ALA A 59 -6.86 -14.92 -20.45
C ALA A 59 -7.62 -15.45 -19.23
N GLU A 60 -6.88 -15.54 -18.11
CA GLU A 60 -7.40 -16.16 -16.89
C GLU A 60 -8.32 -15.22 -16.13
N PHE A 61 -8.04 -13.91 -16.14
CA PHE A 61 -8.77 -12.94 -15.34
C PHE A 61 -10.10 -12.61 -16.02
N ASP A 62 -11.04 -13.55 -15.91
CA ASP A 62 -12.37 -13.40 -16.51
C ASP A 62 -12.24 -13.02 -17.99
N GLY A 63 -11.43 -13.80 -18.71
CA GLY A 63 -10.94 -13.38 -20.01
C GLY A 63 -12.04 -13.23 -21.05
N LEU A 64 -13.15 -13.92 -20.87
CA LEU A 64 -14.21 -13.87 -21.87
C LEU A 64 -15.13 -12.67 -21.66
N ASN A 65 -15.39 -12.31 -20.40
CA ASN A 65 -16.41 -11.33 -20.08
C ASN A 65 -15.87 -9.95 -19.70
N VAL A 66 -14.57 -9.84 -19.48
CA VAL A 66 -13.94 -8.54 -19.24
C VAL A 66 -13.13 -8.20 -20.50
N PRO A 67 -13.50 -7.16 -21.24
CA PRO A 67 -12.87 -6.91 -22.54
C PRO A 67 -11.44 -6.41 -22.38
N ASN A 68 -10.73 -6.44 -23.52
CA ASN A 68 -9.35 -5.97 -23.62
C ASN A 68 -9.34 -4.45 -23.51
N PRO A 69 -8.18 -3.77 -23.49
CA PRO A 69 -8.20 -2.32 -23.24
C PRO A 69 -9.00 -1.51 -24.25
N TYR A 70 -9.33 -2.08 -25.41
CA TYR A 70 -10.11 -1.37 -26.42
C TYR A 70 -11.57 -1.79 -26.44
N GLY A 71 -12.05 -2.41 -25.36
CA GLY A 71 -13.46 -2.70 -25.18
C GLY A 71 -13.97 -3.96 -25.86
N ASP A 72 -13.11 -4.76 -26.47
CA ASP A 72 -13.53 -5.92 -27.24
C ASP A 72 -13.28 -7.20 -26.44
N LYS A 73 -14.28 -8.09 -26.43
CA LYS A 73 -14.19 -9.43 -25.89
C LYS A 73 -13.76 -10.40 -26.99
N PRO A 74 -13.16 -11.55 -26.63
CA PRO A 74 -12.54 -12.39 -27.66
C PRO A 74 -13.50 -13.32 -28.41
N LEU A 75 -14.55 -13.81 -27.76
CA LEU A 75 -15.44 -14.79 -28.37
C LEU A 75 -16.85 -14.22 -28.47
N LEU A 76 -17.31 -13.98 -29.70
CA LEU A 76 -18.70 -13.63 -29.94
C LEU A 76 -19.62 -14.63 -29.27
N ASN A 77 -20.53 -14.13 -28.43
CA ASN A 77 -21.44 -14.96 -27.65
C ASN A 77 -20.71 -15.98 -26.78
N ASN A 78 -19.44 -15.68 -26.44
CA ASN A 78 -18.58 -16.60 -25.70
C ASN A 78 -18.48 -17.97 -26.38
N ASP A 79 -18.69 -17.99 -27.70
CA ASP A 79 -18.72 -19.23 -28.46
C ASP A 79 -17.37 -19.42 -29.13
N PRO A 80 -16.61 -20.46 -28.77
CA PRO A 80 -15.29 -20.65 -29.39
C PRO A 80 -15.33 -20.83 -30.90
N THR A 81 -16.45 -21.29 -31.46
CA THR A 81 -16.56 -21.42 -32.91
C THR A 81 -16.62 -20.08 -33.62
N THR A 82 -16.85 -18.98 -32.89
CA THR A 82 -17.01 -17.65 -33.49
C THR A 82 -16.16 -16.65 -32.72
N PRO A 83 -14.85 -16.64 -32.95
CA PRO A 83 -14.00 -15.63 -32.29
C PRO A 83 -14.30 -14.24 -32.80
N ASN A 84 -14.09 -13.25 -31.94
CA ASN A 84 -14.35 -11.86 -32.27
C ASN A 84 -13.11 -11.28 -32.95
N ASP A 85 -13.25 -10.96 -34.24
CA ASP A 85 -12.12 -10.47 -35.02
C ASP A 85 -11.62 -9.13 -34.48
N ALA A 86 -12.50 -8.35 -33.85
CA ALA A 86 -12.08 -7.07 -33.28
C ALA A 86 -11.07 -7.26 -32.17
N TYR A 87 -11.29 -8.24 -31.30
CA TYR A 87 -10.35 -8.54 -30.22
C TYR A 87 -9.02 -9.04 -30.78
N PHE A 88 -9.07 -9.96 -31.74
CA PHE A 88 -7.84 -10.57 -32.25
C PHE A 88 -7.06 -9.64 -33.16
N LYS A 89 -7.63 -8.50 -33.56
CA LYS A 89 -6.84 -7.49 -34.26
C LYS A 89 -5.77 -6.92 -33.33
N HIS A 90 -6.08 -6.80 -32.04
CA HIS A 90 -5.08 -6.41 -31.06
C HIS A 90 -4.06 -7.53 -30.85
N VAL A 91 -4.52 -8.79 -30.90
CA VAL A 91 -3.60 -9.92 -30.84
C VAL A 91 -2.65 -9.91 -32.03
N ASP A 92 -3.16 -9.57 -33.21
CA ASP A 92 -2.30 -9.41 -34.38
C ASP A 92 -1.24 -8.34 -34.12
N PHE A 93 -1.65 -7.20 -33.55
CA PHE A 93 -0.73 -6.10 -33.33
C PHE A 93 0.42 -6.51 -32.42
N ILE A 94 0.10 -7.19 -31.32
CA ILE A 94 1.14 -7.53 -30.34
C ILE A 94 2.04 -8.63 -30.88
N ILE A 95 1.50 -9.57 -31.65
CA ILE A 95 2.33 -10.59 -32.29
C ILE A 95 3.31 -9.93 -33.25
N ASP A 96 2.81 -9.02 -34.10
CA ASP A 96 3.67 -8.36 -35.08
C ASP A 96 4.66 -7.41 -34.41
N LYS A 97 4.27 -6.79 -33.30
CA LYS A 97 5.21 -5.94 -32.58
C LYS A 97 6.34 -6.77 -31.99
N ALA A 98 6.02 -7.91 -31.38
CA ALA A 98 7.08 -8.78 -30.83
C ALA A 98 8.02 -9.26 -31.91
N ALA A 99 7.51 -9.50 -33.12
CA ALA A 99 8.38 -9.92 -34.22
C ALA A 99 9.37 -8.83 -34.58
N GLU A 100 8.96 -7.55 -34.49
CA GLU A 100 9.86 -6.44 -34.78
C GLU A 100 11.04 -6.42 -33.82
N TYR A 101 10.82 -6.84 -32.58
CA TYR A 101 11.86 -6.89 -31.56
C TYR A 101 12.56 -8.23 -31.51
N GLY A 102 12.37 -9.09 -32.51
CA GLY A 102 12.96 -10.41 -32.52
C GLY A 102 12.42 -11.34 -31.46
N LEU A 103 11.20 -11.13 -31.00
CA LEU A 103 10.62 -11.89 -29.90
C LEU A 103 9.63 -12.91 -30.43
N THR A 104 9.73 -14.14 -29.93
CA THR A 104 8.83 -15.22 -30.28
C THR A 104 7.71 -15.29 -29.25
N ILE A 105 6.47 -15.40 -29.71
CA ILE A 105 5.32 -15.47 -28.82
C ILE A 105 5.02 -16.93 -28.51
N GLY A 106 5.09 -17.28 -27.24
CA GLY A 106 4.55 -18.55 -26.77
C GLY A 106 3.06 -18.42 -26.62
N PHE A 107 2.32 -18.81 -27.65
CA PHE A 107 0.91 -18.48 -27.79
C PHE A 107 0.04 -19.53 -27.12
N LEU A 108 -0.71 -19.12 -26.09
CA LEU A 108 -1.68 -20.00 -25.46
C LEU A 108 -3.05 -19.68 -26.01
N PRO A 109 -3.64 -20.56 -26.83
CA PRO A 109 -4.99 -20.30 -27.34
C PRO A 109 -6.00 -19.98 -26.28
N THR A 110 -5.84 -20.54 -25.08
CA THR A 110 -6.83 -20.37 -24.02
C THR A 110 -6.24 -20.82 -22.70
N TRP A 111 -6.63 -20.13 -21.63
CA TRP A 111 -6.34 -20.61 -20.29
C TRP A 111 -7.20 -21.84 -19.97
N GLY A 112 -6.74 -22.62 -18.99
CA GLY A 112 -7.38 -23.88 -18.69
C GLY A 112 -8.76 -23.75 -18.09
N ASP A 113 -9.08 -22.60 -17.48
CA ASP A 113 -10.37 -22.42 -16.82
C ASP A 113 -11.52 -22.32 -17.83
N LYS A 114 -11.23 -22.13 -19.11
CA LYS A 114 -12.27 -22.19 -20.13
C LYS A 114 -12.67 -23.63 -20.47
N LEU A 115 -11.96 -24.61 -19.92
CA LEU A 115 -12.31 -26.01 -20.00
C LEU A 115 -12.69 -26.58 -18.64
N ASN A 116 -11.88 -26.33 -17.62
CA ASN A 116 -12.11 -26.79 -16.26
C ASN A 116 -11.91 -25.60 -15.33
N LYS A 117 -13.03 -25.05 -14.84
CA LYS A 117 -12.96 -23.92 -13.91
C LYS A 117 -12.21 -24.30 -12.65
N SER A 118 -12.50 -25.47 -12.10
CA SER A 118 -12.04 -25.90 -10.78
C SER A 118 -12.59 -24.96 -9.71
N THR A 119 -12.04 -25.03 -8.51
CA THR A 119 -12.63 -24.30 -7.39
C THR A 119 -12.37 -22.80 -7.46
N TRP A 120 -11.37 -22.36 -8.23
CA TRP A 120 -10.96 -20.97 -8.22
C TRP A 120 -11.13 -20.26 -9.57
N GLY A 121 -11.45 -20.97 -10.64
CA GLY A 121 -11.46 -20.37 -11.96
C GLY A 121 -12.72 -19.57 -12.22
N LYS A 122 -12.57 -18.51 -13.02
CA LYS A 122 -13.70 -17.69 -13.42
C LYS A 122 -14.43 -18.24 -14.63
N GLY A 123 -13.71 -18.87 -15.56
CA GLY A 123 -14.30 -19.42 -16.75
C GLY A 123 -14.95 -18.35 -17.61
N PRO A 124 -16.17 -18.60 -18.09
CA PRO A 124 -16.96 -19.83 -17.92
C PRO A 124 -16.45 -20.96 -18.80
N GLU A 125 -16.81 -22.21 -18.53
CA GLU A 125 -16.34 -23.33 -19.32
C GLU A 125 -17.05 -23.36 -20.66
N VAL A 126 -16.29 -23.28 -21.74
CA VAL A 126 -16.87 -23.20 -23.09
C VAL A 126 -16.41 -24.31 -24.01
N PHE A 127 -15.33 -25.02 -23.71
CA PHE A 127 -14.73 -25.93 -24.67
C PHE A 127 -15.24 -27.36 -24.53
N ASN A 128 -15.50 -28.00 -25.67
CA ASN A 128 -15.72 -29.44 -25.75
C ASN A 128 -14.81 -30.00 -26.83
N THR A 129 -14.95 -31.29 -27.16
CA THR A 129 -14.09 -31.86 -28.20
C THR A 129 -14.45 -31.36 -29.58
N ASN A 130 -15.63 -30.77 -29.76
CA ASN A 130 -16.05 -30.29 -31.07
C ASN A 130 -15.54 -28.89 -31.38
N ASN A 131 -15.77 -27.92 -30.48
CA ASN A 131 -15.38 -26.55 -30.79
C ASN A 131 -13.92 -26.26 -30.52
N ALA A 132 -13.24 -27.11 -29.74
CA ALA A 132 -11.80 -26.92 -29.54
C ALA A 132 -11.05 -27.01 -30.86
N ARG A 133 -11.36 -28.04 -31.65
CA ARG A 133 -10.75 -28.18 -32.97
C ARG A 133 -11.09 -27.00 -33.86
N ILE A 134 -12.36 -26.63 -33.93
CA ILE A 134 -12.77 -25.48 -34.74
C ILE A 134 -12.05 -24.22 -34.25
N TYR A 135 -11.96 -24.04 -32.94
CA TYR A 135 -11.22 -22.90 -32.39
C TYR A 135 -9.75 -22.96 -32.79
N GLY A 136 -9.11 -24.12 -32.58
CA GLY A 136 -7.72 -24.27 -32.94
C GLY A 136 -7.45 -24.03 -34.41
N LYS A 137 -8.40 -24.40 -35.28
CA LYS A 137 -8.23 -24.16 -36.71
C LYS A 137 -8.33 -22.68 -37.03
N TRP A 138 -9.28 -21.98 -36.40
CA TRP A 138 -9.45 -20.56 -36.67
C TRP A 138 -8.21 -19.77 -36.26
N LEU A 139 -7.56 -20.17 -35.17
CA LEU A 139 -6.31 -19.52 -34.78
C LEU A 139 -5.19 -19.90 -35.72
N ALA A 140 -5.05 -21.19 -36.02
CA ALA A 140 -3.97 -21.65 -36.88
C ALA A 140 -4.10 -21.06 -38.28
N ASN A 141 -5.32 -20.93 -38.79
CA ASN A 141 -5.51 -20.35 -40.11
C ASN A 141 -5.19 -18.86 -40.10
N ARG A 142 -5.44 -18.18 -38.98
CA ARG A 142 -5.17 -16.75 -38.91
C ARG A 142 -3.68 -16.45 -38.84
N TYR A 143 -2.89 -17.33 -38.22
CA TYR A 143 -1.49 -17.07 -37.95
C TYR A 143 -0.55 -18.06 -38.64
N LYS A 144 -1.04 -18.81 -39.62
CA LYS A 144 -0.22 -19.83 -40.26
C LYS A 144 0.99 -19.25 -40.99
N ASN A 145 0.97 -17.94 -41.27
CA ASN A 145 2.09 -17.31 -41.96
C ASN A 145 2.99 -16.51 -41.02
N LYS A 146 2.56 -16.28 -39.78
CA LYS A 146 3.46 -15.69 -38.80
C LYS A 146 4.64 -16.62 -38.55
N LYS A 147 5.81 -16.03 -38.32
CA LYS A 147 7.03 -16.81 -38.16
C LYS A 147 7.57 -16.79 -36.74
N ASN A 148 6.90 -16.10 -35.81
CA ASN A 148 7.38 -15.96 -34.44
C ASN A 148 6.36 -16.52 -33.45
N ILE A 149 5.72 -17.63 -33.79
CA ILE A 149 4.70 -18.23 -32.94
C ILE A 149 5.10 -19.66 -32.59
N ILE A 150 5.12 -19.96 -31.30
CA ILE A 150 5.21 -21.32 -30.78
C ILE A 150 3.94 -21.59 -29.99
N TRP A 151 3.24 -22.67 -30.32
CA TRP A 151 1.93 -22.94 -29.74
C TRP A 151 2.06 -23.61 -28.38
N ILE A 152 1.18 -23.22 -27.46
CA ILE A 152 1.22 -23.71 -26.09
C ILE A 152 -0.21 -24.05 -25.66
N LEU A 153 -0.59 -25.32 -25.76
CA LEU A 153 -1.91 -25.72 -25.27
C LEU A 153 -1.94 -25.76 -23.74
N GLY A 154 -3.14 -25.91 -23.18
CA GLY A 154 -3.29 -25.99 -21.74
C GLY A 154 -3.38 -24.62 -21.09
N GLY A 155 -3.17 -24.62 -19.78
CA GLY A 155 -3.19 -23.40 -18.99
C GLY A 155 -3.52 -23.64 -17.53
N ASP A 156 -2.60 -24.28 -16.82
CA ASP A 156 -2.70 -24.44 -15.36
C ASP A 156 -3.90 -25.30 -14.96
N ARG A 157 -4.18 -26.36 -15.72
CA ARG A 157 -5.24 -27.29 -15.39
C ARG A 157 -4.81 -28.71 -15.73
N THR A 158 -4.71 -29.55 -14.71
CA THR A 158 -4.44 -30.96 -14.94
C THR A 158 -5.66 -31.61 -15.58
N PRO A 159 -5.49 -32.34 -16.69
CA PRO A 159 -6.62 -33.06 -17.29
C PRO A 159 -7.34 -33.94 -16.28
N ARG A 160 -8.63 -33.69 -16.08
CA ARG A 160 -9.40 -34.42 -15.09
C ARG A 160 -9.45 -35.90 -15.46
N PRO A 161 -9.21 -36.81 -14.51
CA PRO A 161 -9.35 -38.23 -14.81
C PRO A 161 -10.77 -38.59 -15.21
N ASN A 162 -10.89 -39.56 -16.12
CA ASN A 162 -12.18 -40.07 -16.59
C ASN A 162 -13.02 -38.97 -17.23
N SER A 163 -12.38 -38.04 -17.92
CA SER A 163 -13.07 -36.91 -18.55
C SER A 163 -12.62 -36.80 -20.00
N ASP A 164 -13.22 -35.84 -20.71
CA ASP A 164 -12.85 -35.54 -22.09
C ASP A 164 -11.72 -34.53 -22.18
N ASP A 165 -11.09 -34.17 -21.06
CA ASP A 165 -10.10 -33.11 -21.06
C ASP A 165 -8.95 -33.40 -22.01
N VAL A 166 -8.35 -34.59 -21.89
CA VAL A 166 -7.29 -34.99 -22.81
C VAL A 166 -7.78 -34.95 -24.26
N LYS A 167 -9.00 -35.44 -24.50
CA LYS A 167 -9.56 -35.41 -25.85
C LYS A 167 -9.71 -33.97 -26.36
N VAL A 168 -10.15 -33.06 -25.51
CA VAL A 168 -10.33 -31.67 -25.92
C VAL A 168 -9.00 -31.07 -26.37
N TRP A 169 -7.94 -31.30 -25.61
CA TRP A 169 -6.64 -30.75 -25.99
C TRP A 169 -6.12 -31.42 -27.26
N ARG A 170 -6.35 -32.73 -27.40
CA ARG A 170 -5.93 -33.41 -28.63
C ARG A 170 -6.75 -32.94 -29.82
N ALA A 171 -8.04 -32.68 -29.63
CA ALA A 171 -8.85 -32.08 -30.68
C ALA A 171 -8.39 -30.67 -31.02
N MET A 172 -7.94 -29.90 -30.03
CA MET A 172 -7.43 -28.57 -30.32
C MET A 172 -6.09 -28.62 -31.04
N ALA A 173 -5.25 -29.61 -30.71
CA ALA A 173 -3.99 -29.77 -31.42
C ALA A 173 -4.23 -30.07 -32.90
N ALA A 174 -5.14 -31.01 -33.19
CA ALA A 174 -5.67 -31.12 -34.54
C ALA A 174 -6.45 -29.85 -34.85
N GLY A 175 -6.51 -29.51 -36.12
CA GLY A 175 -7.11 -28.22 -36.44
C GLY A 175 -6.10 -27.09 -36.36
N ILE A 176 -5.32 -27.06 -35.28
CA ILE A 176 -4.08 -26.29 -35.30
C ILE A 176 -3.15 -26.85 -36.37
N VAL A 177 -2.88 -28.16 -36.29
CA VAL A 177 -2.04 -28.82 -37.29
C VAL A 177 -2.70 -28.74 -38.66
N GLU A 178 -4.03 -28.85 -38.70
CA GLU A 178 -4.75 -28.67 -39.95
C GLU A 178 -4.69 -27.23 -40.44
N GLY A 179 -4.89 -26.27 -39.51
CA GLY A 179 -4.89 -24.87 -39.92
C GLY A 179 -3.58 -24.43 -40.53
N VAL A 180 -2.46 -24.80 -39.89
CA VAL A 180 -1.15 -24.45 -40.44
C VAL A 180 -0.74 -25.38 -41.58
N GLY A 181 -1.33 -26.56 -41.68
CA GLY A 181 -1.07 -27.44 -42.79
C GLY A 181 0.06 -28.43 -42.58
N GLY A 182 0.10 -29.08 -41.43
CA GLY A 182 1.06 -30.14 -41.17
C GLY A 182 1.69 -30.07 -39.80
N ASN A 183 2.01 -31.25 -39.25
CA ASN A 183 2.73 -31.32 -37.98
C ASN A 183 4.06 -30.58 -38.04
N ASP A 184 4.64 -30.46 -39.23
CA ASP A 184 5.91 -29.79 -39.41
C ASP A 184 5.77 -28.28 -39.41
N LYS A 185 4.57 -27.75 -39.60
CA LYS A 185 4.34 -26.31 -39.69
C LYS A 185 3.96 -25.68 -38.36
N ALA A 186 4.07 -26.43 -37.25
CA ALA A 186 3.78 -25.88 -35.94
C ALA A 186 4.56 -26.63 -34.89
N LEU A 187 5.11 -25.90 -33.93
CA LEU A 187 5.69 -26.46 -32.72
C LEU A 187 4.67 -26.29 -31.60
N ILE A 188 4.39 -27.37 -30.88
CA ILE A 188 3.29 -27.41 -29.92
C ILE A 188 3.75 -28.11 -28.65
N THR A 189 3.35 -27.57 -27.51
CA THR A 189 3.58 -28.21 -26.21
C THR A 189 2.32 -28.03 -25.37
N PHE A 190 2.42 -28.35 -24.09
CA PHE A 190 1.30 -28.25 -23.17
C PHE A 190 1.78 -27.68 -21.84
N HIS A 191 1.07 -26.67 -21.32
CA HIS A 191 1.39 -26.13 -20.01
C HIS A 191 0.61 -26.87 -18.94
N PRO A 192 1.26 -27.49 -17.97
CA PRO A 192 0.54 -28.27 -16.98
C PRO A 192 0.52 -27.62 -15.60
N GLN A 193 -0.26 -28.19 -14.68
CA GLN A 193 -0.09 -27.93 -13.27
C GLN A 193 1.12 -28.71 -12.77
N PRO A 194 1.60 -28.43 -11.56
CA PRO A 194 2.74 -29.19 -11.04
C PRO A 194 2.44 -30.68 -10.96
N ASN A 195 3.35 -31.49 -11.50
CA ASN A 195 3.30 -32.94 -11.37
C ASN A 195 4.72 -33.47 -11.59
N LYS A 196 4.86 -34.80 -11.57
CA LYS A 196 6.18 -35.41 -11.63
C LYS A 196 6.63 -35.70 -13.06
N GLU A 197 5.73 -35.78 -14.02
CA GLU A 197 6.09 -36.08 -15.40
C GLU A 197 5.93 -34.89 -16.34
N GLY A 198 5.36 -33.78 -15.87
CA GLY A 198 5.14 -32.67 -16.77
C GLY A 198 3.95 -32.96 -17.67
N ALA A 199 3.90 -32.22 -18.78
CA ALA A 199 2.88 -32.46 -19.78
C ALA A 199 2.99 -33.85 -20.39
N SER A 200 4.18 -34.46 -20.31
CA SER A 200 4.39 -35.78 -20.90
C SER A 200 3.54 -36.85 -20.25
N GLN A 201 2.93 -36.56 -19.10
CA GLN A 201 2.09 -37.54 -18.42
C GLN A 201 0.93 -37.99 -19.31
N TRP A 202 0.47 -37.12 -20.20
CA TRP A 202 -0.65 -37.45 -21.08
C TRP A 202 -0.31 -37.45 -22.55
N PHE A 203 0.70 -36.68 -22.98
CA PHE A 203 0.86 -36.38 -24.40
C PHE A 203 2.23 -36.77 -24.94
N HIS A 204 3.06 -37.49 -24.19
CA HIS A 204 4.44 -37.71 -24.61
C HIS A 204 4.51 -38.42 -25.96
N ALA A 205 3.71 -39.46 -26.15
CA ALA A 205 3.72 -40.21 -27.39
C ALA A 205 2.89 -39.54 -28.50
N ASP A 206 2.19 -38.45 -28.19
CA ASP A 206 1.40 -37.76 -29.21
C ASP A 206 2.32 -37.19 -30.28
N GLU A 207 1.98 -37.48 -31.54
CA GLU A 207 2.79 -37.03 -32.67
C GLU A 207 2.85 -35.51 -32.74
N TRP A 208 1.79 -34.83 -32.32
CA TRP A 208 1.78 -33.37 -32.35
C TRP A 208 2.56 -32.75 -31.20
N PHE A 209 2.77 -33.50 -30.12
CA PHE A 209 3.47 -33.02 -28.94
C PHE A 209 4.95 -32.93 -29.24
N ASP A 210 5.47 -31.71 -29.42
CA ASP A 210 6.85 -31.54 -29.88
C ASP A 210 7.85 -31.54 -28.74
N PHE A 211 7.52 -30.95 -27.59
CA PHE A 211 8.47 -30.92 -26.48
C PHE A 211 7.70 -30.82 -25.17
N ASN A 212 8.22 -31.48 -24.14
CA ASN A 212 7.57 -31.47 -22.84
C ASN A 212 7.80 -30.16 -22.12
N MET A 213 6.83 -29.78 -21.31
CA MET A 213 6.93 -28.58 -20.48
C MET A 213 6.49 -28.93 -19.07
N PHE A 214 7.17 -28.32 -18.08
CA PHE A 214 6.86 -28.48 -16.68
C PHE A 214 6.31 -27.18 -16.10
N GLN A 215 5.69 -27.31 -14.93
CA GLN A 215 5.53 -26.21 -13.99
C GLN A 215 6.18 -26.71 -12.70
N ASN A 216 7.47 -26.46 -12.57
CA ASN A 216 8.18 -26.69 -11.32
C ASN A 216 8.06 -25.43 -10.48
N GLY A 217 7.66 -25.59 -9.22
CA GLY A 217 7.40 -24.46 -8.36
C GLY A 217 5.99 -24.50 -7.81
N HIS A 218 5.67 -23.48 -7.01
CA HIS A 218 6.44 -22.28 -6.69
C HIS A 218 7.08 -22.36 -5.30
N CYS A 219 7.77 -23.45 -5.00
CA CYS A 219 8.28 -23.70 -3.66
C CYS A 219 9.80 -23.51 -3.62
N ARG A 220 10.34 -23.55 -2.41
CA ARG A 220 11.77 -23.46 -2.18
C ARG A 220 12.35 -24.85 -1.89
N ASP A 221 13.60 -25.04 -2.28
CA ASP A 221 14.32 -26.29 -2.02
C ASP A 221 13.58 -27.50 -2.57
N THR A 222 12.88 -27.33 -3.68
CA THR A 222 12.30 -28.57 -4.20
C THR A 222 13.22 -29.17 -5.25
N PRO A 223 13.33 -30.50 -5.30
CA PRO A 223 14.26 -31.13 -6.26
C PRO A 223 13.75 -31.08 -7.69
N ILE A 224 13.79 -29.90 -8.30
CA ILE A 224 13.28 -29.75 -9.66
C ILE A 224 14.13 -30.51 -10.68
N TYR A 225 15.39 -30.80 -10.36
CA TYR A 225 16.23 -31.56 -11.28
C TYR A 225 15.67 -32.94 -11.56
N ASP A 226 15.03 -33.56 -10.56
CA ASP A 226 14.39 -34.86 -10.78
C ASP A 226 13.28 -34.77 -11.82
N ASN A 227 12.57 -33.64 -11.85
CA ASN A 227 11.49 -33.48 -12.81
C ASN A 227 12.04 -33.39 -14.23
N ILE A 228 13.09 -32.59 -14.42
CA ILE A 228 13.74 -32.54 -15.73
C ILE A 228 14.33 -33.89 -16.09
N LYS A 229 15.08 -34.49 -15.16
CA LYS A 229 15.73 -35.78 -15.41
C LYS A 229 14.71 -36.84 -15.81
N GLY A 230 13.52 -36.82 -15.20
CA GLY A 230 12.52 -37.82 -15.51
C GLY A 230 12.07 -37.76 -16.96
N SER A 231 12.00 -36.56 -17.52
CA SER A 231 11.63 -36.42 -18.93
C SER A 231 12.82 -36.66 -19.85
N TYR A 232 14.03 -36.29 -19.41
CA TYR A 232 15.22 -36.47 -20.22
C TYR A 232 15.51 -37.95 -20.44
N ASP A 233 15.32 -38.77 -19.41
CA ASP A 233 15.66 -40.19 -19.46
C ASP A 233 14.55 -41.03 -20.08
N ARG A 234 13.56 -40.42 -20.71
CA ARG A 234 12.51 -41.17 -21.39
C ARG A 234 13.05 -41.79 -22.67
N ALA A 235 12.66 -43.03 -22.93
CA ALA A 235 13.14 -43.72 -24.13
C ALA A 235 12.68 -43.02 -25.39
N LEU A 236 11.49 -42.43 -25.37
CA LEU A 236 11.05 -41.55 -26.45
C LEU A 236 11.68 -40.18 -26.20
N VAL A 237 12.71 -39.86 -26.97
CA VAL A 237 13.50 -38.66 -26.73
C VAL A 237 12.75 -37.45 -27.28
N LYS A 238 12.51 -36.46 -26.42
CA LYS A 238 11.85 -35.21 -26.77
C LYS A 238 12.40 -34.13 -25.85
N PRO A 239 12.60 -32.91 -26.35
CA PRO A 239 13.15 -31.85 -25.49
C PRO A 239 12.21 -31.53 -24.33
N VAL A 240 12.75 -30.85 -23.32
CA VAL A 240 12.05 -30.57 -22.08
C VAL A 240 12.42 -29.18 -21.59
N ILE A 241 11.46 -28.50 -20.97
CA ILE A 241 11.68 -27.16 -20.43
C ILE A 241 10.73 -26.92 -19.26
N ASP A 242 11.13 -26.03 -18.36
CA ASP A 242 10.29 -25.56 -17.28
C ASP A 242 9.54 -24.33 -17.77
N GLY A 243 8.26 -24.50 -18.08
CA GLY A 243 7.44 -23.40 -18.55
C GLY A 243 6.90 -22.49 -17.48
N GLU A 244 7.17 -22.81 -16.21
CA GLU A 244 6.73 -21.98 -15.10
C GLU A 244 7.52 -22.34 -13.85
N PRO A 245 8.64 -21.67 -13.59
CA PRO A 245 9.36 -21.88 -12.33
C PRO A 245 8.75 -21.03 -11.23
N ILE A 246 9.43 -20.92 -10.08
CA ILE A 246 8.99 -19.95 -9.09
C ILE A 246 9.10 -18.56 -9.70
N TYR A 247 8.09 -17.74 -9.44
CA TYR A 247 8.08 -16.39 -9.98
C TYR A 247 8.78 -15.44 -9.00
N GLU A 248 9.43 -14.43 -9.55
CA GLU A 248 9.95 -13.36 -8.70
C GLU A 248 8.78 -12.60 -8.08
N ASP A 249 8.97 -12.16 -6.85
CA ASP A 249 7.95 -11.42 -6.10
C ASP A 249 6.66 -12.23 -5.94
N HIS A 250 6.78 -13.56 -5.89
CA HIS A 250 5.69 -14.51 -5.71
C HIS A 250 5.72 -15.08 -4.29
N PRO A 251 4.56 -15.32 -3.68
CA PRO A 251 4.56 -15.96 -2.35
C PRO A 251 5.20 -17.34 -2.41
N VAL A 252 6.14 -17.59 -1.49
CA VAL A 252 6.89 -18.83 -1.50
C VAL A 252 5.96 -19.99 -1.15
N CYS A 253 5.95 -21.02 -2.00
CA CYS A 253 5.10 -22.19 -1.83
C CYS A 253 3.64 -21.81 -1.63
N PHE A 254 3.23 -20.69 -2.24
CA PHE A 254 1.88 -20.15 -2.09
C PHE A 254 1.48 -20.01 -0.63
N ASN A 255 2.44 -19.56 0.20
CA ASN A 255 2.26 -19.43 1.64
C ASN A 255 3.08 -18.22 2.12
N ALA A 256 2.58 -17.01 1.83
CA ALA A 256 3.29 -15.81 2.22
C ALA A 256 3.27 -15.60 3.74
N THR A 257 2.22 -16.07 4.42
CA THR A 257 2.09 -15.84 5.85
C THR A 257 3.29 -16.41 6.61
N ASP A 258 3.60 -17.68 6.37
CA ASP A 258 4.70 -18.33 7.08
C ASP A 258 6.02 -18.26 6.34
N LEU A 259 5.99 -18.11 5.00
CA LEU A 259 7.20 -18.24 4.20
C LEU A 259 7.56 -16.99 3.41
N GLY A 260 6.71 -15.97 3.40
CA GLY A 260 7.04 -14.71 2.74
C GLY A 260 7.08 -14.76 1.23
N ILE A 261 8.05 -14.05 0.65
CA ILE A 261 8.08 -13.78 -0.78
C ILE A 261 9.41 -14.26 -1.35
N SER A 262 9.36 -14.69 -2.61
CA SER A 262 10.55 -15.19 -3.28
C SER A 262 11.58 -14.07 -3.48
N ASN A 263 12.76 -14.47 -3.92
CA ASN A 263 13.85 -13.53 -4.18
C ASN A 263 14.52 -13.91 -5.49
N ALA A 264 15.45 -13.06 -5.92
CA ALA A 264 16.17 -13.32 -7.17
C ALA A 264 17.01 -14.59 -7.09
N TYR A 265 17.55 -14.88 -5.91
CA TYR A 265 18.27 -16.14 -5.70
C TYR A 265 17.41 -17.34 -6.07
N ASP A 266 16.11 -17.26 -5.78
CA ASP A 266 15.20 -18.35 -6.13
C ASP A 266 15.10 -18.52 -7.63
N VAL A 267 14.85 -17.43 -8.36
CA VAL A 267 14.64 -17.55 -9.80
C VAL A 267 15.92 -18.00 -10.49
N ARG A 268 17.09 -17.68 -9.93
CA ARG A 268 18.35 -18.15 -10.49
C ARG A 268 18.55 -19.64 -10.23
N LYS A 269 18.20 -20.10 -9.02
CA LYS A 269 18.32 -21.52 -8.71
C LYS A 269 17.45 -22.35 -9.63
N TYR A 270 16.20 -21.94 -9.82
CA TYR A 270 15.32 -22.63 -10.77
C TYR A 270 15.91 -22.63 -12.17
N ALA A 271 16.41 -21.47 -12.62
CA ALA A 271 16.90 -21.34 -13.99
C ALA A 271 18.10 -22.25 -14.23
N TYR A 272 19.05 -22.27 -13.31
CA TYR A 272 20.27 -23.02 -13.55
C TYR A 272 20.08 -24.51 -13.30
N LEU A 273 19.25 -24.89 -12.33
CA LEU A 273 19.02 -26.30 -12.07
C LEU A 273 18.22 -26.94 -13.20
N ASN A 274 17.26 -26.21 -13.77
CA ASN A 274 16.52 -26.73 -14.92
C ASN A 274 17.43 -26.91 -16.12
N LEU A 275 18.22 -25.88 -16.44
CA LEU A 275 19.10 -25.93 -17.60
C LEU A 275 20.13 -27.04 -17.47
N PHE A 276 20.78 -27.12 -16.31
CA PHE A 276 21.88 -28.08 -16.14
C PHE A 276 21.37 -29.50 -16.01
N ALA A 277 20.09 -29.70 -15.72
CA ALA A 277 19.50 -31.03 -15.70
C ALA A 277 19.03 -31.49 -17.07
N GLY A 278 19.01 -30.61 -18.07
CA GLY A 278 18.73 -31.04 -19.43
C GLY A 278 17.84 -30.12 -20.24
N ALA A 279 17.27 -29.09 -19.62
CA ALA A 279 16.32 -28.24 -20.32
C ALA A 279 17.00 -27.44 -21.42
N PHE A 280 16.33 -27.36 -22.58
CA PHE A 280 16.88 -26.64 -23.73
C PHE A 280 16.85 -25.13 -23.55
N GLY A 281 16.04 -24.64 -22.63
CA GLY A 281 15.98 -23.22 -22.33
C GLY A 281 15.35 -23.03 -20.97
N HIS A 282 14.73 -21.87 -20.78
CA HIS A 282 14.07 -21.58 -19.51
C HIS A 282 13.15 -20.38 -19.70
N THR A 283 11.99 -20.43 -19.05
CA THR A 283 11.03 -19.33 -19.04
C THR A 283 11.08 -18.71 -17.66
N TYR A 284 11.35 -17.40 -17.60
CA TYR A 284 11.29 -16.65 -16.36
C TYR A 284 9.87 -16.12 -16.14
N GLY A 285 9.53 -15.90 -14.88
CA GLY A 285 8.21 -15.40 -14.54
C GLY A 285 8.28 -14.45 -13.36
N CYS A 286 7.39 -13.46 -13.38
CA CYS A 286 7.26 -12.48 -12.30
C CYS A 286 5.80 -12.35 -11.92
N HIS A 287 5.52 -12.50 -10.62
CA HIS A 287 4.15 -12.42 -10.13
C HIS A 287 3.46 -11.13 -10.55
N ASP A 288 4.21 -10.04 -10.69
CA ASP A 288 3.62 -8.77 -11.09
C ASP A 288 3.39 -8.70 -12.60
N ILE A 289 4.19 -9.42 -13.38
CA ILE A 289 4.17 -9.25 -14.83
C ILE A 289 3.03 -10.06 -15.46
N TRP A 290 2.99 -11.37 -15.18
CA TRP A 290 2.00 -12.23 -15.84
C TRP A 290 0.58 -11.69 -15.69
N GLN A 291 0.27 -11.09 -14.54
CA GLN A 291 -1.04 -10.50 -14.32
C GLN A 291 -1.07 -9.01 -14.63
N MET A 292 0.04 -8.43 -15.05
CA MET A 292 0.10 -7.04 -15.48
C MET A 292 -0.42 -6.11 -14.39
N TYR A 293 0.13 -6.28 -13.18
CA TYR A 293 -0.37 -5.62 -11.98
C TYR A 293 -0.50 -4.12 -12.18
N SER A 294 -1.71 -3.61 -11.90
CA SER A 294 -2.06 -2.22 -12.14
C SER A 294 -3.01 -1.75 -11.06
N PRO A 295 -2.98 -0.46 -10.72
CA PRO A 295 -3.92 0.05 -9.69
C PRO A 295 -5.38 0.01 -10.11
N PHE A 296 -5.67 -0.14 -11.40
CA PHE A 296 -7.03 0.00 -11.92
C PHE A 296 -7.63 -1.34 -12.35
N ARG A 297 -7.06 -2.45 -11.91
CA ARG A 297 -7.57 -3.77 -12.25
C ARG A 297 -7.40 -4.70 -11.06
N GLU A 298 -8.29 -5.68 -10.96
CA GLU A 298 -8.22 -6.63 -9.85
C GLU A 298 -6.99 -7.51 -10.01
N ALA A 299 -6.30 -7.74 -8.89
CA ALA A 299 -5.11 -8.56 -8.84
C ALA A 299 -5.43 -9.87 -8.13
N VAL A 300 -4.40 -10.69 -7.93
CA VAL A 300 -4.56 -11.95 -7.20
C VAL A 300 -3.22 -12.31 -6.56
N ASN A 301 -3.30 -12.88 -5.35
CA ASN A 301 -2.16 -13.45 -4.65
C ASN A 301 -1.12 -12.40 -4.26
N GLY A 302 -1.57 -11.19 -3.95
CA GLY A 302 -0.75 -10.15 -3.37
C GLY A 302 0.54 -9.80 -4.09
N PRO A 303 0.45 -9.26 -5.32
CA PRO A 303 1.64 -8.71 -5.96
C PRO A 303 2.05 -7.40 -5.32
N ASN A 304 3.33 -7.07 -5.44
CA ASN A 304 3.90 -5.94 -4.70
C ASN A 304 4.43 -4.81 -5.56
N PHE A 305 4.61 -5.02 -6.87
CA PHE A 305 5.21 -4.00 -7.73
C PHE A 305 4.37 -3.86 -8.98
N TYR A 306 3.93 -2.64 -9.28
CA TYR A 306 3.22 -2.41 -10.54
C TYR A 306 4.14 -2.74 -11.70
N TRP A 307 3.54 -3.26 -12.78
CA TRP A 307 4.30 -4.07 -13.73
C TRP A 307 5.41 -3.29 -14.43
N GLN A 308 5.21 -1.99 -14.67
CA GLN A 308 6.27 -1.21 -15.29
C GLN A 308 7.53 -1.18 -14.41
N GLN A 309 7.35 -1.08 -13.10
CA GLN A 309 8.50 -1.13 -12.20
C GLN A 309 9.02 -2.56 -12.06
N ALA A 310 8.11 -3.54 -12.03
CA ALA A 310 8.50 -4.93 -11.81
C ALA A 310 9.37 -5.48 -12.93
N MET A 311 9.35 -4.85 -14.10
CA MET A 311 10.22 -5.26 -15.18
C MET A 311 11.70 -5.09 -14.81
N GLU A 312 12.00 -4.18 -13.89
CA GLU A 312 13.38 -3.87 -13.52
C GLU A 312 13.84 -4.63 -12.28
N LEU A 313 13.05 -5.59 -11.78
CA LEU A 313 13.47 -6.42 -10.66
C LEU A 313 14.78 -7.14 -11.00
N PRO A 314 15.58 -7.48 -9.98
CA PRO A 314 16.93 -8.02 -10.28
C PRO A 314 16.91 -9.36 -10.99
N GLY A 315 16.05 -10.29 -10.56
CA GLY A 315 16.00 -11.59 -11.20
C GLY A 315 15.68 -11.52 -12.69
N ALA A 316 14.83 -10.57 -13.09
CA ALA A 316 14.57 -10.37 -14.50
C ALA A 316 15.84 -9.98 -15.25
N LYS A 317 16.68 -9.17 -14.61
CA LYS A 317 17.89 -8.64 -15.26
C LYS A 317 19.02 -9.65 -15.33
N GLN A 318 18.94 -10.74 -14.57
CA GLN A 318 20.04 -11.70 -14.48
C GLN A 318 19.89 -12.89 -15.41
N MET A 319 18.72 -13.07 -16.04
CA MET A 319 18.55 -14.20 -16.94
C MET A 319 19.41 -14.12 -18.18
N GLN A 320 19.82 -12.91 -18.57
CA GLN A 320 20.70 -12.78 -19.72
C GLN A 320 22.07 -13.38 -19.43
N HIS A 321 22.50 -13.37 -18.17
CA HIS A 321 23.76 -14.03 -17.81
C HIS A 321 23.67 -15.53 -18.09
N ALA A 322 22.54 -16.15 -17.75
CA ALA A 322 22.35 -17.57 -18.06
C ALA A 322 22.34 -17.79 -19.57
N ARG A 323 21.73 -16.87 -20.32
CA ARG A 323 21.75 -16.97 -21.77
C ARG A 323 23.17 -16.82 -22.32
N LYS A 324 23.89 -15.82 -21.84
CA LYS A 324 25.28 -15.62 -22.27
C LYS A 324 26.11 -16.86 -22.00
N LEU A 325 25.93 -17.46 -20.82
CA LEU A 325 26.72 -18.64 -20.46
C LEU A 325 26.46 -19.80 -21.41
N ILE A 326 25.19 -20.09 -21.69
CA ILE A 326 24.83 -21.27 -22.48
C ILE A 326 25.30 -21.11 -23.92
N GLU A 327 25.15 -19.92 -24.50
CA GLU A 327 25.51 -19.71 -25.89
C GLU A 327 27.01 -19.55 -26.10
N SER A 328 27.79 -19.42 -25.03
CA SER A 328 29.23 -19.27 -25.18
C SER A 328 29.89 -20.55 -25.65
N ARG A 329 29.30 -21.71 -25.35
CA ARG A 329 29.94 -23.01 -25.56
C ARG A 329 29.13 -23.83 -26.56
N PRO A 330 29.68 -24.96 -27.09
CA PRO A 330 28.95 -25.75 -28.09
C PRO A 330 27.55 -26.17 -27.65
N PHE A 331 26.54 -25.64 -28.35
CA PHE A 331 25.15 -25.71 -27.88
C PHE A 331 24.60 -27.13 -27.96
N LEU A 332 24.60 -27.72 -29.16
CA LEU A 332 23.91 -28.99 -29.36
C LEU A 332 24.59 -30.15 -28.64
N ASP A 333 25.86 -30.01 -28.26
CA ASP A 333 26.55 -31.11 -27.61
C ASP A 333 26.29 -31.16 -26.12
N ARG A 334 25.60 -30.17 -25.55
CA ARG A 334 25.40 -30.10 -24.12
C ARG A 334 24.50 -31.24 -23.64
N VAL A 335 24.85 -31.81 -22.49
CA VAL A 335 24.15 -32.95 -21.92
C VAL A 335 24.20 -32.80 -20.40
N PRO A 336 23.21 -33.32 -19.64
CA PRO A 336 23.35 -33.41 -18.18
C PRO A 336 24.23 -34.60 -17.81
N ASP A 337 25.18 -34.37 -16.91
CA ASP A 337 26.13 -35.40 -16.48
C ASP A 337 26.43 -35.20 -15.01
N GLN A 338 25.69 -35.91 -14.15
CA GLN A 338 25.90 -35.80 -12.71
C GLN A 338 27.12 -36.58 -12.23
N SER A 339 27.63 -37.51 -13.03
CA SER A 339 28.87 -38.20 -12.69
C SER A 339 30.08 -37.27 -12.72
N LEU A 340 29.91 -36.04 -13.20
CA LEU A 340 31.03 -35.09 -13.26
C LEU A 340 31.53 -34.68 -11.89
N VAL A 341 30.76 -34.94 -10.82
CA VAL A 341 31.15 -34.57 -9.47
C VAL A 341 30.89 -35.75 -8.53
N VAL A 342 31.59 -35.73 -7.40
CA VAL A 342 31.43 -36.79 -6.41
C VAL A 342 30.13 -36.61 -5.63
N GLU A 343 29.75 -35.37 -5.33
CA GLU A 343 28.54 -35.08 -4.57
C GLU A 343 27.36 -34.85 -5.51
N ASN A 344 27.00 -35.90 -6.25
CA ASN A 344 26.02 -35.80 -7.32
C ASN A 344 24.59 -35.71 -6.82
N ASN A 345 24.33 -35.98 -5.55
CA ASN A 345 22.96 -36.01 -5.02
C ASN A 345 22.85 -35.19 -3.75
N SER A 346 23.36 -33.95 -3.80
CA SER A 346 23.21 -33.05 -2.67
C SER A 346 21.75 -32.59 -2.54
N PRO A 347 21.35 -32.15 -1.35
CA PRO A 347 20.02 -31.56 -1.20
C PRO A 347 19.85 -30.34 -2.09
N ALA A 348 18.58 -29.97 -2.34
CA ALA A 348 18.29 -28.91 -3.29
C ALA A 348 18.89 -27.58 -2.84
N SER A 349 18.90 -27.32 -1.54
CA SER A 349 19.36 -26.03 -1.04
C SER A 349 20.85 -25.79 -1.27
N GLU A 350 21.62 -26.86 -1.50
CA GLU A 350 23.05 -26.74 -1.78
C GLU A 350 23.42 -27.63 -2.95
N ARG A 351 22.55 -27.71 -3.95
CA ARG A 351 22.71 -28.68 -5.02
C ARG A 351 23.97 -28.39 -5.85
N ILE A 352 24.69 -29.46 -6.18
CA ILE A 352 25.75 -29.42 -7.17
C ILE A 352 25.22 -30.11 -8.42
N GLN A 353 24.89 -29.32 -9.43
CA GLN A 353 24.32 -29.82 -10.68
C GLN A 353 25.28 -29.52 -11.81
N ALA A 354 25.59 -30.54 -12.61
CA ALA A 354 26.64 -30.46 -13.62
C ALA A 354 26.11 -30.79 -14.99
N THR A 355 26.52 -29.99 -15.98
CA THR A 355 26.24 -30.24 -17.39
C THR A 355 27.57 -30.21 -18.14
N ARG A 356 27.58 -30.80 -19.34
CA ARG A 356 28.81 -30.87 -20.11
C ARG A 356 28.49 -31.15 -21.56
N GLY A 357 29.46 -30.82 -22.41
CA GLY A 357 29.49 -31.31 -23.77
C GLY A 357 30.66 -32.26 -23.91
N LYS A 358 31.48 -32.08 -24.94
CA LYS A 358 32.69 -32.86 -25.09
C LYS A 358 33.95 -32.07 -24.74
N ASP A 359 33.95 -30.75 -24.95
CA ASP A 359 35.12 -29.92 -24.73
C ASP A 359 34.94 -28.90 -23.61
N TYR A 360 33.92 -29.08 -22.78
CA TYR A 360 33.61 -28.09 -21.74
C TYR A 360 32.67 -28.72 -20.73
N ALA A 361 32.50 -28.02 -19.61
CA ALA A 361 31.59 -28.49 -18.56
C ALA A 361 31.22 -27.33 -17.65
N PHE A 362 29.93 -27.17 -17.39
CA PHE A 362 29.43 -26.23 -16.40
C PHE A 362 28.95 -27.01 -15.17
N ILE A 363 29.30 -26.51 -13.99
CA ILE A 363 28.91 -27.15 -12.73
C ILE A 363 28.40 -26.07 -11.78
N TYR A 364 27.11 -26.16 -11.44
CA TYR A 364 26.44 -25.14 -10.64
C TYR A 364 26.44 -25.57 -9.17
N SER A 365 27.03 -24.73 -8.33
CA SER A 365 27.01 -24.92 -6.87
C SER A 365 25.99 -23.93 -6.31
N ALA A 366 24.85 -24.46 -5.87
CA ALA A 366 23.70 -23.61 -5.57
C ALA A 366 23.93 -22.75 -4.33
N ALA A 367 24.58 -23.30 -3.30
CA ALA A 367 24.89 -22.56 -2.09
C ALA A 367 26.38 -22.31 -1.93
N GLY A 368 27.15 -22.42 -3.02
CA GLY A 368 28.58 -22.14 -2.97
C GLY A 368 29.41 -23.13 -2.20
N LYS A 369 28.87 -24.30 -1.86
CA LYS A 369 29.65 -25.30 -1.18
C LYS A 369 30.72 -25.87 -2.12
N SER A 370 31.82 -26.31 -1.54
CA SER A 370 32.89 -26.91 -2.33
C SER A 370 32.46 -28.27 -2.84
N PHE A 371 33.02 -28.67 -3.98
CA PHE A 371 32.72 -29.95 -4.59
C PHE A 371 33.99 -30.54 -5.22
N THR A 372 34.02 -31.86 -5.30
CA THR A 372 35.10 -32.58 -5.96
C THR A 372 34.61 -33.07 -7.32
N VAL A 373 35.40 -32.82 -8.36
CA VAL A 373 35.02 -33.10 -9.74
C VAL A 373 35.79 -34.32 -10.23
N ASN A 374 35.06 -35.28 -10.80
CA ASN A 374 35.68 -36.42 -11.45
C ASN A 374 36.17 -36.01 -12.83
N LEU A 375 37.45 -36.28 -13.10
CA LEU A 375 38.15 -35.65 -14.22
C LEU A 375 38.37 -36.58 -15.41
N GLY A 376 37.63 -37.68 -15.51
CA GLY A 376 37.82 -38.55 -16.65
C GLY A 376 36.75 -38.38 -17.70
N LYS A 377 36.06 -37.23 -17.68
CA LYS A 377 34.76 -37.10 -18.32
C LYS A 377 34.74 -36.28 -19.60
N ILE A 378 35.56 -35.22 -19.71
CA ILE A 378 35.60 -34.45 -20.94
C ILE A 378 36.98 -34.59 -21.58
N SER A 379 37.03 -34.26 -22.86
CA SER A 379 38.24 -34.44 -23.65
C SER A 379 39.35 -33.49 -23.17
N GLY A 380 40.57 -33.85 -23.50
CA GLY A 380 41.75 -33.06 -23.16
C GLY A 380 42.63 -33.77 -22.14
N THR A 381 43.90 -33.38 -22.14
CA THR A 381 44.84 -33.77 -21.09
C THR A 381 45.03 -32.67 -20.05
N GLN A 382 44.58 -31.46 -20.34
CA GLN A 382 44.57 -30.36 -19.40
C GLN A 382 43.25 -29.61 -19.55
N LEU A 383 42.84 -28.91 -18.49
CA LEU A 383 41.54 -28.25 -18.48
C LEU A 383 41.64 -26.89 -17.81
N ASN A 384 41.03 -25.89 -18.44
CA ASN A 384 40.94 -24.55 -17.85
C ASN A 384 39.79 -24.49 -16.85
N ALA A 385 39.98 -23.74 -15.77
CA ALA A 385 38.97 -23.56 -14.75
C ALA A 385 38.67 -22.08 -14.57
N TYR A 386 37.39 -21.77 -14.37
CA TYR A 386 36.96 -20.40 -14.11
C TYR A 386 35.73 -20.42 -13.22
N TRP A 387 35.42 -19.26 -12.64
CA TRP A 387 34.18 -19.03 -11.93
C TRP A 387 33.35 -18.01 -12.69
N PHE A 388 32.04 -18.25 -12.76
CA PHE A 388 31.11 -17.38 -13.46
C PHE A 388 30.04 -16.93 -12.48
N ASP A 389 29.89 -15.61 -12.33
CA ASP A 389 29.00 -15.03 -11.34
C ASP A 389 27.61 -14.93 -11.94
N PRO A 390 26.63 -15.72 -11.49
CA PRO A 390 25.28 -15.64 -12.08
C PRO A 390 24.52 -14.38 -11.72
N ARG A 391 25.01 -13.58 -10.78
CA ARG A 391 24.32 -12.34 -10.43
C ARG A 391 24.71 -11.20 -11.35
N ASN A 392 26.00 -11.10 -11.72
CA ASN A 392 26.47 -10.04 -12.58
C ASN A 392 27.04 -10.51 -13.91
N GLY A 393 27.28 -11.82 -14.08
CA GLY A 393 27.80 -12.34 -15.32
C GLY A 393 29.30 -12.29 -15.48
N LYS A 394 30.03 -11.83 -14.47
CA LYS A 394 31.48 -11.72 -14.59
C LYS A 394 32.15 -13.07 -14.44
N VAL A 395 33.39 -13.15 -14.92
CA VAL A 395 34.18 -14.36 -14.92
C VAL A 395 35.54 -14.06 -14.30
N GLU A 396 36.06 -15.02 -13.52
CA GLU A 396 37.38 -14.89 -12.93
C GLU A 396 38.13 -16.21 -13.08
N ASP A 397 39.46 -16.11 -13.17
CA ASP A 397 40.30 -17.26 -13.44
C ASP A 397 40.62 -18.04 -12.16
N ILE A 398 40.70 -19.36 -12.29
CA ILE A 398 41.20 -20.20 -11.21
C ILE A 398 42.61 -20.65 -11.56
N SER A 399 42.71 -21.64 -12.44
CA SER A 399 43.99 -22.23 -12.83
C SER A 399 43.74 -23.19 -13.98
N LYS A 400 44.83 -23.76 -14.50
CA LYS A 400 44.78 -24.83 -15.48
C LYS A 400 45.16 -26.14 -14.79
N ILE A 401 44.32 -27.15 -14.93
CA ILE A 401 44.48 -28.40 -14.20
C ILE A 401 44.62 -29.56 -15.18
N ASP A 402 45.33 -30.60 -14.74
CA ASP A 402 45.44 -31.81 -15.54
C ASP A 402 44.15 -32.61 -15.46
N ASN A 403 43.78 -33.22 -16.58
CA ASN A 403 42.49 -33.91 -16.70
C ASN A 403 42.52 -35.29 -16.04
N THR A 406 38.79 -36.43 -7.88
CA THR A 406 39.98 -36.23 -8.70
C THR A 406 40.51 -34.79 -8.54
N TYR A 407 39.60 -33.85 -8.30
CA TYR A 407 39.99 -32.47 -8.02
C TYR A 407 38.85 -31.77 -7.30
N LYS A 408 39.19 -31.03 -6.24
CA LYS A 408 38.21 -30.32 -5.42
C LYS A 408 38.30 -28.83 -5.69
N PHE A 409 37.16 -28.21 -5.93
CA PHE A 409 37.07 -26.78 -6.17
C PHE A 409 36.25 -26.13 -5.07
N THR A 410 36.51 -24.83 -4.85
CA THR A 410 35.83 -24.07 -3.81
C THR A 410 35.35 -22.75 -4.42
N PRO A 411 34.04 -22.51 -4.48
CA PRO A 411 33.57 -21.22 -4.97
C PRO A 411 34.14 -20.09 -4.13
N PRO A 412 34.30 -18.90 -4.72
CA PRO A 412 34.97 -17.81 -4.00
C PRO A 412 34.31 -17.47 -2.67
N ARG A 413 32.99 -17.57 -2.59
CA ARG A 413 32.27 -17.41 -1.34
C ARG A 413 31.27 -18.55 -1.20
N SER A 414 30.83 -18.77 0.03
CA SER A 414 29.89 -19.84 0.33
C SER A 414 28.82 -19.31 1.28
N GLY A 415 27.61 -19.83 1.14
CA GLY A 415 26.50 -19.45 1.99
C GLY A 415 25.24 -19.23 1.19
N TYR A 416 24.21 -18.74 1.89
CA TYR A 416 22.93 -18.51 1.24
C TYR A 416 23.03 -17.34 0.26
N GLY A 417 22.63 -17.59 -0.98
CA GLY A 417 22.76 -16.60 -2.03
C GLY A 417 24.09 -16.61 -2.75
N GLN A 418 24.99 -17.53 -2.41
CA GLN A 418 26.31 -17.60 -3.04
C GLN A 418 26.37 -18.70 -4.09
N ASP A 419 25.45 -18.68 -5.05
CA ASP A 419 25.46 -19.65 -6.13
C ASP A 419 26.54 -19.30 -7.13
N TRP A 420 27.39 -20.28 -7.45
CA TRP A 420 28.46 -20.10 -8.42
C TRP A 420 28.42 -21.27 -9.40
N VAL A 421 28.97 -21.05 -10.59
CA VAL A 421 29.13 -22.11 -11.57
C VAL A 421 30.59 -22.16 -12.00
N LEU A 422 31.15 -23.38 -11.99
CA LEU A 422 32.52 -23.61 -12.43
C LEU A 422 32.53 -23.88 -13.92
N ILE A 423 33.40 -23.18 -14.64
CA ILE A 423 33.56 -23.36 -16.07
C ILE A 423 34.83 -24.17 -16.30
N LEU A 424 34.68 -25.37 -16.84
CA LEU A 424 35.80 -26.20 -17.27
C LEU A 424 35.86 -26.21 -18.79
N ASP A 425 37.08 -26.14 -19.32
CA ASP A 425 37.28 -26.05 -20.77
C ASP A 425 38.45 -26.95 -21.15
N ASP A 426 38.25 -27.74 -22.20
CA ASP A 426 39.38 -28.38 -22.87
C ASP A 426 40.40 -27.31 -23.23
N ALA A 427 41.60 -27.42 -22.64
CA ALA A 427 42.65 -26.44 -22.91
C ALA A 427 43.02 -26.36 -24.38
N SER A 428 42.74 -27.41 -25.15
CA SER A 428 43.03 -27.42 -26.57
C SER A 428 41.84 -26.95 -27.40
N THR B 2 3.34 26.10 -36.84
CA THR B 2 2.85 27.39 -37.30
C THR B 2 1.58 27.78 -36.56
N TYR B 3 1.74 28.47 -35.44
CA TYR B 3 0.63 28.84 -34.57
C TYR B 3 0.40 30.34 -34.61
N THR B 4 -0.86 30.73 -34.83
CA THR B 4 -1.24 32.13 -34.90
C THR B 4 -2.52 32.35 -34.09
N VAL B 5 -2.79 33.62 -33.79
CA VAL B 5 -4.02 33.99 -33.10
C VAL B 5 -5.13 34.14 -34.12
N SER B 6 -6.34 33.73 -33.74
CA SER B 6 -7.47 33.73 -34.66
C SER B 6 -7.84 35.15 -35.08
N GLU B 7 -8.71 35.24 -36.08
CA GLU B 7 -9.09 36.55 -36.63
C GLU B 7 -9.84 37.38 -35.60
N ASN B 8 -10.77 36.77 -34.86
CA ASN B 8 -11.48 37.48 -33.80
C ASN B 8 -10.68 37.59 -32.51
N LYS B 9 -9.41 37.18 -32.54
CA LYS B 9 -8.49 37.34 -31.42
C LYS B 9 -9.01 36.66 -30.14
N ARG B 10 -9.64 35.50 -30.32
CA ARG B 10 -10.15 34.73 -29.19
C ARG B 10 -9.65 33.28 -29.16
N PHE B 11 -8.99 32.80 -30.21
CA PHE B 11 -8.62 31.40 -30.30
C PHE B 11 -7.22 31.28 -30.90
N LEU B 12 -6.75 30.04 -30.99
CA LEU B 12 -5.46 29.72 -31.59
C LEU B 12 -5.67 28.90 -32.86
N LEU B 13 -4.78 29.09 -33.82
CA LEU B 13 -4.83 28.38 -35.10
C LEU B 13 -3.51 27.64 -35.31
N LYS B 14 -3.63 26.39 -35.78
CA LYS B 14 -2.48 25.59 -36.19
C LYS B 14 -2.56 25.42 -37.70
N ASP B 15 -1.61 26.03 -38.41
CA ASP B 15 -1.62 26.06 -39.88
C ASP B 15 -2.91 26.65 -40.42
N GLY B 16 -3.43 27.68 -39.75
CA GLY B 16 -4.57 28.42 -40.22
C GLY B 16 -5.92 27.84 -39.88
N LYS B 17 -5.97 26.62 -39.34
CA LYS B 17 -7.22 26.01 -38.95
C LYS B 17 -7.38 26.05 -37.44
N PRO B 18 -8.63 26.01 -36.95
CA PRO B 18 -8.84 26.05 -35.49
C PRO B 18 -8.05 24.97 -34.77
N PHE B 19 -7.42 25.37 -33.66
CA PHE B 19 -6.58 24.48 -32.87
C PHE B 19 -7.13 24.41 -31.46
N PHE B 20 -7.49 23.21 -31.02
CA PHE B 20 -7.90 23.00 -29.64
C PHE B 20 -6.67 22.65 -28.81
N TRP B 21 -6.31 23.54 -27.89
CA TRP B 21 -5.24 23.29 -26.93
C TRP B 21 -5.76 22.34 -25.87
N LEU B 22 -5.20 21.13 -25.80
CA LEU B 22 -5.46 20.19 -24.71
C LEU B 22 -4.11 19.76 -24.18
N GLY B 23 -3.69 20.35 -23.05
CA GLY B 23 -2.34 20.19 -22.55
C GLY B 23 -2.25 19.25 -21.36
N ASP B 24 -1.16 18.50 -21.32
CA ASP B 24 -0.70 17.83 -20.12
C ASP B 24 0.47 18.60 -19.53
N THR B 25 0.74 18.37 -18.24
CA THR B 25 1.80 19.08 -17.53
C THR B 25 2.91 18.09 -17.18
N ALA B 26 4.01 18.19 -17.91
CA ALA B 26 5.21 17.40 -17.66
C ALA B 26 6.39 18.35 -17.46
N TRP B 27 6.39 19.06 -16.33
CA TRP B 27 7.42 20.05 -16.06
C TRP B 27 8.82 19.46 -16.22
N GLU B 28 9.04 18.27 -15.65
CA GLU B 28 10.35 17.65 -15.59
C GLU B 28 10.60 16.64 -16.70
N LEU B 29 9.87 16.74 -17.81
CA LEU B 29 10.00 15.77 -18.90
C LEU B 29 11.42 15.72 -19.42
N PHE B 30 11.96 16.86 -19.85
CA PHE B 30 13.33 16.91 -20.36
C PHE B 30 14.33 16.52 -19.29
N HIS B 31 14.00 16.73 -18.03
CA HIS B 31 14.97 16.57 -16.94
C HIS B 31 15.02 15.15 -16.38
N ARG B 32 13.93 14.40 -16.45
CA ARG B 32 13.81 13.17 -15.67
C ARG B 32 13.47 11.92 -16.47
N LEU B 33 13.04 12.04 -17.74
CA LEU B 33 12.66 10.89 -18.54
C LEU B 33 13.70 10.66 -19.63
N ASP B 34 14.18 9.43 -19.74
CA ASP B 34 15.17 9.08 -20.77
C ASP B 34 14.45 8.93 -22.12
N ARG B 35 15.17 8.43 -23.12
CA ARG B 35 14.61 8.34 -24.46
C ARG B 35 13.43 7.38 -24.51
N GLU B 36 13.56 6.21 -23.88
CA GLU B 36 12.52 5.20 -23.96
C GLU B 36 11.31 5.59 -23.12
N ASP B 37 11.53 6.16 -21.94
CA ASP B 37 10.42 6.56 -21.09
C ASP B 37 9.68 7.77 -21.66
N ALA B 38 10.41 8.71 -22.25
CA ALA B 38 9.76 9.85 -22.90
C ALA B 38 8.95 9.41 -24.10
N ASP B 39 9.42 8.39 -24.83
CA ASP B 39 8.66 7.86 -25.96
C ASP B 39 7.36 7.21 -25.47
N TYR B 40 7.43 6.46 -24.37
CA TYR B 40 6.24 5.86 -23.80
C TYR B 40 5.24 6.91 -23.31
N TYR B 41 5.74 7.96 -22.66
CA TYR B 41 4.85 8.99 -22.12
C TYR B 41 4.13 9.74 -23.25
N LEU B 42 4.86 10.08 -24.32
CA LEU B 42 4.25 10.83 -25.41
C LEU B 42 3.26 9.97 -26.20
N LYS B 43 3.60 8.69 -26.41
CA LYS B 43 2.70 7.78 -27.10
C LYS B 43 1.37 7.66 -26.38
N LYS B 44 1.42 7.39 -25.07
CA LYS B 44 0.20 7.25 -24.28
C LYS B 44 -0.62 8.53 -24.32
N ARG B 45 0.04 9.69 -24.23
CA ARG B 45 -0.67 10.96 -24.22
C ARG B 45 -1.24 11.30 -25.60
N ALA B 46 -0.55 10.91 -26.67
CA ALA B 46 -1.12 11.08 -28.00
C ALA B 46 -2.39 10.25 -28.16
N ALA B 47 -2.37 9.01 -27.67
CA ALA B 47 -3.55 8.16 -27.76
C ALA B 47 -4.71 8.73 -26.95
N GLN B 48 -4.42 9.43 -25.86
CA GLN B 48 -5.46 9.99 -25.01
C GLN B 48 -5.97 11.33 -25.51
N LYS B 49 -5.59 11.74 -26.73
CA LYS B 49 -6.11 12.90 -27.46
C LYS B 49 -5.56 14.23 -26.95
N TYR B 50 -4.52 14.21 -26.13
CA TYR B 50 -3.87 15.47 -25.78
C TYR B 50 -3.21 16.07 -27.02
N THR B 51 -3.01 17.39 -26.98
CA THR B 51 -2.37 18.09 -28.08
C THR B 51 -1.13 18.86 -27.67
N VAL B 52 -1.05 19.33 -26.43
CA VAL B 52 0.06 20.17 -25.97
C VAL B 52 0.71 19.50 -24.76
N ILE B 53 2.04 19.57 -24.68
CA ILE B 53 2.80 19.03 -23.57
C ILE B 53 3.68 20.15 -23.03
N GLN B 54 3.40 20.63 -21.82
CA GLN B 54 4.18 21.69 -21.20
C GLN B 54 5.38 21.08 -20.48
N ALA B 55 6.57 21.58 -20.80
CA ALA B 55 7.80 21.06 -20.22
C ALA B 55 8.84 22.17 -20.14
N VAL B 56 9.74 22.04 -19.17
CA VAL B 56 10.69 23.10 -18.82
C VAL B 56 12.09 22.68 -19.23
N ALA B 57 12.82 23.59 -19.87
CA ALA B 57 14.20 23.30 -20.26
C ALA B 57 15.15 23.37 -19.08
N LEU B 58 14.98 24.38 -18.22
CA LEU B 58 15.75 24.53 -17.00
C LEU B 58 14.83 24.19 -15.84
N ALA B 59 14.75 22.91 -15.51
CA ALA B 59 13.69 22.38 -14.66
C ALA B 59 13.81 22.92 -13.23
N GLU B 60 12.70 22.81 -12.50
CA GLU B 60 12.60 23.39 -11.16
C GLU B 60 13.51 22.66 -10.17
N PHE B 61 13.46 21.33 -10.15
CA PHE B 61 14.21 20.55 -9.17
C PHE B 61 15.68 20.53 -9.54
N ASP B 62 16.38 21.58 -9.14
CA ASP B 62 17.84 21.66 -9.28
C ASP B 62 18.25 21.41 -10.73
N GLY B 63 17.54 22.06 -11.65
CA GLY B 63 17.67 21.79 -13.07
C GLY B 63 19.03 22.13 -13.65
N LEU B 64 19.88 22.82 -12.92
CA LEU B 64 21.20 23.20 -13.43
C LEU B 64 22.32 22.30 -12.93
N ASN B 65 22.22 21.80 -11.69
CA ASN B 65 23.27 20.99 -11.09
C ASN B 65 22.91 19.51 -11.00
N VAL B 66 21.64 19.15 -11.11
CA VAL B 66 21.23 17.75 -11.23
C VAL B 66 21.07 17.44 -12.71
N PRO B 67 21.85 16.52 -13.26
CA PRO B 67 21.85 16.33 -14.72
C PRO B 67 20.62 15.56 -15.20
N ASN B 68 20.49 15.52 -16.52
CA ASN B 68 19.42 14.78 -17.20
C ASN B 68 19.76 13.29 -17.12
N PRO B 69 18.90 12.38 -17.61
CA PRO B 69 19.19 10.95 -17.43
C PRO B 69 20.54 10.51 -18.01
N TYR B 70 21.05 11.20 -19.02
CA TYR B 70 22.34 10.87 -19.61
C TYR B 70 23.49 11.67 -19.02
N GLY B 71 23.32 12.18 -17.80
CA GLY B 71 24.41 12.82 -17.09
C GLY B 71 24.86 14.15 -17.65
N ASP B 72 23.98 14.87 -18.34
CA ASP B 72 24.30 16.15 -18.94
C ASP B 72 23.51 17.27 -18.27
N LYS B 73 24.15 18.42 -18.12
CA LYS B 73 23.53 19.58 -17.52
C LYS B 73 23.33 20.69 -18.56
N PRO B 74 22.25 21.46 -18.44
CA PRO B 74 21.84 22.30 -19.59
C PRO B 74 22.75 23.49 -19.87
N LEU B 75 23.28 24.13 -18.84
CA LEU B 75 24.04 25.37 -19.02
C LEU B 75 25.50 25.14 -18.67
N LEU B 76 26.39 25.36 -19.63
CA LEU B 76 27.82 25.30 -19.36
C LEU B 76 28.19 26.37 -18.34
N ASN B 77 28.85 25.94 -17.26
CA ASN B 77 29.23 26.81 -16.15
C ASN B 77 28.02 27.50 -15.52
N ASN B 78 26.83 26.90 -15.70
CA ASN B 78 25.56 27.51 -15.27
C ASN B 78 25.39 28.90 -15.88
N ASP B 79 25.91 29.09 -17.08
CA ASP B 79 25.90 30.38 -17.77
C ASP B 79 24.87 30.34 -18.90
N PRO B 80 23.76 31.06 -18.81
CA PRO B 80 22.73 30.97 -19.85
C PRO B 80 23.19 31.43 -21.22
N THR B 81 24.26 32.22 -21.29
CA THR B 81 24.82 32.60 -22.58
C THR B 81 25.52 31.46 -23.29
N THR B 82 25.68 30.30 -22.62
CA THR B 82 26.36 29.15 -23.20
C THR B 82 25.59 27.88 -22.89
N PRO B 83 24.42 27.69 -23.51
CA PRO B 83 23.70 26.42 -23.33
C PRO B 83 24.51 25.24 -23.82
N ASN B 84 24.28 24.08 -23.20
CA ASN B 84 25.07 22.89 -23.50
C ASN B 84 24.37 22.08 -24.58
N ASP B 85 25.10 21.81 -25.67
CA ASP B 85 24.53 21.04 -26.78
C ASP B 85 24.18 19.62 -26.33
N ALA B 86 25.07 18.98 -25.57
CA ALA B 86 24.85 17.60 -25.15
C ALA B 86 23.52 17.44 -24.42
N TYR B 87 23.22 18.35 -23.50
CA TYR B 87 21.92 18.32 -22.82
C TYR B 87 20.79 18.52 -23.82
N PHE B 88 20.91 19.54 -24.66
CA PHE B 88 19.78 19.90 -25.52
C PHE B 88 19.62 18.98 -26.73
N LYS B 89 20.54 18.06 -26.96
CA LYS B 89 20.28 17.01 -27.94
C LYS B 89 19.20 16.05 -27.43
N HIS B 90 19.14 15.82 -26.12
CA HIS B 90 18.03 15.10 -25.55
C HIS B 90 16.73 15.89 -25.67
N VAL B 91 16.83 17.21 -25.51
CA VAL B 91 15.65 18.07 -25.66
C VAL B 91 15.12 17.98 -27.10
N ASP B 92 16.02 17.94 -28.09
CA ASP B 92 15.58 17.80 -29.47
C ASP B 92 14.87 16.47 -29.69
N PHE B 93 15.41 15.39 -29.11
CA PHE B 93 14.80 14.07 -29.27
C PHE B 93 13.35 14.06 -28.80
N ILE B 94 13.08 14.68 -27.64
CA ILE B 94 11.72 14.70 -27.12
C ILE B 94 10.83 15.58 -27.99
N ILE B 95 11.33 16.76 -28.37
CA ILE B 95 10.54 17.67 -29.19
C ILE B 95 10.18 17.02 -30.53
N ASP B 96 11.10 16.26 -31.09
CA ASP B 96 10.83 15.61 -32.38
C ASP B 96 9.91 14.40 -32.21
N LYS B 97 10.04 13.66 -31.10
CA LYS B 97 9.13 12.55 -30.86
C LYS B 97 7.70 13.03 -30.68
N ALA B 98 7.52 14.16 -29.98
CA ALA B 98 6.18 14.72 -29.81
C ALA B 98 5.58 15.11 -31.16
N ALA B 99 6.35 15.82 -31.99
CA ALA B 99 5.88 16.16 -33.32
C ALA B 99 5.57 14.92 -34.14
N GLU B 100 6.37 13.87 -33.98
CA GLU B 100 6.12 12.61 -34.68
C GLU B 100 4.78 12.01 -34.28
N TYR B 101 4.36 12.24 -33.03
CA TYR B 101 3.06 11.77 -32.54
C TYR B 101 2.03 12.89 -32.48
N GLY B 102 2.20 13.92 -33.31
CA GLY B 102 1.24 15.00 -33.41
C GLY B 102 1.25 16.00 -32.28
N LEU B 103 2.09 15.82 -31.26
CA LEU B 103 2.02 16.64 -30.07
C LEU B 103 2.83 17.92 -30.21
N THR B 104 2.27 19.02 -29.70
CA THR B 104 2.96 20.29 -29.59
C THR B 104 3.59 20.41 -28.21
N ILE B 105 4.71 21.14 -28.13
CA ILE B 105 5.41 21.37 -26.88
C ILE B 105 5.12 22.78 -26.40
N GLY B 106 4.57 22.89 -25.19
CA GLY B 106 4.51 24.14 -24.48
C GLY B 106 5.86 24.40 -23.84
N PHE B 107 6.79 24.98 -24.60
CA PHE B 107 8.19 25.03 -24.20
C PHE B 107 8.43 26.17 -23.22
N LEU B 108 8.90 25.82 -22.02
CA LEU B 108 9.34 26.82 -21.05
C LEU B 108 10.86 26.91 -21.10
N PRO B 109 11.43 28.02 -21.60
CA PRO B 109 12.89 28.19 -21.53
C PRO B 109 13.49 27.93 -20.15
N THR B 110 12.77 28.26 -19.08
CA THR B 110 13.31 28.10 -17.74
C THR B 110 12.20 28.20 -16.71
N TRP B 111 12.38 27.53 -15.59
CA TRP B 111 11.52 27.76 -14.44
C TRP B 111 11.89 29.08 -13.78
N GLY B 112 10.94 29.61 -13.00
CA GLY B 112 11.10 30.95 -12.47
C GLY B 112 12.17 31.09 -11.41
N ASP B 113 12.63 29.98 -10.84
CA ASP B 113 13.62 30.06 -9.77
C ASP B 113 15.03 30.31 -10.27
N LYS B 114 15.27 30.27 -11.58
CA LYS B 114 16.55 30.69 -12.12
C LYS B 114 16.66 32.20 -12.20
N LEU B 115 15.54 32.91 -12.08
CA LEU B 115 15.54 34.37 -11.93
C LEU B 115 15.20 34.80 -10.52
N ASN B 116 14.20 34.18 -9.89
CA ASN B 116 13.80 34.49 -8.52
C ASN B 116 13.62 33.19 -7.75
N LYS B 117 14.66 32.80 -6.99
CA LYS B 117 14.58 31.62 -6.14
C LYS B 117 13.40 31.69 -5.19
N SER B 118 13.12 32.87 -4.65
CA SER B 118 12.18 33.07 -3.55
C SER B 118 12.63 32.18 -2.39
N THR B 119 11.70 31.64 -1.61
CA THR B 119 12.05 30.94 -0.39
C THR B 119 11.99 29.41 -0.50
N TRP B 120 11.48 28.88 -1.62
CA TRP B 120 11.46 27.44 -1.82
C TRP B 120 12.24 26.98 -3.04
N GLY B 121 12.73 27.89 -3.88
CA GLY B 121 13.40 27.49 -5.09
C GLY B 121 14.84 27.08 -4.86
N LYS B 122 15.29 26.10 -5.64
CA LYS B 122 16.67 25.67 -5.57
C LYS B 122 17.60 26.61 -6.32
N GLY B 123 17.14 27.16 -7.45
CA GLY B 123 17.97 28.01 -8.27
C GLY B 123 19.06 27.21 -8.94
N PRO B 124 20.27 27.78 -9.01
CA PRO B 124 20.68 29.11 -8.53
C PRO B 124 20.16 30.21 -9.45
N GLU B 125 20.14 31.47 -9.00
CA GLU B 125 19.67 32.56 -9.83
C GLU B 125 20.78 33.00 -10.78
N VAL B 126 20.46 33.07 -12.08
CA VAL B 126 21.49 33.24 -13.10
C VAL B 126 21.08 34.25 -14.16
N PHE B 127 19.85 34.76 -14.11
CA PHE B 127 19.29 35.51 -15.23
C PHE B 127 19.29 37.01 -14.94
N ASN B 128 19.80 37.78 -15.90
CA ASN B 128 19.69 39.22 -15.91
C ASN B 128 19.05 39.65 -17.24
N THR B 129 19.04 40.96 -17.49
CA THR B 129 18.44 41.48 -18.70
C THR B 129 19.27 41.14 -19.94
N ASN B 130 20.59 41.02 -19.78
CA ASN B 130 21.45 40.73 -20.92
C ASN B 130 21.35 39.27 -21.36
N ASN B 131 21.62 38.33 -20.43
CA ASN B 131 21.76 36.94 -20.82
C ASN B 131 20.42 36.25 -21.04
N ALA B 132 19.33 36.78 -20.49
CA ALA B 132 18.01 36.22 -20.79
C ALA B 132 17.65 36.42 -22.26
N ARG B 133 18.01 37.57 -22.82
CA ARG B 133 17.84 37.78 -24.25
C ARG B 133 18.70 36.80 -25.05
N ILE B 134 19.98 36.70 -24.68
CA ILE B 134 20.89 35.82 -25.40
C ILE B 134 20.46 34.36 -25.26
N TYR B 135 19.97 33.98 -24.08
CA TYR B 135 19.45 32.63 -23.89
C TYR B 135 18.21 32.40 -24.76
N GLY B 136 17.30 33.37 -24.76
CA GLY B 136 16.10 33.23 -25.59
C GLY B 136 16.43 33.19 -27.07
N LYS B 137 17.41 33.98 -27.50
CA LYS B 137 17.83 33.96 -28.89
C LYS B 137 18.44 32.61 -29.26
N TRP B 138 19.27 32.06 -28.37
CA TRP B 138 19.89 30.76 -28.63
C TRP B 138 18.84 29.67 -28.78
N LEU B 139 17.86 29.64 -27.88
CA LEU B 139 16.79 28.64 -27.98
C LEU B 139 16.00 28.80 -29.26
N ALA B 140 15.54 30.02 -29.54
CA ALA B 140 14.75 30.26 -30.74
C ALA B 140 15.51 29.91 -32.01
N ASN B 141 16.84 30.12 -32.01
CA ASN B 141 17.63 29.79 -33.18
C ASN B 141 17.70 28.28 -33.38
N ARG B 142 17.92 27.52 -32.31
CA ARG B 142 18.00 26.08 -32.42
C ARG B 142 16.70 25.47 -32.92
N TYR B 143 15.56 26.12 -32.64
CA TYR B 143 14.25 25.54 -32.85
C TYR B 143 13.40 26.34 -33.83
N LYS B 144 14.00 27.22 -34.61
CA LYS B 144 13.22 28.04 -35.53
C LYS B 144 12.44 27.20 -36.53
N ASN B 145 13.08 26.18 -37.10
CA ASN B 145 12.45 25.36 -38.12
C ASN B 145 11.52 24.28 -37.55
N LYS B 146 11.42 24.18 -36.23
CA LYS B 146 10.44 23.27 -35.64
C LYS B 146 9.04 23.82 -35.81
N LYS B 147 8.07 22.93 -36.04
CA LYS B 147 6.70 23.32 -36.31
C LYS B 147 5.76 23.12 -35.13
N ASN B 148 6.26 22.61 -34.00
CA ASN B 148 5.38 22.17 -32.92
C ASN B 148 5.81 22.71 -31.56
N ILE B 149 6.32 23.95 -31.52
CA ILE B 149 6.76 24.56 -30.27
C ILE B 149 5.92 25.82 -30.04
N ILE B 150 5.40 25.96 -28.82
CA ILE B 150 4.78 27.19 -28.36
C ILE B 150 5.52 27.64 -27.10
N TRP B 151 5.95 28.90 -27.09
CA TRP B 151 6.86 29.41 -26.08
C TRP B 151 6.08 29.88 -24.85
N ILE B 152 6.44 29.35 -23.68
CA ILE B 152 5.81 29.70 -22.42
C ILE B 152 6.90 30.27 -21.52
N LEU B 153 6.93 31.59 -21.39
CA LEU B 153 7.90 32.22 -20.50
C LEU B 153 7.45 32.09 -19.05
N GLY B 154 8.33 32.49 -18.14
CA GLY B 154 8.01 32.42 -16.73
C GLY B 154 8.00 30.99 -16.22
N GLY B 155 7.33 30.80 -15.09
CA GLY B 155 7.24 29.51 -14.47
C GLY B 155 7.10 29.58 -12.96
N ASP B 156 5.92 30.03 -12.50
CA ASP B 156 5.56 30.05 -11.08
C ASP B 156 6.36 31.06 -10.27
N ARG B 157 6.56 32.27 -10.82
CA ARG B 157 7.21 33.36 -10.11
C ARG B 157 6.54 34.67 -10.48
N THR B 158 5.82 35.26 -9.52
CA THR B 158 5.29 36.60 -9.72
C THR B 158 6.44 37.59 -9.90
N PRO B 159 6.41 38.43 -10.93
CA PRO B 159 7.47 39.44 -11.09
C PRO B 159 7.52 40.36 -9.88
N ARG B 160 8.73 40.53 -9.34
CA ARG B 160 8.87 41.24 -8.08
C ARG B 160 8.61 42.73 -8.30
N PRO B 161 7.79 43.36 -7.44
CA PRO B 161 7.20 44.67 -7.80
C PRO B 161 8.21 45.77 -8.12
N ASN B 162 9.35 45.79 -7.45
CA ASN B 162 10.31 46.88 -7.64
C ASN B 162 11.67 46.36 -8.11
N SER B 163 11.64 45.38 -9.02
CA SER B 163 12.88 44.80 -9.53
C SER B 163 12.88 44.75 -11.05
N ASP B 164 13.90 44.10 -11.62
CA ASP B 164 14.07 43.99 -13.06
C ASP B 164 13.40 42.76 -13.65
N ASP B 165 12.46 42.14 -12.93
CA ASP B 165 11.90 40.87 -13.36
C ASP B 165 11.17 41.00 -14.69
N VAL B 166 10.26 41.97 -14.78
CA VAL B 166 9.50 42.17 -16.01
C VAL B 166 10.44 42.46 -17.18
N LYS B 167 11.50 43.23 -16.93
CA LYS B 167 12.46 43.54 -17.97
C LYS B 167 13.27 42.33 -18.41
N VAL B 168 13.40 41.31 -17.56
CA VAL B 168 14.11 40.09 -17.93
C VAL B 168 13.24 39.21 -18.81
N TRP B 169 11.95 39.09 -18.47
CA TRP B 169 11.04 38.33 -19.32
C TRP B 169 10.80 39.05 -20.65
N ARG B 170 10.79 40.38 -20.62
CA ARG B 170 10.68 41.13 -21.86
C ARG B 170 11.95 41.00 -22.71
N ALA B 171 13.11 40.86 -22.06
CA ALA B 171 14.35 40.65 -22.81
C ALA B 171 14.39 39.23 -23.38
N MET B 172 13.94 38.24 -22.61
CA MET B 172 13.89 36.87 -23.11
C MET B 172 12.91 36.74 -24.27
N ALA B 173 11.75 37.39 -24.16
CA ALA B 173 10.78 37.38 -25.25
C ALA B 173 11.35 38.06 -26.50
N ALA B 174 12.07 39.16 -26.31
CA ALA B 174 12.69 39.85 -27.44
C ALA B 174 13.76 38.98 -28.10
N GLY B 175 14.52 38.23 -27.29
CA GLY B 175 15.51 37.33 -27.85
C GLY B 175 14.90 36.23 -28.68
N ILE B 176 13.79 35.66 -28.20
CA ILE B 176 13.10 34.61 -28.95
C ILE B 176 12.56 35.17 -30.27
N VAL B 177 11.90 36.32 -30.21
CA VAL B 177 11.39 36.98 -31.41
C VAL B 177 12.51 37.20 -32.41
N GLU B 178 13.67 37.65 -31.93
CA GLU B 178 14.82 37.86 -32.81
C GLU B 178 15.32 36.54 -33.39
N GLY B 179 15.25 35.47 -32.62
CA GLY B 179 15.76 34.19 -33.10
C GLY B 179 14.91 33.63 -34.24
N VAL B 180 13.58 33.65 -34.08
CA VAL B 180 12.70 33.10 -35.11
C VAL B 180 12.44 34.05 -36.25
N GLY B 181 13.00 35.25 -36.21
CA GLY B 181 12.91 36.17 -37.34
C GLY B 181 11.62 36.94 -37.46
N GLY B 182 10.93 37.19 -36.35
CA GLY B 182 9.75 38.03 -36.38
C GLY B 182 8.73 37.65 -35.32
N ASN B 183 7.97 38.65 -34.88
CA ASN B 183 6.88 38.43 -33.93
C ASN B 183 5.83 37.47 -34.47
N ASP B 184 5.78 37.28 -35.79
CA ASP B 184 4.78 36.43 -36.42
C ASP B 184 5.14 34.96 -36.41
N LYS B 185 6.40 34.63 -36.15
CA LYS B 185 6.89 33.26 -36.24
C LYS B 185 7.06 32.59 -34.88
N ALA B 186 6.59 33.22 -33.81
CA ALA B 186 6.60 32.61 -32.49
C ALA B 186 5.35 33.02 -31.73
N LEU B 187 4.75 32.06 -31.04
CA LEU B 187 3.61 32.30 -30.16
C LEU B 187 4.11 32.20 -28.73
N ILE B 188 3.91 33.26 -27.95
CA ILE B 188 4.56 33.39 -26.64
C ILE B 188 3.51 33.77 -25.60
N THR B 189 3.55 33.09 -24.46
CA THR B 189 2.73 33.44 -23.30
C THR B 189 3.64 33.49 -22.08
N PHE B 190 3.03 33.46 -20.89
CA PHE B 190 3.77 33.56 -19.63
C PHE B 190 3.01 32.79 -18.57
N HIS B 191 3.71 31.88 -17.88
CA HIS B 191 3.10 31.08 -16.82
C HIS B 191 3.26 31.81 -15.49
N PRO B 192 2.18 32.27 -14.87
CA PRO B 192 2.32 33.05 -13.63
C PRO B 192 1.98 32.28 -12.38
N GLN B 193 2.16 32.93 -11.23
CA GLN B 193 1.59 32.44 -9.98
C GLN B 193 0.11 32.81 -9.94
N PRO B 194 -0.65 32.27 -9.00
CA PRO B 194 -2.06 32.67 -8.87
C PRO B 194 -2.22 34.16 -8.64
N ASN B 195 -3.03 34.79 -9.49
CA ASN B 195 -3.45 36.17 -9.28
C ASN B 195 -4.75 36.38 -10.05
N LYS B 196 -5.28 37.60 -10.00
CA LYS B 196 -6.59 37.89 -10.58
C LYS B 196 -6.54 38.24 -12.05
N GLU B 197 -5.42 38.77 -12.54
CA GLU B 197 -5.29 39.18 -13.93
C GLU B 197 -4.51 38.19 -14.78
N GLY B 198 -3.90 37.17 -14.17
CA GLY B 198 -3.05 36.28 -14.93
C GLY B 198 -1.78 36.98 -15.37
N ALA B 199 -1.13 36.39 -16.36
CA ALA B 199 0.07 36.98 -16.94
C ALA B 199 -0.20 38.34 -17.57
N SER B 200 -1.47 38.66 -17.83
CA SER B 200 -1.82 39.95 -18.41
C SER B 200 -1.59 41.11 -17.44
N GLN B 201 -1.42 40.83 -16.15
CA GLN B 201 -1.21 41.89 -15.17
C GLN B 201 0.03 42.72 -15.51
N TRP B 202 0.99 42.13 -16.21
CA TRP B 202 2.23 42.81 -16.54
C TRP B 202 2.50 42.95 -18.03
N PHE B 203 2.00 42.03 -18.87
CA PHE B 203 2.42 41.95 -20.26
C PHE B 203 1.28 42.14 -21.26
N HIS B 204 0.08 42.54 -20.83
CA HIS B 204 -1.07 42.41 -21.72
C HIS B 204 -0.96 43.29 -22.95
N ALA B 205 -0.32 44.46 -22.84
CA ALA B 205 -0.17 45.35 -23.99
C ALA B 205 1.13 45.12 -24.74
N ASP B 206 1.95 44.17 -24.31
CA ASP B 206 3.19 43.87 -25.03
C ASP B 206 2.86 43.21 -26.36
N GLU B 207 3.49 43.70 -27.43
CA GLU B 207 3.19 43.18 -28.77
C GLU B 207 3.59 41.73 -28.93
N TRP B 208 4.55 41.24 -28.13
CA TRP B 208 4.94 39.84 -28.20
C TRP B 208 4.02 38.94 -27.39
N PHE B 209 3.22 39.51 -26.49
CA PHE B 209 2.32 38.73 -25.64
C PHE B 209 1.11 38.32 -26.47
N ASP B 210 1.10 37.07 -26.93
CA ASP B 210 0.07 36.63 -27.86
C ASP B 210 -1.22 36.20 -27.16
N PHE B 211 -1.13 35.61 -25.98
CA PHE B 211 -2.34 35.22 -25.24
C PHE B 211 -2.01 35.12 -23.76
N ASN B 212 -3.04 35.26 -22.95
CA ASN B 212 -2.90 35.28 -21.49
C ASN B 212 -3.00 33.87 -20.92
N MET B 213 -2.36 33.67 -19.78
CA MET B 213 -2.34 32.39 -19.10
C MET B 213 -2.52 32.62 -17.60
N PHE B 214 -3.38 31.80 -16.99
CA PHE B 214 -3.64 31.83 -15.55
C PHE B 214 -3.11 30.56 -14.89
N GLN B 215 -2.92 30.66 -13.57
CA GLN B 215 -2.76 29.49 -12.70
C GLN B 215 -3.95 29.53 -11.76
N ASN B 216 -5.02 28.80 -12.11
CA ASN B 216 -6.24 28.82 -11.31
C ASN B 216 -6.20 27.85 -10.14
N GLY B 217 -5.35 26.82 -10.19
CA GLY B 217 -5.29 25.85 -9.11
C GLY B 217 -4.71 26.43 -7.83
N HIS B 218 -4.71 25.61 -6.78
CA HIS B 218 -5.20 24.24 -6.71
C HIS B 218 -6.21 24.06 -5.57
N CYS B 219 -7.19 24.95 -5.49
CA CYS B 219 -8.20 24.88 -4.44
C CYS B 219 -9.56 24.51 -5.03
N ARG B 220 -10.40 23.91 -4.19
CA ARG B 220 -11.75 23.58 -4.61
C ARG B 220 -12.67 24.80 -4.50
N ASP B 221 -13.70 24.81 -5.34
CA ASP B 221 -14.78 25.78 -5.30
C ASP B 221 -14.30 27.22 -5.47
N THR B 222 -13.15 27.44 -6.10
CA THR B 222 -12.76 28.81 -6.36
C THR B 222 -13.46 29.33 -7.62
N PRO B 223 -13.75 30.64 -7.68
CA PRO B 223 -14.46 31.19 -8.86
C PRO B 223 -13.51 31.50 -10.00
N ILE B 224 -12.93 30.45 -10.58
CA ILE B 224 -11.96 30.62 -11.67
C ILE B 224 -12.59 31.24 -12.89
N TYR B 225 -13.93 31.16 -13.02
CA TYR B 225 -14.60 31.79 -14.16
C TYR B 225 -14.48 33.31 -14.10
N ASP B 226 -14.38 33.88 -12.90
CA ASP B 226 -14.13 35.32 -12.79
C ASP B 226 -12.78 35.67 -13.38
N ASN B 227 -11.75 34.86 -13.11
CA ASN B 227 -10.43 35.10 -13.68
C ASN B 227 -10.47 35.13 -15.20
N ILE B 228 -11.12 34.12 -15.80
CA ILE B 228 -11.19 34.03 -17.26
C ILE B 228 -12.01 35.18 -17.82
N LYS B 229 -13.20 35.41 -17.25
CA LYS B 229 -14.04 36.51 -17.71
C LYS B 229 -13.35 37.86 -17.54
N GLY B 230 -12.55 38.02 -16.48
CA GLY B 230 -11.80 39.25 -16.32
C GLY B 230 -10.85 39.51 -17.47
N SER B 231 -10.09 38.48 -17.87
CA SER B 231 -9.20 38.62 -19.02
C SER B 231 -9.97 38.72 -20.32
N TYR B 232 -11.11 38.02 -20.41
CA TYR B 232 -11.89 38.02 -21.66
C TYR B 232 -12.45 39.39 -21.97
N ASP B 233 -12.98 40.09 -20.97
CA ASP B 233 -13.69 41.34 -21.18
C ASP B 233 -12.76 42.52 -21.44
N ARG B 234 -11.44 42.32 -21.48
CA ARG B 234 -10.52 43.42 -21.74
C ARG B 234 -10.78 43.99 -23.13
N ALA B 235 -10.70 45.33 -23.24
CA ALA B 235 -10.90 45.97 -24.52
C ALA B 235 -9.86 45.53 -25.53
N LEU B 236 -8.60 45.40 -25.09
CA LEU B 236 -7.56 44.79 -25.90
C LEU B 236 -7.81 43.29 -25.96
N VAL B 237 -8.28 42.80 -27.10
CA VAL B 237 -8.76 41.43 -27.21
C VAL B 237 -7.57 40.50 -27.45
N LYS B 238 -7.45 39.48 -26.59
CA LYS B 238 -6.43 38.46 -26.73
C LYS B 238 -6.98 37.15 -26.16
N PRO B 239 -6.53 36.01 -26.67
CA PRO B 239 -6.98 34.74 -26.10
C PRO B 239 -6.46 34.55 -24.68
N VAL B 240 -7.13 33.66 -23.95
CA VAL B 240 -6.79 33.38 -22.55
C VAL B 240 -7.00 31.90 -22.29
N ILE B 241 -6.12 31.31 -21.47
CA ILE B 241 -6.21 29.90 -21.11
C ILE B 241 -5.68 29.74 -19.69
N ASP B 242 -6.09 28.67 -19.03
CA ASP B 242 -5.58 28.31 -17.70
C ASP B 242 -4.43 27.33 -17.89
N GLY B 243 -3.20 27.81 -17.65
CA GLY B 243 -2.03 26.97 -17.80
C GLY B 243 -1.77 26.01 -16.64
N GLU B 244 -2.48 26.17 -15.53
CA GLU B 244 -2.27 25.31 -14.36
C GLU B 244 -3.53 25.32 -13.51
N PRO B 245 -4.46 24.39 -13.76
CA PRO B 245 -5.61 24.22 -12.87
C PRO B 245 -5.26 23.33 -11.70
N ILE B 246 -6.26 22.84 -10.97
CA ILE B 246 -6.00 21.85 -9.94
C ILE B 246 -5.48 20.58 -10.59
N TYR B 247 -4.45 19.99 -9.98
CA TYR B 247 -3.87 18.76 -10.50
C TYR B 247 -4.59 17.56 -9.92
N GLU B 248 -4.64 16.49 -10.71
CA GLU B 248 -5.14 15.23 -10.20
C GLU B 248 -4.10 14.60 -9.27
N ASP B 249 -4.58 14.00 -8.18
CA ASP B 249 -3.73 13.38 -7.15
C ASP B 249 -2.85 14.43 -6.46
N HIS B 250 -3.37 15.64 -6.31
CA HIS B 250 -2.71 16.80 -5.71
C HIS B 250 -3.34 17.16 -4.38
N PRO B 251 -2.55 17.66 -3.42
CA PRO B 251 -3.15 18.13 -2.16
C PRO B 251 -4.06 19.31 -2.40
N VAL B 252 -5.27 19.24 -1.84
CA VAL B 252 -6.30 20.25 -2.09
C VAL B 252 -5.94 21.53 -1.35
N CYS B 253 -5.84 22.63 -2.10
CA CYS B 253 -5.41 23.94 -1.57
C CYS B 253 -4.09 23.82 -0.80
N PHE B 254 -3.23 22.90 -1.25
CA PHE B 254 -1.92 22.68 -0.63
C PHE B 254 -2.04 22.41 0.87
N ASN B 255 -3.03 21.59 1.23
CA ASN B 255 -3.37 21.31 2.62
C ASN B 255 -3.98 19.90 2.67
N ALA B 256 -3.15 18.90 2.37
CA ALA B 256 -3.63 17.52 2.42
C ALA B 256 -4.02 17.10 3.83
N THR B 257 -3.40 17.69 4.84
CA THR B 257 -3.69 17.33 6.22
C THR B 257 -5.16 17.53 6.55
N ASP B 258 -5.72 18.68 6.17
CA ASP B 258 -7.11 18.97 6.47
C ASP B 258 -8.04 18.77 5.28
N LEU B 259 -7.53 18.91 4.05
CA LEU B 259 -8.38 18.91 2.87
C LEU B 259 -8.19 17.70 1.96
N GLY B 260 -7.18 16.88 2.20
CA GLY B 260 -7.08 15.65 1.44
C GLY B 260 -6.62 15.86 0.00
N ILE B 261 -6.95 14.87 -0.84
CA ILE B 261 -6.45 14.79 -2.21
C ILE B 261 -7.58 15.16 -3.17
N SER B 262 -7.19 15.73 -4.31
CA SER B 262 -8.13 16.06 -5.38
C SER B 262 -8.64 14.79 -6.06
N ASN B 263 -9.68 14.97 -6.88
CA ASN B 263 -10.30 13.86 -7.59
C ASN B 263 -10.55 14.26 -9.04
N ALA B 264 -11.10 13.31 -9.80
CA ALA B 264 -11.39 13.58 -11.21
C ALA B 264 -12.50 14.60 -11.37
N TYR B 265 -13.47 14.62 -10.44
CA TYR B 265 -14.50 15.65 -10.44
C TYR B 265 -13.89 17.04 -10.42
N ASP B 266 -12.85 17.23 -9.60
CA ASP B 266 -12.18 18.52 -9.52
C ASP B 266 -11.61 18.93 -10.87
N VAL B 267 -10.82 18.05 -11.50
CA VAL B 267 -10.17 18.42 -12.75
C VAL B 267 -11.19 18.64 -13.85
N ARG B 268 -12.32 17.94 -13.81
CA ARG B 268 -13.37 18.16 -14.80
C ARG B 268 -14.00 19.53 -14.62
N LYS B 269 -14.35 19.88 -13.39
CA LYS B 269 -14.92 21.20 -13.10
C LYS B 269 -14.00 22.32 -13.58
N TYR B 270 -12.69 22.15 -13.38
CA TYR B 270 -11.76 23.19 -13.81
C TYR B 270 -11.73 23.33 -15.32
N ALA B 271 -11.74 22.21 -16.05
CA ALA B 271 -11.66 22.27 -17.50
C ALA B 271 -12.90 22.92 -18.10
N TYR B 272 -14.09 22.57 -17.62
CA TYR B 272 -15.31 23.07 -18.23
C TYR B 272 -15.62 24.50 -17.80
N LEU B 273 -15.30 24.86 -16.56
CA LEU B 273 -15.55 26.23 -16.11
C LEU B 273 -14.60 27.20 -16.80
N ASN B 274 -13.34 26.79 -17.00
CA ASN B 274 -12.40 27.63 -17.74
C ASN B 274 -12.87 27.84 -19.17
N LEU B 275 -13.23 26.76 -19.85
CA LEU B 275 -13.57 26.83 -21.28
C LEU B 275 -14.84 27.64 -21.50
N PHE B 276 -15.92 27.28 -20.81
CA PHE B 276 -17.22 27.89 -21.07
C PHE B 276 -17.25 29.37 -20.69
N ALA B 277 -16.30 29.82 -19.86
CA ALA B 277 -16.15 31.23 -19.53
C ALA B 277 -15.32 31.99 -20.55
N GLY B 278 -14.65 31.30 -21.47
CA GLY B 278 -13.97 31.99 -22.55
C GLY B 278 -12.63 31.40 -22.96
N ALA B 279 -12.13 30.42 -22.21
CA ALA B 279 -10.82 29.86 -22.53
C ALA B 279 -10.83 29.20 -23.89
N PHE B 280 -9.80 29.49 -24.70
CA PHE B 280 -9.68 28.87 -26.01
C PHE B 280 -9.31 27.39 -25.91
N GLY B 281 -8.81 26.96 -24.76
CA GLY B 281 -8.46 25.57 -24.55
C GLY B 281 -8.30 25.31 -23.07
N HIS B 282 -7.67 24.19 -22.75
CA HIS B 282 -7.43 23.85 -21.35
C HIS B 282 -6.17 23.03 -21.22
N THR B 283 -5.41 23.29 -20.16
CA THR B 283 -4.28 22.47 -19.77
C THR B 283 -4.69 21.61 -18.59
N TYR B 284 -4.44 20.30 -18.69
CA TYR B 284 -4.62 19.38 -17.58
C TYR B 284 -3.27 19.12 -16.92
N GLY B 285 -3.31 18.80 -15.64
CA GLY B 285 -2.09 18.49 -14.91
C GLY B 285 -2.34 17.43 -13.87
N CYS B 286 -1.30 16.65 -13.58
CA CYS B 286 -1.39 15.58 -12.59
C CYS B 286 -0.15 15.63 -11.70
N HIS B 287 -0.36 15.59 -10.39
CA HIS B 287 0.73 15.82 -9.44
C HIS B 287 1.88 14.83 -9.63
N ASP B 288 1.58 13.61 -10.06
CA ASP B 288 2.63 12.63 -10.28
C ASP B 288 3.34 12.80 -11.61
N ILE B 289 2.69 13.45 -12.58
CA ILE B 289 3.25 13.50 -13.93
C ILE B 289 4.28 14.62 -14.05
N TRP B 290 3.93 15.83 -13.61
CA TRP B 290 4.84 16.97 -13.79
C TRP B 290 6.18 16.73 -13.11
N GLN B 291 6.18 15.99 -11.99
CA GLN B 291 7.43 15.67 -11.30
C GLN B 291 7.98 14.30 -11.70
N MET B 292 7.29 13.57 -12.58
CA MET B 292 7.78 12.30 -13.11
C MET B 292 8.11 11.33 -11.99
N TYR B 293 7.15 11.10 -11.11
CA TYR B 293 7.37 10.34 -9.87
C TYR B 293 7.86 8.93 -10.18
N SER B 294 9.04 8.60 -9.68
CA SER B 294 9.70 7.33 -9.91
C SER B 294 10.32 6.86 -8.60
N PRO B 295 10.66 5.58 -8.49
CA PRO B 295 11.37 5.10 -7.29
C PRO B 295 12.81 5.58 -7.20
N PHE B 296 13.33 6.24 -8.23
CA PHE B 296 14.74 6.61 -8.27
C PHE B 296 15.02 8.00 -7.70
N ARG B 297 14.00 8.84 -7.56
CA ARG B 297 14.16 10.18 -7.03
C ARG B 297 13.12 10.43 -5.94
N GLU B 298 13.43 11.35 -5.05
CA GLU B 298 12.59 11.59 -3.88
C GLU B 298 11.24 12.18 -4.27
N ALA B 299 10.19 11.75 -3.58
CA ALA B 299 8.87 12.30 -3.81
C ALA B 299 8.79 13.75 -3.36
N VAL B 300 7.96 14.53 -4.05
CA VAL B 300 7.79 15.95 -3.77
C VAL B 300 6.32 16.22 -3.48
N ASN B 301 6.03 16.67 -2.26
CA ASN B 301 4.69 17.10 -1.86
C ASN B 301 3.68 15.95 -1.92
N GLY B 302 4.14 14.73 -1.64
CA GLY B 302 3.28 13.59 -1.45
C GLY B 302 2.54 13.09 -2.68
N PRO B 303 3.26 12.64 -3.70
CA PRO B 303 2.60 11.95 -4.82
C PRO B 303 2.21 10.53 -4.42
N ASN B 304 1.19 10.00 -5.08
CA ASN B 304 0.65 8.70 -4.73
C ASN B 304 0.79 7.64 -5.81
N PHE B 305 1.23 8.00 -7.01
CA PHE B 305 1.38 7.06 -8.11
C PHE B 305 2.65 7.37 -8.89
N TYR B 306 3.42 6.34 -9.24
CA TYR B 306 4.48 6.54 -10.20
C TYR B 306 3.89 6.99 -11.54
N TRP B 307 4.69 7.71 -12.32
CA TRP B 307 4.15 8.39 -13.50
C TRP B 307 3.55 7.40 -14.50
N GLN B 308 4.12 6.20 -14.61
CA GLN B 308 3.61 5.24 -15.59
C GLN B 308 2.17 4.85 -15.28
N GLN B 309 1.83 4.69 -14.00
CA GLN B 309 0.47 4.34 -13.62
C GLN B 309 -0.42 5.57 -13.55
N ALA B 310 0.14 6.71 -13.11
CA ALA B 310 -0.63 7.95 -13.00
C ALA B 310 -1.14 8.42 -14.35
N MET B 311 -0.54 7.97 -15.45
CA MET B 311 -1.04 8.32 -16.77
C MET B 311 -2.45 7.79 -17.00
N GLU B 312 -2.85 6.73 -16.29
CA GLU B 312 -4.16 6.10 -16.47
C GLU B 312 -5.17 6.56 -15.43
N LEU B 313 -4.95 7.69 -14.78
CA LEU B 313 -5.90 8.21 -13.81
C LEU B 313 -7.17 8.66 -14.51
N PRO B 314 -8.33 8.56 -13.84
CA PRO B 314 -9.61 8.80 -14.54
C PRO B 314 -9.75 10.19 -15.13
N GLY B 315 -9.30 11.23 -14.42
CA GLY B 315 -9.44 12.58 -14.93
C GLY B 315 -8.67 12.79 -16.22
N ALA B 316 -7.43 12.29 -16.27
CA ALA B 316 -6.62 12.43 -17.48
C ALA B 316 -7.26 11.75 -18.68
N LYS B 317 -8.03 10.69 -18.44
CA LYS B 317 -8.71 10.00 -19.52
C LYS B 317 -10.04 10.63 -19.90
N GLN B 318 -10.60 11.47 -19.03
CA GLN B 318 -11.85 12.17 -19.33
C GLN B 318 -11.63 13.47 -20.11
N MET B 319 -10.39 13.96 -20.18
CA MET B 319 -10.15 15.25 -20.82
C MET B 319 -10.49 15.23 -22.30
N GLN B 320 -10.40 14.07 -22.95
CA GLN B 320 -10.71 13.99 -24.37
C GLN B 320 -12.19 14.25 -24.63
N HIS B 321 -13.06 13.98 -23.67
CA HIS B 321 -14.49 14.23 -23.85
C HIS B 321 -14.76 15.73 -24.01
N ALA B 322 -14.05 16.56 -23.26
CA ALA B 322 -14.23 18.01 -23.40
C ALA B 322 -13.71 18.48 -24.74
N ARG B 323 -12.59 17.93 -25.21
CA ARG B 323 -12.09 18.27 -26.53
C ARG B 323 -13.07 17.84 -27.61
N LYS B 324 -13.55 16.60 -27.53
CA LYS B 324 -14.54 16.11 -28.48
C LYS B 324 -15.78 16.99 -28.49
N LEU B 325 -16.18 17.49 -27.32
CA LEU B 325 -17.34 18.37 -27.25
C LEU B 325 -17.07 19.70 -27.93
N ILE B 326 -15.92 20.32 -27.64
CA ILE B 326 -15.62 21.63 -28.19
C ILE B 326 -15.47 21.55 -29.71
N GLU B 327 -14.83 20.50 -30.21
CA GLU B 327 -14.58 20.38 -31.65
C GLU B 327 -15.83 20.01 -32.45
N SER B 328 -16.90 19.58 -31.80
CA SER B 328 -18.07 19.08 -32.50
C SER B 328 -18.99 20.18 -33.03
N ARG B 329 -18.70 21.44 -32.73
CA ARG B 329 -19.55 22.56 -33.13
C ARG B 329 -18.67 23.69 -33.64
N PRO B 330 -19.26 24.66 -34.39
CA PRO B 330 -18.47 25.78 -34.93
C PRO B 330 -17.49 26.37 -33.93
N PHE B 331 -16.20 26.12 -34.17
CA PHE B 331 -15.17 26.43 -33.18
C PHE B 331 -15.04 27.93 -32.95
N LEU B 332 -14.83 28.69 -34.01
CA LEU B 332 -14.54 30.12 -33.88
C LEU B 332 -15.77 30.95 -33.54
N ASP B 333 -16.97 30.39 -33.66
CA ASP B 333 -18.19 31.11 -33.33
C ASP B 333 -18.47 31.16 -31.83
N ARG B 334 -17.83 30.30 -31.04
CA ARG B 334 -18.20 30.15 -29.65
C ARG B 334 -17.77 31.34 -28.81
N VAL B 335 -18.67 31.78 -27.93
CA VAL B 335 -18.38 32.84 -26.97
C VAL B 335 -19.00 32.45 -25.62
N PRO B 336 -18.52 33.06 -24.54
CA PRO B 336 -19.22 32.93 -23.26
C PRO B 336 -20.44 33.83 -23.22
N ASP B 337 -21.48 33.35 -22.54
CA ASP B 337 -22.74 34.10 -22.46
C ASP B 337 -23.53 33.57 -21.26
N GLN B 338 -23.35 34.22 -20.11
CA GLN B 338 -24.08 33.85 -18.90
C GLN B 338 -25.56 34.22 -18.98
N SER B 339 -25.94 35.10 -19.91
CA SER B 339 -27.33 35.47 -20.11
C SER B 339 -28.17 34.33 -20.68
N LEU B 340 -27.57 33.17 -20.94
CA LEU B 340 -28.31 32.02 -21.46
C LEU B 340 -29.16 31.34 -20.39
N VAL B 341 -28.83 31.52 -19.12
CA VAL B 341 -29.58 30.92 -18.02
C VAL B 341 -29.97 32.02 -17.04
N VAL B 342 -31.06 31.77 -16.30
CA VAL B 342 -31.49 32.71 -15.28
C VAL B 342 -30.52 32.71 -14.11
N GLU B 343 -30.03 31.52 -13.72
CA GLU B 343 -29.09 31.37 -12.62
C GLU B 343 -27.67 31.58 -13.14
N ASN B 344 -27.36 32.84 -13.41
CA ASN B 344 -26.11 33.22 -14.07
C ASN B 344 -24.98 33.53 -13.10
N ASN B 345 -25.17 33.28 -11.80
CA ASN B 345 -24.13 33.61 -10.83
C ASN B 345 -24.24 32.74 -9.58
N SER B 346 -24.35 31.44 -9.77
CA SER B 346 -24.38 30.50 -8.66
C SER B 346 -22.98 30.28 -8.10
N PRO B 347 -22.86 29.76 -6.88
CA PRO B 347 -21.53 29.45 -6.35
C PRO B 347 -20.82 28.40 -7.20
N ALA B 348 -19.49 28.39 -7.08
CA ALA B 348 -18.67 27.54 -7.93
C ALA B 348 -18.96 26.06 -7.72
N SER B 349 -19.35 25.67 -6.51
CA SER B 349 -19.60 24.26 -6.22
C SER B 349 -20.66 23.68 -7.15
N GLU B 350 -21.66 24.48 -7.49
CA GLU B 350 -22.76 24.05 -8.36
C GLU B 350 -22.98 25.07 -9.47
N ARG B 351 -21.88 25.60 -10.00
CA ARG B 351 -21.95 26.67 -11.00
C ARG B 351 -22.73 26.23 -12.23
N ILE B 352 -23.44 27.18 -12.83
CA ILE B 352 -24.01 27.04 -14.16
C ILE B 352 -23.24 27.98 -15.07
N GLN B 353 -22.41 27.42 -15.96
CA GLN B 353 -21.63 28.19 -16.92
C GLN B 353 -22.10 27.87 -18.32
N ALA B 354 -22.43 28.90 -19.09
CA ALA B 354 -23.02 28.75 -20.41
C ALA B 354 -22.16 29.41 -21.46
N THR B 355 -21.97 28.70 -22.58
CA THR B 355 -21.26 29.23 -23.73
C THR B 355 -22.05 28.86 -24.98
N ARG B 356 -21.80 29.59 -26.06
CA ARG B 356 -22.61 29.39 -27.25
C ARG B 356 -21.94 30.02 -28.46
N GLY B 357 -22.21 29.44 -29.63
CA GLY B 357 -21.97 30.05 -30.92
C GLY B 357 -23.22 30.73 -31.44
N LYS B 358 -23.29 30.88 -32.76
CA LYS B 358 -24.47 31.50 -33.37
C LYS B 358 -25.66 30.55 -33.41
N ASP B 359 -25.41 29.23 -33.46
CA ASP B 359 -26.46 28.26 -33.72
C ASP B 359 -26.35 27.04 -32.81
N TYR B 360 -25.74 27.20 -31.63
CA TYR B 360 -25.63 26.10 -30.68
C TYR B 360 -25.22 26.68 -29.34
N ALA B 361 -25.46 25.91 -28.29
CA ALA B 361 -25.12 26.33 -26.94
C ALA B 361 -24.68 25.12 -26.12
N PHE B 362 -23.64 25.32 -25.32
CA PHE B 362 -23.23 24.40 -24.27
C PHE B 362 -23.51 25.04 -22.92
N ILE B 363 -24.05 24.27 -21.98
CA ILE B 363 -24.31 24.77 -20.64
C ILE B 363 -23.89 23.71 -19.64
N TYR B 364 -23.02 24.08 -18.71
CA TYR B 364 -22.40 23.17 -17.76
C TYR B 364 -23.01 23.40 -16.38
N SER B 365 -23.62 22.35 -15.82
CA SER B 365 -24.15 22.38 -14.46
C SER B 365 -23.20 21.55 -13.60
N ALA B 366 -22.34 22.25 -12.85
CA ALA B 366 -21.23 21.59 -12.17
C ALA B 366 -21.69 20.54 -11.18
N ALA B 367 -22.86 20.71 -10.58
CA ALA B 367 -23.39 19.76 -9.62
C ALA B 367 -24.76 19.22 -10.03
N GLY B 368 -25.08 19.29 -11.33
CA GLY B 368 -26.32 18.71 -11.82
C GLY B 368 -27.59 19.39 -11.36
N LYS B 369 -27.49 20.53 -10.69
CA LYS B 369 -28.69 21.25 -10.29
C LYS B 369 -29.48 21.69 -11.51
N SER B 370 -30.81 21.71 -11.37
CA SER B 370 -31.65 22.13 -12.47
C SER B 370 -31.48 23.62 -12.72
N PHE B 371 -31.91 24.05 -13.90
CA PHE B 371 -31.76 25.45 -14.30
C PHE B 371 -32.71 25.72 -15.46
N THR B 372 -33.16 26.98 -15.54
CA THR B 372 -34.01 27.42 -16.62
C THR B 372 -33.20 28.26 -17.61
N VAL B 373 -33.36 27.98 -18.90
CA VAL B 373 -32.56 28.57 -19.95
C VAL B 373 -33.34 29.70 -20.61
N ASN B 374 -32.66 30.80 -20.88
CA ASN B 374 -33.26 31.93 -21.59
C ASN B 374 -33.18 31.65 -23.09
N LEU B 375 -34.29 31.21 -23.66
CA LEU B 375 -34.33 30.81 -25.06
C LEU B 375 -34.33 32.03 -25.97
N GLY B 376 -34.05 31.78 -27.25
CA GLY B 376 -34.02 32.83 -28.24
C GLY B 376 -32.67 33.49 -28.45
N LYS B 377 -31.60 32.97 -27.85
CA LYS B 377 -30.29 33.58 -27.98
C LYS B 377 -29.46 32.99 -29.12
N ILE B 378 -29.82 31.81 -29.62
CA ILE B 378 -29.21 31.24 -30.81
C ILE B 378 -30.29 31.13 -31.88
N SER B 379 -29.85 30.93 -33.13
CA SER B 379 -30.77 30.88 -34.25
C SER B 379 -31.62 29.61 -34.19
N GLY B 380 -32.66 29.60 -35.00
CA GLY B 380 -33.46 28.40 -35.18
C GLY B 380 -34.87 28.56 -34.67
N THR B 381 -35.82 27.92 -35.36
CA THR B 381 -37.20 27.85 -34.88
C THR B 381 -37.35 26.81 -33.78
N GLN B 382 -36.79 25.62 -33.99
CA GLN B 382 -36.81 24.55 -33.02
C GLN B 382 -35.38 24.17 -32.65
N LEU B 383 -35.21 23.72 -31.41
CA LEU B 383 -33.90 23.36 -30.88
C LEU B 383 -33.87 21.89 -30.49
N ASN B 384 -32.73 21.25 -30.70
CA ASN B 384 -32.49 19.90 -30.22
C ASN B 384 -31.70 19.97 -28.92
N ALA B 385 -32.16 19.25 -27.91
CA ALA B 385 -31.54 19.28 -26.59
C ALA B 385 -30.97 17.90 -26.25
N TYR B 386 -29.76 17.90 -25.71
CA TYR B 386 -29.07 16.66 -25.34
C TYR B 386 -28.37 16.85 -24.01
N TRP B 387 -28.18 15.74 -23.30
CA TRP B 387 -27.32 15.69 -22.13
C TRP B 387 -25.99 15.04 -22.52
N PHE B 388 -24.90 15.74 -22.24
CA PHE B 388 -23.55 15.25 -22.54
C PHE B 388 -22.87 14.89 -21.23
N ASP B 389 -22.42 13.64 -21.12
CA ASP B 389 -21.81 13.14 -19.90
C ASP B 389 -20.30 13.39 -19.97
N PRO B 390 -19.73 14.25 -19.12
CA PRO B 390 -18.30 14.53 -19.19
C PRO B 390 -17.42 13.43 -18.61
N ARG B 391 -18.00 12.39 -18.01
CA ARG B 391 -17.22 11.30 -17.45
C ARG B 391 -16.93 10.21 -18.48
N ASN B 392 -17.84 9.97 -19.42
CA ASN B 392 -17.64 8.96 -20.44
C ASN B 392 -17.81 9.47 -21.86
N GLY B 393 -18.33 10.69 -22.06
CA GLY B 393 -18.49 11.24 -23.39
C GLY B 393 -19.79 10.90 -24.09
N LYS B 394 -20.73 10.25 -23.41
CA LYS B 394 -21.97 9.82 -24.04
C LYS B 394 -22.95 10.99 -24.15
N VAL B 395 -23.80 10.92 -25.18
CA VAL B 395 -24.81 11.94 -25.47
C VAL B 395 -26.16 11.25 -25.58
N GLU B 396 -27.14 11.74 -24.84
CA GLU B 396 -28.50 11.22 -24.89
C GLU B 396 -29.48 12.32 -25.26
N ASP B 397 -30.60 11.92 -25.87
CA ASP B 397 -31.59 12.87 -26.34
C ASP B 397 -32.49 13.34 -25.19
N ILE B 398 -32.91 14.60 -25.27
CA ILE B 398 -33.86 15.15 -24.30
C ILE B 398 -35.20 15.33 -24.99
N SER B 399 -35.29 16.30 -25.89
CA SER B 399 -36.49 16.58 -26.66
C SER B 399 -36.18 17.71 -27.64
N LYS B 400 -37.07 17.88 -28.61
CA LYS B 400 -37.03 19.02 -29.53
C LYS B 400 -37.96 20.09 -28.99
N ILE B 401 -37.42 21.28 -28.75
CA ILE B 401 -38.16 22.36 -28.12
C ILE B 401 -38.17 23.58 -29.04
N ASP B 402 -39.22 24.38 -28.92
CA ASP B 402 -39.29 25.63 -29.66
C ASP B 402 -38.29 26.63 -29.07
N ASN B 403 -37.82 27.54 -29.93
CA ASN B 403 -36.81 28.51 -29.53
C ASN B 403 -37.48 29.84 -29.16
N LYS B 404 -38.25 29.79 -28.07
CA LYS B 404 -38.98 30.96 -27.62
C LYS B 404 -39.27 30.82 -26.12
N GLY B 405 -39.35 31.96 -25.45
CA GLY B 405 -39.66 31.95 -24.02
C GLY B 405 -38.48 31.44 -23.21
N THR B 406 -38.78 30.58 -22.24
CA THR B 406 -37.76 29.94 -21.43
C THR B 406 -38.08 28.45 -21.29
N TYR B 407 -37.15 27.71 -20.70
CA TYR B 407 -37.32 26.27 -20.55
C TYR B 407 -36.42 25.81 -19.42
N LYS B 408 -37.00 25.19 -18.40
CA LYS B 408 -36.21 24.59 -17.34
C LYS B 408 -35.70 23.22 -17.78
N PHE B 409 -34.39 23.01 -17.61
CA PHE B 409 -33.78 21.72 -17.85
C PHE B 409 -33.36 21.10 -16.52
N THR B 410 -33.35 19.78 -16.49
CA THR B 410 -33.00 19.05 -15.28
C THR B 410 -32.04 17.93 -15.63
N PRO B 411 -30.77 18.03 -15.20
CA PRO B 411 -29.82 16.99 -15.54
C PRO B 411 -30.28 15.63 -15.04
N PRO B 412 -29.85 14.55 -15.69
CA PRO B 412 -30.33 13.21 -15.29
C PRO B 412 -30.15 12.91 -13.82
N ARG B 413 -29.00 13.28 -13.25
CA ARG B 413 -28.77 13.15 -11.82
C ARG B 413 -28.11 14.43 -11.31
N SER B 414 -28.35 14.73 -10.04
CA SER B 414 -27.80 15.90 -9.38
C SER B 414 -27.03 15.47 -8.14
N GLY B 415 -26.26 16.40 -7.59
CA GLY B 415 -25.46 16.15 -6.41
C GLY B 415 -23.97 16.24 -6.73
N TYR B 416 -23.18 16.00 -5.68
CA TYR B 416 -21.73 16.09 -5.81
C TYR B 416 -21.22 15.00 -6.75
N GLY B 417 -20.37 15.40 -7.70
CA GLY B 417 -19.85 14.51 -8.71
C GLY B 417 -20.75 14.32 -9.92
N GLN B 418 -21.88 15.01 -9.96
CA GLN B 418 -22.85 14.82 -11.02
C GLN B 418 -22.89 16.00 -11.98
N ASP B 419 -21.75 16.36 -12.55
CA ASP B 419 -21.72 17.44 -13.52
C ASP B 419 -22.20 16.94 -14.88
N TRP B 420 -23.04 17.75 -15.53
CA TRP B 420 -23.62 17.42 -16.82
C TRP B 420 -23.50 18.63 -17.74
N VAL B 421 -23.49 18.36 -19.04
CA VAL B 421 -23.46 19.40 -20.07
C VAL B 421 -24.74 19.31 -20.89
N LEU B 422 -25.46 20.43 -20.99
CA LEU B 422 -26.62 20.52 -21.86
C LEU B 422 -26.16 21.03 -23.22
N ILE B 423 -26.56 20.34 -24.28
CA ILE B 423 -26.27 20.74 -25.65
C ILE B 423 -27.56 21.19 -26.31
N LEU B 424 -27.57 22.41 -26.81
CA LEU B 424 -28.71 22.96 -27.53
C LEU B 424 -28.26 23.27 -28.95
N ASP B 425 -28.93 22.67 -29.93
CA ASP B 425 -28.56 22.78 -31.33
C ASP B 425 -29.70 23.43 -32.11
N ASP B 426 -29.34 24.31 -33.05
CA ASP B 426 -30.31 24.71 -34.06
C ASP B 426 -30.65 23.50 -34.91
N ALA B 427 -31.92 23.10 -34.87
CA ALA B 427 -32.33 21.88 -35.55
C ALA B 427 -32.12 21.97 -37.05
N SER B 428 -32.28 23.16 -37.64
CA SER B 428 -32.11 23.33 -39.07
C SER B 428 -30.67 23.12 -39.52
N LYS B 429 -29.69 23.28 -38.62
CA LYS B 429 -28.29 23.12 -39.00
C LYS B 429 -27.88 21.66 -39.16
N ASN B 430 -28.65 20.73 -38.57
CA ASN B 430 -28.40 19.29 -38.68
C ASN B 430 -26.98 18.95 -38.24
N PHE B 431 -26.74 19.14 -36.95
CA PHE B 431 -25.43 18.87 -36.37
C PHE B 431 -25.28 17.41 -36.00
N LEU B 432 -24.12 16.84 -36.31
CA LEU B 432 -23.83 15.47 -35.92
C LEU B 432 -23.59 15.38 -34.42
N LYS B 433 -23.96 14.24 -33.84
CA LYS B 433 -23.79 14.05 -32.40
C LYS B 433 -22.31 14.10 -32.04
N PRO B 434 -21.94 14.81 -30.97
CA PRO B 434 -20.56 14.85 -30.47
C PRO B 434 -19.97 13.47 -30.24
N GLN C 1 -32.51 4.48 33.35
CA GLN C 1 -32.10 4.97 34.66
C GLN C 1 -30.88 5.86 34.55
N THR C 2 -29.80 5.34 33.95
CA THR C 2 -28.66 6.18 33.63
C THR C 2 -29.03 7.19 32.56
N TYR C 3 -29.53 6.71 31.43
CA TYR C 3 -29.81 7.56 30.26
C TYR C 3 -31.31 7.71 30.09
N THR C 4 -31.75 8.96 30.03
CA THR C 4 -33.16 9.28 29.83
C THR C 4 -33.27 10.45 28.86
N VAL C 5 -34.46 10.60 28.28
CA VAL C 5 -34.73 11.72 27.39
C VAL C 5 -35.05 12.95 28.25
N SER C 6 -34.51 14.09 27.85
CA SER C 6 -34.78 15.33 28.58
C SER C 6 -36.27 15.66 28.54
N GLU C 7 -36.68 16.57 29.43
CA GLU C 7 -38.09 16.87 29.57
C GLU C 7 -38.64 17.60 28.36
N ASN C 8 -37.83 18.42 27.69
CA ASN C 8 -38.25 19.02 26.43
C ASN C 8 -38.10 18.05 25.26
N LYS C 9 -37.60 16.85 25.51
CA LYS C 9 -37.54 15.76 24.54
C LYS C 9 -36.66 16.09 23.34
N ARG C 10 -35.72 17.02 23.51
CA ARG C 10 -34.76 17.35 22.46
C ARG C 10 -33.38 16.74 22.70
N PHE C 11 -33.07 16.34 23.94
CA PHE C 11 -31.73 15.94 24.29
C PHE C 11 -31.77 14.69 25.17
N LEU C 12 -30.57 14.16 25.44
CA LEU C 12 -30.39 13.03 26.34
C LEU C 12 -29.85 13.52 27.68
N LEU C 13 -30.15 12.76 28.73
CA LEU C 13 -29.66 13.03 30.06
C LEU C 13 -28.93 11.81 30.59
N LYS C 14 -27.86 12.04 31.34
CA LYS C 14 -27.13 10.98 32.02
C LYS C 14 -27.17 11.26 33.51
N ASP C 15 -27.85 10.38 34.26
CA ASP C 15 -28.03 10.55 35.71
C ASP C 15 -28.66 11.90 36.03
N GLY C 16 -29.59 12.32 35.19
CA GLY C 16 -30.27 13.60 35.36
C GLY C 16 -29.52 14.79 34.80
N LYS C 17 -28.23 14.66 34.48
CA LYS C 17 -27.48 15.78 33.92
C LYS C 17 -27.50 15.74 32.40
N PRO C 18 -27.41 16.90 31.75
CA PRO C 18 -27.31 16.91 30.28
C PRO C 18 -26.10 16.10 29.83
N PHE C 19 -26.31 15.25 28.83
CA PHE C 19 -25.30 14.31 28.35
C PHE C 19 -25.00 14.61 26.89
N PHE C 20 -23.77 15.05 26.60
CA PHE C 20 -23.35 15.30 25.22
C PHE C 20 -22.82 14.01 24.63
N TRP C 21 -23.57 13.46 23.68
CA TRP C 21 -23.17 12.27 22.93
C TRP C 21 -22.13 12.69 21.89
N LEU C 22 -20.89 12.26 22.09
CA LEU C 22 -19.84 12.37 21.08
C LEU C 22 -19.33 10.95 20.84
N GLY C 23 -19.74 10.35 19.73
CA GLY C 23 -19.45 8.97 19.45
C GLY C 23 -18.31 8.75 18.48
N ASP C 24 -17.63 7.62 18.66
CA ASP C 24 -16.77 7.03 17.64
C ASP C 24 -17.41 5.73 17.19
N THR C 25 -17.12 5.33 15.95
CA THR C 25 -17.71 4.13 15.35
C THR C 25 -16.69 3.01 15.39
N ALA C 26 -16.95 1.99 16.22
CA ALA C 26 -16.09 0.83 16.37
C ALA C 26 -16.91 -0.45 16.23
N TRP C 27 -17.54 -0.62 15.06
CA TRP C 27 -18.44 -1.75 14.84
C TRP C 27 -17.79 -3.06 15.26
N GLU C 28 -16.56 -3.31 14.80
CA GLU C 28 -15.88 -4.58 15.03
C GLU C 28 -15.09 -4.63 16.35
N LEU C 29 -15.35 -3.70 17.27
CA LEU C 29 -14.57 -3.59 18.50
C LEU C 29 -14.50 -4.91 19.26
N PHE C 30 -15.68 -5.49 19.57
CA PHE C 30 -15.71 -6.75 20.30
C PHE C 30 -15.15 -7.88 19.45
N HIS C 31 -15.35 -7.81 18.14
CA HIS C 31 -15.04 -8.91 17.25
C HIS C 31 -13.55 -9.05 16.98
N ARG C 32 -12.80 -7.93 16.96
CA ARG C 32 -11.46 -7.96 16.41
C ARG C 32 -10.37 -7.44 17.34
N LEU C 33 -10.69 -6.79 18.46
CA LEU C 33 -9.68 -6.26 19.37
C LEU C 33 -9.59 -7.15 20.60
N ASP C 34 -8.36 -7.61 20.90
CA ASP C 34 -8.14 -8.36 22.13
C ASP C 34 -8.10 -7.40 23.32
N ARG C 35 -7.79 -7.93 24.50
CA ARG C 35 -7.91 -7.14 25.72
C ARG C 35 -6.92 -5.97 25.72
N GLU C 36 -5.73 -6.18 25.17
CA GLU C 36 -4.73 -5.11 25.15
C GLU C 36 -5.06 -4.06 24.09
N ASP C 37 -5.47 -4.50 22.90
CA ASP C 37 -5.90 -3.56 21.86
C ASP C 37 -7.06 -2.70 22.34
N ALA C 38 -8.02 -3.30 23.05
CA ALA C 38 -9.20 -2.56 23.46
C ALA C 38 -8.86 -1.48 24.48
N ASP C 39 -8.00 -1.79 25.45
CA ASP C 39 -7.54 -0.77 26.39
C ASP C 39 -6.84 0.38 25.67
N TYR C 40 -6.02 0.04 24.66
CA TYR C 40 -5.34 1.08 23.88
C TYR C 40 -6.35 1.96 23.15
N TYR C 41 -7.37 1.36 22.56
CA TYR C 41 -8.38 2.13 21.82
C TYR C 41 -9.20 3.01 22.75
N LEU C 42 -9.72 2.44 23.84
CA LEU C 42 -10.64 3.19 24.70
C LEU C 42 -9.92 4.30 25.44
N LYS C 43 -8.70 4.06 25.90
CA LYS C 43 -7.94 5.09 26.58
C LYS C 43 -7.71 6.30 25.69
N LYS C 44 -7.36 6.07 24.43
CA LYS C 44 -7.08 7.17 23.53
C LYS C 44 -8.36 7.93 23.17
N ARG C 45 -9.45 7.22 22.89
CA ARG C 45 -10.72 7.88 22.60
C ARG C 45 -11.19 8.69 23.82
N ALA C 46 -11.01 8.13 25.01
CA ALA C 46 -11.31 8.88 26.23
C ALA C 46 -10.47 10.16 26.30
N ALA C 47 -9.17 10.05 26.02
CA ALA C 47 -8.32 11.23 26.04
C ALA C 47 -8.73 12.25 24.99
N GLN C 48 -9.32 11.77 23.88
CA GLN C 48 -9.81 12.65 22.82
C GLN C 48 -11.22 13.16 23.08
N LYS C 49 -11.76 12.93 24.28
CA LYS C 49 -13.00 13.52 24.81
C LYS C 49 -14.27 12.89 24.25
N TYR C 50 -14.18 11.74 23.59
CA TYR C 50 -15.40 11.04 23.18
C TYR C 50 -16.12 10.50 24.41
N THR C 51 -17.44 10.38 24.29
CA THR C 51 -18.25 9.84 25.37
C THR C 51 -18.96 8.55 25.01
N VAL C 52 -19.16 8.26 23.72
CA VAL C 52 -19.93 7.11 23.27
C VAL C 52 -19.10 6.31 22.27
N ILE C 53 -19.09 4.99 22.43
CA ILE C 53 -18.47 4.07 21.48
C ILE C 53 -19.54 3.12 20.97
N GLN C 54 -19.76 3.13 19.66
CA GLN C 54 -20.74 2.24 19.03
C GLN C 54 -20.05 0.96 18.59
N ALA C 55 -20.59 -0.19 19.00
CA ALA C 55 -19.98 -1.47 18.72
C ALA C 55 -21.04 -2.55 18.66
N VAL C 56 -20.72 -3.66 17.99
CA VAL C 56 -21.68 -4.68 17.60
C VAL C 56 -21.32 -6.02 18.23
N ALA C 57 -22.33 -6.71 18.75
CA ALA C 57 -22.10 -8.04 19.34
C ALA C 57 -21.88 -9.10 18.26
N LEU C 58 -22.79 -9.20 17.30
CA LEU C 58 -22.67 -10.14 16.18
C LEU C 58 -22.23 -9.34 14.96
N ALA C 59 -20.91 -9.15 14.84
CA ALA C 59 -20.33 -8.16 13.94
C ALA C 59 -20.57 -8.52 12.48
N GLU C 60 -20.31 -7.53 11.61
CA GLU C 60 -20.61 -7.66 10.19
C GLU C 60 -19.64 -8.61 9.49
N PHE C 61 -18.36 -8.58 9.87
CA PHE C 61 -17.31 -9.34 9.18
C PHE C 61 -17.39 -10.82 9.57
N ASP C 62 -18.45 -11.48 9.09
CA ASP C 62 -18.65 -12.92 9.34
C ASP C 62 -18.65 -13.20 10.84
N GLY C 63 -19.41 -12.40 11.58
CA GLY C 63 -19.30 -12.36 13.03
C GLY C 63 -19.68 -13.65 13.73
N LEU C 64 -20.47 -14.51 13.09
CA LEU C 64 -20.89 -15.76 13.71
C LEU C 64 -19.86 -16.87 13.55
N ASN C 65 -19.17 -16.93 12.41
CA ASN C 65 -18.31 -18.06 12.10
C ASN C 65 -16.82 -17.76 12.24
N VAL C 66 -16.41 -16.49 12.14
CA VAL C 66 -15.05 -16.09 12.46
C VAL C 66 -15.01 -15.72 13.94
N PRO C 67 -14.36 -16.49 14.79
CA PRO C 67 -14.40 -16.22 16.23
C PRO C 67 -13.64 -14.94 16.58
N ASN C 68 -13.76 -14.57 17.85
CA ASN C 68 -13.15 -13.34 18.37
C ASN C 68 -11.65 -13.59 18.57
N PRO C 69 -10.88 -12.58 19.01
CA PRO C 69 -9.42 -12.78 19.17
C PRO C 69 -9.03 -13.95 20.04
N TYR C 70 -9.94 -14.46 20.89
CA TYR C 70 -9.60 -15.56 21.78
C TYR C 70 -10.18 -16.90 21.32
N GLY C 71 -10.72 -16.96 20.11
CA GLY C 71 -11.22 -18.20 19.55
C GLY C 71 -12.67 -18.52 19.86
N ASP C 72 -13.40 -17.60 20.46
CA ASP C 72 -14.78 -17.84 20.86
C ASP C 72 -15.73 -17.19 19.85
N LYS C 73 -16.76 -17.94 19.49
CA LYS C 73 -17.84 -17.49 18.63
C LYS C 73 -19.06 -17.10 19.47
N PRO C 74 -19.86 -16.14 19.02
CA PRO C 74 -20.87 -15.55 19.91
C PRO C 74 -22.09 -16.42 20.16
N LEU C 75 -22.50 -17.23 19.18
CA LEU C 75 -23.71 -18.03 19.30
C LEU C 75 -23.35 -19.51 19.19
N LEU C 76 -23.63 -20.26 20.25
CA LEU C 76 -23.50 -21.71 20.20
C LEU C 76 -24.45 -22.28 19.15
N ASN C 77 -23.87 -22.98 18.16
CA ASN C 77 -24.61 -23.53 17.04
C ASN C 77 -25.30 -22.45 16.20
N ASN C 78 -24.73 -21.24 16.20
CA ASN C 78 -25.29 -20.11 15.47
C ASN C 78 -26.76 -19.89 15.80
N ASP C 79 -27.15 -20.28 17.02
CA ASP C 79 -28.52 -20.17 17.50
C ASP C 79 -28.63 -18.96 18.41
N PRO C 80 -29.41 -17.94 18.05
CA PRO C 80 -29.50 -16.76 18.93
C PRO C 80 -30.11 -17.05 20.28
N THR C 81 -30.76 -18.20 20.46
CA THR C 81 -31.32 -18.54 21.77
C THR C 81 -30.29 -19.10 22.72
N THR C 82 -29.09 -19.45 22.23
CA THR C 82 -28.03 -20.01 23.07
C THR C 82 -26.73 -19.24 22.83
N PRO C 83 -26.65 -18.01 23.33
CA PRO C 83 -25.40 -17.25 23.20
C PRO C 83 -24.28 -17.90 23.99
N ASN C 84 -23.05 -17.67 23.52
CA ASN C 84 -21.86 -18.32 24.09
C ASN C 84 -21.27 -17.40 25.14
N ASP C 85 -21.30 -17.85 26.40
CA ASP C 85 -20.80 -17.04 27.50
C ASP C 85 -19.32 -16.74 27.37
N ALA C 86 -18.55 -17.65 26.76
CA ALA C 86 -17.11 -17.42 26.59
C ALA C 86 -16.84 -16.22 25.70
N TYR C 87 -17.60 -16.09 24.60
CA TYR C 87 -17.48 -14.92 23.74
C TYR C 87 -17.88 -13.65 24.48
N PHE C 88 -19.04 -13.68 25.13
CA PHE C 88 -19.54 -12.47 25.77
C PHE C 88 -18.79 -12.12 27.05
N LYS C 89 -17.96 -13.03 27.57
CA LYS C 89 -17.05 -12.62 28.64
C LYS C 89 -16.06 -11.59 28.14
N HIS C 90 -15.66 -11.68 26.86
CA HIS C 90 -14.84 -10.63 26.28
C HIS C 90 -15.63 -9.35 26.06
N VAL C 91 -16.92 -9.49 25.71
CA VAL C 91 -17.79 -8.32 25.61
C VAL C 91 -17.89 -7.63 26.95
N ASP C 92 -18.05 -8.42 28.03
CA ASP C 92 -18.05 -7.86 29.38
C ASP C 92 -16.79 -7.04 29.64
N PHE C 93 -15.64 -7.59 29.27
CA PHE C 93 -14.37 -6.91 29.50
C PHE C 93 -14.35 -5.54 28.85
N ILE C 94 -14.84 -5.43 27.62
CA ILE C 94 -14.76 -4.16 26.90
C ILE C 94 -15.81 -3.18 27.41
N ILE C 95 -16.99 -3.68 27.76
CA ILE C 95 -18.02 -2.80 28.34
C ILE C 95 -17.53 -2.23 29.67
N ASP C 96 -16.94 -3.08 30.52
CA ASP C 96 -16.47 -2.62 31.82
C ASP C 96 -15.24 -1.74 31.68
N LYS C 97 -14.34 -2.07 30.75
CA LYS C 97 -13.15 -1.24 30.53
C LYS C 97 -13.54 0.14 30.04
N ALA C 98 -14.57 0.22 29.18
CA ALA C 98 -15.04 1.51 28.70
C ALA C 98 -15.66 2.32 29.83
N ALA C 99 -16.33 1.66 30.77
CA ALA C 99 -16.88 2.37 31.93
C ALA C 99 -15.77 2.95 32.77
N GLU C 100 -14.67 2.21 32.95
CA GLU C 100 -13.51 2.73 33.66
C GLU C 100 -13.04 4.05 33.07
N TYR C 101 -13.07 4.18 31.75
CA TYR C 101 -12.61 5.37 31.07
C TYR C 101 -13.72 6.41 30.88
N GLY C 102 -14.85 6.25 31.57
CA GLY C 102 -15.94 7.19 31.45
C GLY C 102 -16.67 7.14 30.12
N LEU C 103 -16.61 6.00 29.44
CA LEU C 103 -17.16 5.86 28.09
C LEU C 103 -18.46 5.07 28.12
N THR C 104 -19.39 5.45 27.26
CA THR C 104 -20.68 4.78 27.12
C THR C 104 -20.67 3.97 25.83
N ILE C 105 -21.10 2.71 25.93
CA ILE C 105 -21.14 1.84 24.77
C ILE C 105 -22.53 1.90 24.14
N GLY C 106 -22.60 2.37 22.90
CA GLY C 106 -23.78 2.19 22.09
C GLY C 106 -23.82 0.77 21.56
N PHE C 107 -24.55 -0.09 22.27
CA PHE C 107 -24.44 -1.54 22.08
C PHE C 107 -25.39 -2.00 20.99
N LEU C 108 -24.84 -2.57 19.92
CA LEU C 108 -25.65 -3.15 18.86
C LEU C 108 -25.77 -4.65 19.09
N PRO C 109 -26.95 -5.17 19.42
CA PRO C 109 -27.09 -6.62 19.61
C PRO C 109 -26.67 -7.45 18.40
N THR C 110 -26.87 -6.93 17.19
CA THR C 110 -26.50 -7.67 16.00
C THR C 110 -26.38 -6.70 14.83
N TRP C 111 -25.46 -7.01 13.91
CA TRP C 111 -25.49 -6.35 12.61
C TRP C 111 -26.67 -6.88 11.80
N GLY C 112 -27.11 -6.06 10.85
CA GLY C 112 -28.32 -6.37 10.11
C GLY C 112 -28.22 -7.60 9.22
N ASP C 113 -26.99 -8.00 8.85
CA ASP C 113 -26.83 -9.13 7.95
C ASP C 113 -27.22 -10.46 8.59
N LYS C 114 -27.40 -10.50 9.92
CA LYS C 114 -27.91 -11.70 10.56
C LYS C 114 -29.43 -11.81 10.47
N LEU C 115 -30.10 -10.76 9.99
CA LEU C 115 -31.52 -10.83 9.65
C LEU C 115 -31.73 -10.85 8.14
N ASN C 116 -31.07 -9.95 7.41
CA ASN C 116 -31.20 -9.86 5.97
C ASN C 116 -29.79 -9.65 5.40
N LYS C 117 -29.22 -10.70 4.81
CA LYS C 117 -27.89 -10.58 4.24
C LYS C 117 -27.86 -9.55 3.11
N SER C 118 -28.92 -9.50 2.31
CA SER C 118 -28.99 -8.68 1.10
C SER C 118 -27.90 -9.17 0.15
N THR C 119 -27.42 -8.30 -0.74
CA THR C 119 -26.54 -8.74 -1.82
C THR C 119 -25.09 -8.88 -1.41
N TRP C 120 -24.66 -8.23 -0.33
CA TRP C 120 -23.26 -8.22 0.04
C TRP C 120 -22.97 -8.76 1.44
N GLY C 121 -23.99 -9.10 2.21
CA GLY C 121 -23.78 -9.51 3.58
C GLY C 121 -23.32 -10.95 3.71
N LYS C 122 -22.48 -11.19 4.72
CA LYS C 122 -22.00 -12.54 5.00
C LYS C 122 -23.04 -13.36 5.74
N GLY C 123 -23.71 -12.76 6.73
CA GLY C 123 -24.68 -13.46 7.54
C GLY C 123 -24.01 -14.48 8.45
N PRO C 124 -24.61 -15.67 8.56
CA PRO C 124 -25.86 -16.12 7.92
C PRO C 124 -27.11 -15.55 8.60
N GLU C 125 -28.26 -15.70 7.98
CA GLU C 125 -29.52 -15.21 8.54
C GLU C 125 -30.05 -16.21 9.55
N VAL C 126 -30.14 -15.80 10.82
CA VAL C 126 -30.58 -16.68 11.90
C VAL C 126 -31.71 -16.08 12.71
N PHE C 127 -32.17 -14.87 12.40
CA PHE C 127 -33.14 -14.17 13.24
C PHE C 127 -34.55 -14.32 12.68
N ASN C 128 -35.48 -14.67 13.55
CA ASN C 128 -36.91 -14.58 13.31
C ASN C 128 -37.54 -13.86 14.49
N THR C 129 -38.87 -13.73 14.47
CA THR C 129 -39.55 -13.01 15.55
C THR C 129 -39.40 -13.72 16.88
N ASN C 130 -39.39 -15.05 16.89
CA ASN C 130 -39.33 -15.79 18.13
C ASN C 130 -37.96 -15.64 18.80
N ASN C 131 -36.88 -15.95 18.07
CA ASN C 131 -35.56 -15.91 18.69
C ASN C 131 -34.99 -14.51 18.81
N ALA C 132 -35.58 -13.52 18.13
CA ALA C 132 -35.14 -12.13 18.33
C ALA C 132 -35.46 -11.67 19.74
N ARG C 133 -36.64 -12.00 20.24
CA ARG C 133 -37.02 -11.60 21.59
C ARG C 133 -36.21 -12.34 22.63
N ILE C 134 -35.94 -13.64 22.40
CA ILE C 134 -35.18 -14.42 23.36
C ILE C 134 -33.74 -13.92 23.44
N TYR C 135 -33.14 -13.63 22.28
CA TYR C 135 -31.78 -13.10 22.28
C TYR C 135 -31.71 -11.71 22.89
N GLY C 136 -32.69 -10.85 22.59
CA GLY C 136 -32.74 -9.56 23.24
C GLY C 136 -32.94 -9.67 24.73
N LYS C 137 -33.71 -10.67 25.17
CA LYS C 137 -33.88 -10.90 26.61
C LYS C 137 -32.59 -11.39 27.24
N TRP C 138 -31.84 -12.24 26.53
CA TRP C 138 -30.58 -12.77 27.08
C TRP C 138 -29.56 -11.66 27.28
N LEU C 139 -29.42 -10.77 26.29
CA LEU C 139 -28.48 -9.66 26.41
C LEU C 139 -28.90 -8.70 27.52
N ALA C 140 -30.19 -8.36 27.57
CA ALA C 140 -30.67 -7.45 28.59
C ALA C 140 -30.53 -8.04 29.99
N ASN C 141 -30.69 -9.36 30.11
CA ASN C 141 -30.50 -10.01 31.41
C ASN C 141 -29.05 -9.88 31.87
N ARG C 142 -28.09 -10.02 30.94
CA ARG C 142 -26.69 -9.93 31.33
C ARG C 142 -26.29 -8.50 31.70
N TYR C 143 -26.86 -7.51 31.04
CA TYR C 143 -26.45 -6.12 31.18
C TYR C 143 -27.53 -5.25 31.79
N LYS C 144 -28.36 -5.82 32.67
CA LYS C 144 -29.42 -5.04 33.29
C LYS C 144 -28.86 -4.08 34.34
N ASN C 145 -27.71 -4.39 34.92
CA ASN C 145 -27.11 -3.55 35.96
C ASN C 145 -25.96 -2.72 35.45
N LYS C 146 -25.57 -2.88 34.19
CA LYS C 146 -24.57 -2.00 33.61
C LYS C 146 -25.12 -0.58 33.53
N LYS C 147 -24.25 0.40 33.75
CA LYS C 147 -24.66 1.79 33.78
C LYS C 147 -24.08 2.62 32.64
N ASN C 148 -23.51 1.99 31.63
CA ASN C 148 -22.87 2.71 30.53
C ASN C 148 -23.26 2.11 29.18
N ILE C 149 -24.53 1.70 29.05
CA ILE C 149 -24.98 1.01 27.85
C ILE C 149 -26.21 1.72 27.29
N ILE C 150 -26.16 2.04 26.00
CA ILE C 150 -27.31 2.46 25.21
C ILE C 150 -27.51 1.43 24.11
N TRP C 151 -28.76 1.06 23.86
CA TRP C 151 -29.09 -0.04 22.96
C TRP C 151 -29.40 0.50 21.57
N ILE C 152 -28.73 -0.05 20.56
CA ILE C 152 -28.91 0.36 19.17
C ILE C 152 -29.31 -0.88 18.39
N LEU C 153 -30.58 -0.94 17.98
CA LEU C 153 -31.05 -2.04 17.16
C LEU C 153 -30.75 -1.79 15.69
N GLY C 154 -30.93 -2.83 14.89
CA GLY C 154 -30.64 -2.75 13.47
C GLY C 154 -29.16 -2.79 13.19
N GLY C 155 -28.79 -2.25 12.03
CA GLY C 155 -27.40 -2.18 11.64
C GLY C 155 -27.23 -2.21 10.13
N ASP C 156 -27.49 -1.09 9.48
CA ASP C 156 -27.29 -0.92 8.05
C ASP C 156 -28.13 -1.89 7.24
N ARG C 157 -29.40 -2.06 7.63
CA ARG C 157 -30.35 -2.88 6.88
C ARG C 157 -31.72 -2.23 6.94
N THR C 158 -32.18 -1.71 5.81
CA THR C 158 -33.54 -1.20 5.72
C THR C 158 -34.53 -2.35 5.88
N PRO C 159 -35.48 -2.24 6.81
CA PRO C 159 -36.52 -3.27 6.92
C PRO C 159 -37.22 -3.48 5.59
N ARG C 160 -37.22 -4.72 5.12
CA ARG C 160 -37.73 -5.01 3.79
C ARG C 160 -39.25 -4.83 3.74
N PRO C 161 -39.78 -4.23 2.68
CA PRO C 161 -41.24 -4.10 2.56
C PRO C 161 -41.89 -5.47 2.57
N ASN C 162 -43.06 -5.54 3.20
CA ASN C 162 -43.89 -6.75 3.28
C ASN C 162 -43.16 -7.90 3.97
N SER C 163 -42.16 -7.60 4.78
CA SER C 163 -41.41 -8.61 5.50
C SER C 163 -41.79 -8.60 6.98
N ASP C 164 -41.22 -9.55 7.71
CA ASP C 164 -41.33 -9.60 9.17
C ASP C 164 -40.21 -8.80 9.85
N ASP C 165 -39.45 -8.00 9.09
CA ASP C 165 -38.27 -7.35 9.64
C ASP C 165 -38.64 -6.37 10.76
N VAL C 166 -39.61 -5.49 10.50
CA VAL C 166 -40.06 -4.56 11.53
C VAL C 166 -40.52 -5.31 12.77
N LYS C 167 -41.22 -6.43 12.56
CA LYS C 167 -41.66 -7.25 13.69
C LYS C 167 -40.46 -7.85 14.42
N VAL C 168 -39.42 -8.22 13.68
CA VAL C 168 -38.24 -8.82 14.30
C VAL C 168 -37.57 -7.83 15.25
N TRP C 169 -37.35 -6.59 14.77
CA TRP C 169 -36.74 -5.58 15.62
C TRP C 169 -37.65 -5.16 16.76
N ARG C 170 -38.97 -5.18 16.54
CA ARG C 170 -39.90 -4.92 17.64
C ARG C 170 -39.89 -6.06 18.64
N ALA C 171 -39.68 -7.30 18.17
CA ALA C 171 -39.55 -8.42 19.08
C ALA C 171 -38.26 -8.32 19.89
N MET C 172 -37.16 -7.94 19.23
CA MET C 172 -35.90 -7.77 19.95
C MET C 172 -36.01 -6.68 21.01
N ALA C 173 -36.71 -5.59 20.69
CA ALA C 173 -36.93 -4.53 21.67
C ALA C 173 -37.73 -5.05 22.87
N ALA C 174 -38.79 -5.81 22.61
CA ALA C 174 -39.59 -6.36 23.69
C ALA C 174 -38.79 -7.28 24.60
N GLY C 175 -37.82 -8.01 24.03
CA GLY C 175 -36.94 -8.81 24.86
C GLY C 175 -36.02 -7.96 25.72
N ILE C 176 -35.54 -6.84 25.16
CA ILE C 176 -34.63 -5.97 25.89
C ILE C 176 -35.38 -5.25 27.02
N VAL C 177 -36.54 -4.69 26.70
CA VAL C 177 -37.35 -4.01 27.71
C VAL C 177 -37.70 -4.96 28.85
N GLU C 178 -38.04 -6.22 28.51
CA GLU C 178 -38.35 -7.20 29.54
C GLU C 178 -37.12 -7.54 30.37
N GLY C 179 -35.96 -7.66 29.72
CA GLY C 179 -34.76 -8.07 30.43
C GLY C 179 -34.25 -7.05 31.42
N VAL C 180 -34.48 -5.76 31.14
CA VAL C 180 -34.00 -4.69 32.01
C VAL C 180 -35.06 -4.22 33.00
N GLY C 181 -36.32 -4.64 32.84
CA GLY C 181 -37.34 -4.36 33.82
C GLY C 181 -38.33 -3.28 33.45
N GLY C 182 -38.26 -2.72 32.26
CA GLY C 182 -39.23 -1.72 31.85
C GLY C 182 -38.65 -0.79 30.81
N ASN C 183 -39.55 0.02 30.22
CA ASN C 183 -39.16 0.98 29.20
C ASN C 183 -38.23 2.05 29.76
N ASP C 184 -38.41 2.41 31.03
CA ASP C 184 -37.58 3.45 31.64
C ASP C 184 -36.16 2.97 31.89
N LYS C 185 -35.93 1.65 31.92
CA LYS C 185 -34.63 1.09 32.25
C LYS C 185 -33.78 0.81 31.02
N ALA C 186 -34.16 1.33 29.86
CA ALA C 186 -33.38 1.12 28.64
C ALA C 186 -33.62 2.26 27.67
N LEU C 187 -32.53 2.82 27.15
CA LEU C 187 -32.57 3.76 26.04
C LEU C 187 -32.23 2.97 24.78
N ILE C 188 -33.16 2.99 23.82
CA ILE C 188 -33.06 2.15 22.63
C ILE C 188 -33.28 3.00 21.39
N THR C 189 -32.50 2.74 20.35
CA THR C 189 -32.73 3.35 19.05
C THR C 189 -32.52 2.30 17.96
N PHE C 190 -32.47 2.76 16.71
CA PHE C 190 -32.33 1.90 15.55
C PHE C 190 -31.37 2.57 14.59
N HIS C 191 -30.32 1.85 14.18
CA HIS C 191 -29.38 2.36 13.19
C HIS C 191 -29.88 2.00 11.79
N PRO C 192 -30.09 2.96 10.91
CA PRO C 192 -30.70 2.65 9.61
C PRO C 192 -29.74 2.75 8.44
N GLN C 193 -30.23 2.40 7.25
CA GLN C 193 -29.56 2.74 6.01
C GLN C 193 -29.87 4.19 5.66
N PRO C 194 -29.20 4.77 4.67
CA PRO C 194 -29.53 6.14 4.27
C PRO C 194 -30.98 6.28 3.84
N ASN C 195 -31.62 7.33 4.35
CA ASN C 195 -32.98 7.70 3.94
C ASN C 195 -33.23 9.11 4.42
N LYS C 196 -34.47 9.59 4.24
CA LYS C 196 -34.81 10.95 4.60
C LYS C 196 -35.50 11.07 5.96
N GLU C 197 -36.15 10.02 6.44
CA GLU C 197 -36.81 10.06 7.73
C GLU C 197 -36.00 9.39 8.84
N GLY C 198 -34.98 8.62 8.49
CA GLY C 198 -34.23 7.95 9.54
C GLY C 198 -34.99 6.73 10.04
N ALA C 199 -34.53 6.21 11.17
CA ALA C 199 -35.19 5.06 11.80
C ALA C 199 -36.66 5.34 12.06
N SER C 200 -37.03 6.61 12.22
CA SER C 200 -38.43 7.00 12.41
C SER C 200 -39.32 6.61 11.25
N GLN C 201 -38.75 6.25 10.09
CA GLN C 201 -39.59 5.83 8.96
C GLN C 201 -40.49 4.65 9.35
N TRP C 202 -40.00 3.77 10.21
CA TRP C 202 -40.76 2.61 10.66
C TRP C 202 -41.12 2.62 12.14
N PHE C 203 -40.34 3.31 12.97
CA PHE C 203 -40.37 3.08 14.41
C PHE C 203 -40.77 4.30 15.24
N HIS C 204 -41.16 5.41 14.62
CA HIS C 204 -41.28 6.65 15.39
C HIS C 204 -42.35 6.55 16.47
N ALA C 205 -43.54 6.05 16.12
CA ALA C 205 -44.60 5.95 17.12
C ALA C 205 -44.36 4.81 18.12
N ASP C 206 -43.30 4.02 17.96
CA ASP C 206 -43.06 2.90 18.85
C ASP C 206 -42.68 3.40 20.26
N GLU C 207 -43.23 2.72 21.28
CA GLU C 207 -43.04 3.15 22.66
C GLU C 207 -41.59 2.96 23.11
N TRP C 208 -40.96 1.87 22.68
CA TRP C 208 -39.57 1.58 23.03
C TRP C 208 -38.57 2.47 22.29
N PHE C 209 -39.01 3.16 21.25
CA PHE C 209 -38.14 3.97 20.40
C PHE C 209 -37.89 5.30 21.10
N ASP C 210 -36.75 5.40 21.79
CA ASP C 210 -36.51 6.56 22.63
C ASP C 210 -36.02 7.77 21.84
N PHE C 211 -35.22 7.55 20.79
CA PHE C 211 -34.76 8.64 19.94
C PHE C 211 -34.49 8.14 18.53
N ASN C 212 -34.49 9.07 17.59
CA ASN C 212 -34.32 8.78 16.17
C ASN C 212 -32.85 8.91 15.78
N MET C 213 -32.40 8.02 14.90
CA MET C 213 -31.01 7.99 14.45
C MET C 213 -30.96 7.89 12.93
N PHE C 214 -30.06 8.66 12.33
CA PHE C 214 -29.87 8.71 10.89
C PHE C 214 -28.57 8.00 10.50
N GLN C 215 -28.44 7.78 9.19
CA GLN C 215 -27.14 7.55 8.54
C GLN C 215 -27.08 8.55 7.39
N ASN C 216 -26.47 9.71 7.64
CA ASN C 216 -26.43 10.76 6.64
C ASN C 216 -25.21 10.68 5.73
N GLY C 217 -24.23 9.83 6.03
CA GLY C 217 -23.11 9.63 5.14
C GLY C 217 -23.52 8.94 3.85
N HIS C 218 -22.57 8.84 2.92
CA HIS C 218 -21.20 9.34 3.02
C HIS C 218 -20.84 10.17 1.79
N CYS C 219 -21.73 11.08 1.39
CA CYS C 219 -21.49 11.93 0.24
C CYS C 219 -21.18 13.35 0.68
N ARG C 220 -20.70 14.15 -0.27
CA ARG C 220 -20.37 15.55 -0.05
C ARG C 220 -21.52 16.45 -0.48
N ASP C 221 -21.63 17.60 0.18
CA ASP C 221 -22.57 18.65 -0.18
C ASP C 221 -24.02 18.16 -0.15
N THR C 222 -24.30 17.15 0.65
CA THR C 222 -25.70 16.74 0.77
C THR C 222 -26.40 17.56 1.85
N PRO C 223 -27.66 17.94 1.64
CA PRO C 223 -28.37 18.80 2.61
C PRO C 223 -28.80 18.02 3.85
N ILE C 224 -27.80 17.60 4.64
CA ILE C 224 -28.08 16.74 5.80
C ILE C 224 -28.88 17.47 6.86
N TYR C 225 -28.81 18.81 6.88
CA TYR C 225 -29.63 19.58 7.81
C TYR C 225 -31.12 19.35 7.54
N ASP C 226 -31.51 19.21 6.27
CA ASP C 226 -32.91 19.00 5.95
C ASP C 226 -33.42 17.69 6.55
N ASN C 227 -32.58 16.66 6.56
CA ASN C 227 -32.96 15.39 7.19
C ASN C 227 -33.20 15.57 8.69
N ILE C 228 -32.24 16.19 9.37
CA ILE C 228 -32.38 16.42 10.82
C ILE C 228 -33.60 17.29 11.09
N LYS C 229 -33.81 18.33 10.28
CA LYS C 229 -34.93 19.23 10.47
C LYS C 229 -36.27 18.51 10.30
N GLY C 230 -36.33 17.60 9.33
CA GLY C 230 -37.55 16.81 9.16
C GLY C 230 -37.93 16.05 10.41
N SER C 231 -36.95 15.40 11.05
CA SER C 231 -37.20 14.69 12.29
C SER C 231 -37.53 15.65 13.43
N TYR C 232 -36.79 16.76 13.50
CA TYR C 232 -36.98 17.72 14.60
C TYR C 232 -38.39 18.29 14.60
N ASP C 233 -38.93 18.60 13.42
CA ASP C 233 -40.22 19.27 13.31
C ASP C 233 -41.40 18.30 13.33
N ARG C 234 -41.17 17.02 13.62
CA ARG C 234 -42.26 16.08 13.77
C ARG C 234 -43.16 16.48 14.93
N ALA C 235 -44.44 16.12 14.82
CA ALA C 235 -45.39 16.44 15.88
C ALA C 235 -45.04 15.70 17.17
N LEU C 236 -44.71 14.41 17.06
CA LEU C 236 -44.19 13.67 18.20
C LEU C 236 -42.71 14.03 18.35
N VAL C 237 -42.38 14.69 19.45
CA VAL C 237 -41.04 15.26 19.65
C VAL C 237 -40.17 14.22 20.33
N LYS C 238 -39.15 13.76 19.62
CA LYS C 238 -38.11 12.87 20.13
C LYS C 238 -36.75 13.39 19.68
N PRO C 239 -35.70 13.17 20.47
CA PRO C 239 -34.37 13.61 20.04
C PRO C 239 -33.91 12.85 18.81
N VAL C 240 -32.99 13.48 18.07
CA VAL C 240 -32.51 12.94 16.80
C VAL C 240 -31.00 13.14 16.73
N ILE C 241 -30.31 12.18 16.11
CA ILE C 241 -28.86 12.20 16.02
C ILE C 241 -28.46 11.53 14.71
N ASP C 242 -27.31 11.94 14.17
CA ASP C 242 -26.70 11.25 13.04
C ASP C 242 -25.79 10.17 13.60
N GLY C 243 -26.22 8.91 13.48
CA GLY C 243 -25.43 7.79 13.93
C GLY C 243 -24.34 7.34 12.97
N GLU C 244 -24.33 7.88 11.75
CA GLU C 244 -23.31 7.52 10.77
C GLU C 244 -23.20 8.64 9.75
N PRO C 245 -22.34 9.62 10.00
CA PRO C 245 -22.07 10.64 8.99
C PRO C 245 -21.09 10.09 7.96
N ILE C 246 -20.60 10.95 7.07
CA ILE C 246 -19.47 10.56 6.24
C ILE C 246 -18.32 10.19 7.15
N TYR C 247 -17.61 9.12 6.81
CA TYR C 247 -16.49 8.67 7.60
C TYR C 247 -15.21 9.35 7.13
N GLU C 248 -14.27 9.49 8.06
CA GLU C 248 -12.94 9.95 7.67
C GLU C 248 -12.21 8.83 6.94
N ASP C 249 -11.36 9.23 5.97
CA ASP C 249 -10.60 8.29 5.15
C ASP C 249 -11.52 7.31 4.42
N HIS C 250 -12.65 7.83 3.93
CA HIS C 250 -13.72 7.05 3.33
C HIS C 250 -13.94 7.47 1.87
N PRO C 251 -14.32 6.53 0.99
CA PRO C 251 -14.64 6.92 -0.39
C PRO C 251 -15.84 7.86 -0.43
N VAL C 252 -15.73 8.88 -1.27
CA VAL C 252 -16.74 9.94 -1.34
C VAL C 252 -17.94 9.42 -2.13
N CYS C 253 -19.11 9.42 -1.49
CA CYS C 253 -20.34 8.85 -2.05
C CYS C 253 -20.08 7.45 -2.61
N PHE C 254 -19.19 6.70 -1.93
CA PHE C 254 -18.83 5.34 -2.32
C PHE C 254 -18.34 5.26 -3.76
N ASN C 255 -17.67 6.33 -4.23
CA ASN C 255 -17.13 6.41 -5.59
C ASN C 255 -15.72 7.01 -5.54
N ALA C 256 -14.79 6.26 -4.97
CA ALA C 256 -13.41 6.74 -4.86
C ALA C 256 -12.75 6.91 -6.21
N THR C 257 -13.25 6.24 -7.25
CA THR C 257 -12.64 6.33 -8.57
C THR C 257 -12.77 7.75 -9.13
N ASP C 258 -13.97 8.33 -9.04
CA ASP C 258 -14.19 9.67 -9.57
C ASP C 258 -14.14 10.76 -8.51
N LEU C 259 -14.34 10.42 -7.23
CA LEU C 259 -14.46 11.43 -6.19
C LEU C 259 -13.43 11.29 -5.07
N GLY C 260 -12.63 10.23 -5.07
CA GLY C 260 -11.55 10.13 -4.11
C GLY C 260 -12.04 9.92 -2.68
N ILE C 261 -11.26 10.45 -1.74
CA ILE C 261 -11.41 10.14 -0.33
C ILE C 261 -11.85 11.38 0.43
N SER C 262 -12.56 11.15 1.53
CA SER C 262 -13.00 12.22 2.41
C SER C 262 -11.83 12.86 3.14
N ASN C 263 -12.09 14.01 3.76
CA ASN C 263 -11.07 14.73 4.52
C ASN C 263 -11.66 15.18 5.85
N ALA C 264 -10.79 15.74 6.69
CA ALA C 264 -11.24 16.22 8.01
C ALA C 264 -12.29 17.32 7.86
N TYR C 265 -12.17 18.14 6.80
CA TYR C 265 -13.17 19.16 6.53
C TYR C 265 -14.57 18.57 6.41
N ASP C 266 -14.70 17.49 5.63
CA ASP C 266 -15.99 16.81 5.50
C ASP C 266 -16.51 16.38 6.86
N VAL C 267 -15.64 15.80 7.69
CA VAL C 267 -16.05 15.29 8.99
C VAL C 267 -16.53 16.42 9.88
N ARG C 268 -15.85 17.56 9.83
CA ARG C 268 -16.29 18.72 10.62
C ARG C 268 -17.65 19.22 10.14
N LYS C 269 -17.85 19.28 8.83
CA LYS C 269 -19.07 19.88 8.29
C LYS C 269 -20.29 19.05 8.68
N TYR C 270 -20.18 17.73 8.66
CA TYR C 270 -21.28 16.90 9.13
C TYR C 270 -21.57 17.16 10.60
N ALA C 271 -20.52 17.29 11.42
CA ALA C 271 -20.71 17.45 12.85
C ALA C 271 -21.51 18.70 13.17
N TYR C 272 -21.12 19.84 12.59
CA TYR C 272 -21.73 21.11 12.94
C TYR C 272 -23.08 21.31 12.25
N LEU C 273 -23.21 20.86 11.00
CA LEU C 273 -24.50 20.97 10.34
C LEU C 273 -25.53 20.07 11.02
N ASN C 274 -25.13 18.88 11.48
CA ASN C 274 -26.03 18.02 12.22
C ASN C 274 -26.45 18.67 13.53
N LEU C 275 -25.46 19.08 14.33
CA LEU C 275 -25.76 19.63 15.65
C LEU C 275 -26.61 20.89 15.55
N PHE C 276 -26.21 21.82 14.67
CA PHE C 276 -26.89 23.10 14.58
C PHE C 276 -28.29 22.96 13.98
N ALA C 277 -28.56 21.86 13.30
CA ALA C 277 -29.91 21.58 12.80
C ALA C 277 -30.82 21.01 13.89
N GLY C 278 -30.28 20.69 15.07
CA GLY C 278 -31.07 20.19 16.17
C GLY C 278 -30.63 18.86 16.76
N ALA C 279 -29.57 18.24 16.25
CA ALA C 279 -29.10 16.98 16.82
C ALA C 279 -28.61 17.20 18.25
N PHE C 280 -28.96 16.26 19.13
CA PHE C 280 -28.54 16.37 20.53
C PHE C 280 -27.08 16.01 20.73
N GLY C 281 -26.47 15.37 19.75
CA GLY C 281 -25.07 14.99 19.81
C GLY C 281 -24.60 14.64 18.43
N HIS C 282 -23.48 13.93 18.36
CA HIS C 282 -22.94 13.55 17.07
C HIS C 282 -22.07 12.31 17.22
N THR C 283 -22.25 11.34 16.33
CA THR C 283 -21.36 10.20 16.22
C THR C 283 -20.37 10.47 15.10
N TYR C 284 -19.08 10.27 15.39
CA TYR C 284 -18.03 10.37 14.39
C TYR C 284 -17.64 8.96 13.94
N GLY C 285 -17.15 8.87 12.72
CA GLY C 285 -16.74 7.58 12.18
C GLY C 285 -15.53 7.71 11.28
N CYS C 286 -14.70 6.67 11.30
CA CYS C 286 -13.53 6.59 10.44
C CYS C 286 -13.53 5.25 9.74
N HIS C 287 -13.27 5.27 8.42
CA HIS C 287 -13.36 4.06 7.61
C HIS C 287 -12.41 2.98 8.14
N ASP C 288 -11.30 3.37 8.73
CA ASP C 288 -10.32 2.40 9.22
C ASP C 288 -10.67 1.87 10.60
N ILE C 289 -11.44 2.61 11.38
CA ILE C 289 -11.71 2.25 12.76
C ILE C 289 -12.87 1.27 12.86
N TRP C 290 -13.98 1.52 12.14
CA TRP C 290 -15.16 0.68 12.32
C TRP C 290 -14.88 -0.78 11.99
N GLN C 291 -14.01 -1.03 11.01
CA GLN C 291 -13.61 -2.38 10.63
C GLN C 291 -12.27 -2.77 11.24
N MET C 292 -11.66 -1.88 12.04
CA MET C 292 -10.38 -2.12 12.71
C MET C 292 -9.33 -2.66 11.75
N TYR C 293 -9.11 -1.88 10.69
CA TYR C 293 -8.24 -2.25 9.59
C TYR C 293 -6.90 -2.80 10.08
N SER C 294 -6.54 -3.98 9.59
CA SER C 294 -5.38 -4.75 9.99
C SER C 294 -4.75 -5.41 8.77
N PRO C 295 -3.43 -5.62 8.79
CA PRO C 295 -2.80 -6.38 7.70
C PRO C 295 -3.14 -7.85 7.73
N PHE C 296 -3.73 -8.36 8.80
CA PHE C 296 -3.95 -9.78 9.00
C PHE C 296 -5.43 -10.17 8.94
N ARG C 297 -6.30 -9.28 8.45
CA ARG C 297 -7.73 -9.54 8.45
C ARG C 297 -8.36 -8.98 7.19
N GLU C 298 -9.47 -9.59 6.78
CA GLU C 298 -10.25 -9.13 5.64
C GLU C 298 -10.66 -7.67 5.83
N ALA C 299 -10.53 -6.89 4.77
CA ALA C 299 -10.89 -5.48 4.76
C ALA C 299 -11.91 -5.21 3.66
N VAL C 300 -12.56 -4.05 3.74
CA VAL C 300 -13.61 -3.70 2.78
C VAL C 300 -13.51 -2.23 2.40
N ASN C 301 -13.78 -1.94 1.13
CA ASN C 301 -13.92 -0.57 0.60
C ASN C 301 -12.66 0.27 0.81
N GLY C 302 -11.50 -0.37 0.72
CA GLY C 302 -10.23 0.32 0.62
C GLY C 302 -9.89 1.31 1.73
N PRO C 303 -9.74 0.84 2.95
CA PRO C 303 -9.20 1.69 4.01
C PRO C 303 -7.70 1.91 3.78
N ASN C 304 -7.20 3.05 4.26
CA ASN C 304 -5.84 3.47 3.93
C ASN C 304 -4.90 3.58 5.11
N PHE C 305 -5.38 3.48 6.34
CA PHE C 305 -4.51 3.55 7.52
C PHE C 305 -4.94 2.47 8.48
N TYR C 306 -3.98 1.69 8.98
CA TYR C 306 -4.31 0.72 10.00
C TYR C 306 -4.81 1.42 11.25
N TRP C 307 -5.68 0.75 12.00
CA TRP C 307 -6.55 1.46 12.93
C TRP C 307 -5.77 2.19 14.02
N GLN C 308 -4.62 1.66 14.44
CA GLN C 308 -3.85 2.35 15.47
C GLN C 308 -3.37 3.72 14.97
N GLN C 309 -2.99 3.80 13.68
CA GLN C 309 -2.59 5.09 13.12
C GLN C 309 -3.79 5.97 12.80
N ALA C 310 -4.85 5.38 12.23
CA ALA C 310 -6.04 6.15 11.87
C ALA C 310 -6.68 6.82 13.08
N MET C 311 -6.35 6.38 14.29
CA MET C 311 -6.87 7.00 15.49
C MET C 311 -6.39 8.44 15.64
N GLU C 312 -5.33 8.82 14.93
CA GLU C 312 -4.73 10.14 15.06
C GLU C 312 -5.02 11.04 13.87
N LEU C 313 -5.91 10.63 12.97
CA LEU C 313 -6.30 11.48 11.86
C LEU C 313 -6.87 12.80 12.40
N PRO C 314 -6.71 13.90 11.65
CA PRO C 314 -7.07 15.21 12.21
C PRO C 314 -8.54 15.33 12.57
N GLY C 315 -9.44 14.81 11.75
CA GLY C 315 -10.86 14.93 12.03
C GLY C 315 -11.26 14.30 13.36
N ALA C 316 -10.69 13.13 13.67
CA ALA C 316 -10.98 12.48 14.94
C ALA C 316 -10.58 13.37 16.12
N LYS C 317 -9.49 14.12 15.98
CA LYS C 317 -9.02 14.98 17.07
C LYS C 317 -9.82 16.27 17.18
N GLN C 318 -10.48 16.69 16.11
CA GLN C 318 -11.22 17.95 16.11
C GLN C 318 -12.63 17.81 16.67
N MET C 319 -13.12 16.58 16.88
CA MET C 319 -14.48 16.41 17.38
C MET C 319 -14.64 16.99 18.78
N GLN C 320 -13.58 16.98 19.58
CA GLN C 320 -13.67 17.51 20.94
C GLN C 320 -14.00 19.01 20.95
N HIS C 321 -13.60 19.74 19.90
CA HIS C 321 -13.91 21.16 19.83
C HIS C 321 -15.42 21.39 19.74
N ALA C 322 -16.11 20.60 18.90
CA ALA C 322 -17.56 20.73 18.81
C ALA C 322 -18.22 20.41 20.15
N ARG C 323 -17.72 19.40 20.86
CA ARG C 323 -18.23 19.12 22.19
C ARG C 323 -18.00 20.30 23.14
N LYS C 324 -16.79 20.88 23.09
CA LYS C 324 -16.47 21.99 23.97
C LYS C 324 -17.42 23.17 23.75
N LEU C 325 -17.64 23.54 22.49
CA LEU C 325 -18.50 24.67 22.17
C LEU C 325 -19.93 24.43 22.68
N ILE C 326 -20.48 23.25 22.42
CA ILE C 326 -21.84 22.96 22.82
C ILE C 326 -21.97 22.99 24.34
N GLU C 327 -21.07 22.31 25.04
CA GLU C 327 -21.13 22.27 26.51
C GLU C 327 -20.89 23.63 27.16
N SER C 328 -20.36 24.62 26.42
CA SER C 328 -19.97 25.88 27.04
C SER C 328 -21.15 26.80 27.37
N ARG C 329 -22.32 26.54 26.80
CA ARG C 329 -23.48 27.41 26.95
C ARG C 329 -24.66 26.59 27.43
N PRO C 330 -25.71 27.25 27.99
CA PRO C 330 -26.91 26.53 28.43
C PRO C 330 -27.38 25.46 27.45
N PHE C 331 -27.35 24.20 27.92
CA PHE C 331 -27.43 23.04 27.04
C PHE C 331 -28.84 22.78 26.56
N LEU C 332 -29.78 22.62 27.49
CA LEU C 332 -31.14 22.20 27.13
C LEU C 332 -31.98 23.32 26.53
N ASP C 333 -31.49 24.57 26.57
CA ASP C 333 -32.18 25.69 25.93
C ASP C 333 -31.91 25.76 24.43
N ARG C 334 -30.85 25.11 23.95
CA ARG C 334 -30.44 25.29 22.56
C ARG C 334 -31.47 24.71 21.60
N VAL C 335 -31.76 25.48 20.55
CA VAL C 335 -32.67 25.06 19.48
C VAL C 335 -32.06 25.45 18.13
N PRO C 336 -32.45 24.79 17.06
CA PRO C 336 -32.07 25.24 15.73
C PRO C 336 -32.94 26.41 15.30
N ASP C 337 -32.33 27.41 14.65
CA ASP C 337 -33.07 28.62 14.30
C ASP C 337 -32.38 29.29 13.10
N GLN C 338 -32.88 28.96 11.91
CA GLN C 338 -32.36 29.58 10.68
C GLN C 338 -32.78 31.03 10.53
N SER C 339 -33.74 31.51 11.31
CA SER C 339 -34.15 32.91 11.25
C SER C 339 -33.08 33.84 11.81
N LEU C 340 -31.99 33.31 12.37
CA LEU C 340 -30.90 34.14 12.88
C LEU C 340 -30.09 34.78 11.78
N VAL C 341 -30.13 34.23 10.56
CA VAL C 341 -29.25 34.72 9.49
C VAL C 341 -30.10 35.12 8.29
N VAL C 342 -29.59 36.10 7.55
CA VAL C 342 -30.22 36.51 6.30
C VAL C 342 -30.08 35.39 5.25
N GLU C 343 -28.91 34.77 5.19
CA GLU C 343 -28.62 33.73 4.20
C GLU C 343 -28.94 32.35 4.79
N ASN C 344 -30.24 32.14 5.04
CA ASN C 344 -30.66 30.96 5.78
C ASN C 344 -30.83 29.72 4.91
N ASN C 345 -30.73 29.85 3.58
CA ASN C 345 -30.91 28.70 2.69
C ASN C 345 -29.80 28.65 1.65
N SER C 346 -28.56 28.69 2.11
CA SER C 346 -27.41 28.65 1.22
C SER C 346 -27.09 27.21 0.84
N PRO C 347 -26.38 27.01 -0.27
CA PRO C 347 -25.95 25.65 -0.63
C PRO C 347 -25.14 24.99 0.47
N ALA C 348 -25.15 23.66 0.46
CA ALA C 348 -24.48 22.88 1.50
C ALA C 348 -22.98 23.16 1.55
N SER C 349 -22.36 23.42 0.40
CA SER C 349 -20.92 23.66 0.36
C SER C 349 -20.53 24.92 1.13
N GLU C 350 -21.45 25.85 1.32
CA GLU C 350 -21.19 27.09 2.05
C GLU C 350 -22.33 27.41 3.00
N ARG C 351 -22.89 26.37 3.61
CA ARG C 351 -24.10 26.51 4.41
C ARG C 351 -23.87 27.43 5.61
N ILE C 352 -24.80 28.35 5.81
CA ILE C 352 -24.90 29.10 7.05
C ILE C 352 -25.96 28.41 7.91
N GLN C 353 -25.51 27.73 8.96
CA GLN C 353 -26.39 27.01 9.87
C GLN C 353 -26.35 27.70 11.23
N ALA C 354 -27.53 28.01 11.77
CA ALA C 354 -27.64 28.84 12.97
C ALA C 354 -28.38 28.10 14.07
N THR C 355 -27.86 28.21 15.29
CA THR C 355 -28.44 27.59 16.48
C THR C 355 -28.35 28.60 17.62
N ARG C 356 -29.27 28.49 18.57
CA ARG C 356 -29.31 29.47 19.64
C ARG C 356 -29.99 28.91 20.87
N GLY C 357 -29.63 29.45 22.02
CA GLY C 357 -30.37 29.30 23.25
C GLY C 357 -31.29 30.49 23.44
N LYS C 358 -31.55 30.82 24.70
CA LYS C 358 -32.30 32.04 24.99
C LYS C 358 -31.40 33.26 25.04
N ASP C 359 -30.13 33.08 25.37
CA ASP C 359 -29.21 34.20 25.59
C ASP C 359 -27.88 34.00 24.88
N TYR C 360 -27.84 33.12 23.88
CA TYR C 360 -26.61 32.88 23.13
C TYR C 360 -26.97 32.26 21.78
N ALA C 361 -26.02 32.33 20.85
CA ALA C 361 -26.22 31.77 19.53
C ALA C 361 -24.89 31.38 18.92
N PHE C 362 -24.86 30.20 18.28
CA PHE C 362 -23.76 29.78 17.43
C PHE C 362 -24.22 29.79 15.98
N ILE C 363 -23.37 30.29 15.09
CA ILE C 363 -23.64 30.29 13.66
C ILE C 363 -22.43 29.71 12.96
N TYR C 364 -22.65 28.65 12.18
CA TYR C 364 -21.60 27.95 11.45
C TYR C 364 -21.58 28.47 10.02
N SER C 365 -20.38 28.76 9.52
CA SER C 365 -20.20 29.21 8.14
C SER C 365 -19.27 28.22 7.46
N ALA C 366 -19.86 27.24 6.77
CA ALA C 366 -19.11 26.06 6.33
C ALA C 366 -17.95 26.40 5.41
N ALA C 367 -18.03 27.53 4.70
CA ALA C 367 -16.96 27.96 3.81
C ALA C 367 -16.39 29.32 4.19
N GLY C 368 -16.73 29.83 5.38
CA GLY C 368 -16.22 31.12 5.78
C GLY C 368 -16.81 32.29 5.05
N LYS C 369 -17.97 32.11 4.40
CA LYS C 369 -18.64 33.22 3.75
C LYS C 369 -19.17 34.20 4.80
N SER C 370 -19.35 35.44 4.35
CA SER C 370 -19.98 36.43 5.20
C SER C 370 -21.49 36.20 5.27
N PHE C 371 -22.10 36.67 6.35
CA PHE C 371 -23.54 36.53 6.53
C PHE C 371 -24.02 37.69 7.39
N THR C 372 -25.31 37.96 7.30
CA THR C 372 -25.96 38.98 8.11
C THR C 372 -26.82 38.30 9.17
N VAL C 373 -26.77 38.83 10.39
CA VAL C 373 -27.45 38.24 11.54
C VAL C 373 -28.64 39.10 11.91
N ASN C 374 -29.81 38.48 12.03
CA ASN C 374 -30.98 39.14 12.60
C ASN C 374 -30.83 39.18 14.11
N LEU C 375 -30.76 40.39 14.68
CA LEU C 375 -30.11 40.58 15.96
C LEU C 375 -31.04 40.47 17.17
N GLY C 376 -32.30 40.85 17.05
CA GLY C 376 -33.14 40.86 18.23
C GLY C 376 -33.67 39.52 18.69
N LYS C 377 -32.98 38.43 18.34
CA LYS C 377 -33.53 37.10 18.57
C LYS C 377 -33.16 36.52 19.94
N ILE C 378 -31.95 36.73 20.42
CA ILE C 378 -31.57 36.31 21.76
C ILE C 378 -31.73 37.50 22.70
N SER C 379 -31.71 37.22 24.01
CA SER C 379 -31.93 38.26 25.01
C SER C 379 -30.72 39.18 25.09
N GLY C 380 -30.88 40.26 25.85
CA GLY C 380 -29.81 41.18 26.15
C GLY C 380 -29.88 42.46 25.32
N THR C 381 -29.28 43.52 25.86
CA THR C 381 -29.17 44.78 25.16
C THR C 381 -27.92 44.85 24.27
N GLN C 382 -26.83 44.23 24.71
CA GLN C 382 -25.61 44.14 23.91
C GLN C 382 -25.13 42.69 23.87
N LEU C 383 -24.36 42.37 22.84
CA LEU C 383 -23.84 41.03 22.68
C LEU C 383 -22.32 41.04 22.52
N ASN C 384 -21.67 40.08 23.18
CA ASN C 384 -20.27 39.79 22.93
C ASN C 384 -20.17 38.87 21.72
N ALA C 385 -19.33 39.26 20.76
CA ALA C 385 -19.12 38.47 19.54
C ALA C 385 -17.72 37.89 19.54
N TYR C 386 -17.62 36.60 19.16
CA TYR C 386 -16.35 35.90 19.08
C TYR C 386 -16.33 35.01 17.84
N TRP C 387 -15.13 34.75 17.34
CA TRP C 387 -14.91 33.73 16.33
C TRP C 387 -14.38 32.47 17.00
N PHE C 388 -15.02 31.34 16.72
CA PHE C 388 -14.62 30.04 17.24
C PHE C 388 -14.02 29.24 16.08
N ASP C 389 -12.78 28.77 16.27
CA ASP C 389 -12.09 28.04 15.22
C ASP C 389 -12.38 26.55 15.37
N PRO C 390 -13.11 25.94 14.44
CA PRO C 390 -13.42 24.50 14.60
C PRO C 390 -12.22 23.58 14.43
N ARG C 391 -11.14 24.04 13.81
CA ARG C 391 -9.99 23.16 13.58
C ARG C 391 -9.14 22.98 14.82
N ASN C 392 -9.04 23.99 15.69
CA ASN C 392 -8.22 23.90 16.88
C ASN C 392 -8.91 24.33 18.17
N GLY C 393 -10.14 24.82 18.10
CA GLY C 393 -10.87 25.19 19.31
C GLY C 393 -10.51 26.53 19.90
N LYS C 394 -9.78 27.37 19.17
CA LYS C 394 -9.41 28.68 19.69
C LYS C 394 -10.53 29.69 19.46
N VAL C 395 -10.59 30.68 20.34
CA VAL C 395 -11.60 31.73 20.29
C VAL C 395 -10.89 33.08 20.24
N GLU C 396 -11.33 33.96 19.36
CA GLU C 396 -10.83 35.33 19.26
C GLU C 396 -11.98 36.31 19.50
N ASP C 397 -11.67 37.41 20.15
CA ASP C 397 -12.64 38.48 20.33
C ASP C 397 -12.97 39.12 18.99
N ILE C 398 -14.18 39.68 18.90
CA ILE C 398 -14.57 40.48 17.75
C ILE C 398 -14.90 41.89 18.21
N SER C 399 -16.00 42.03 18.96
CA SER C 399 -16.46 43.32 19.47
C SER C 399 -17.73 43.09 20.28
N LYS C 400 -18.13 44.12 21.02
CA LYS C 400 -19.46 44.21 21.59
C LYS C 400 -20.36 44.96 20.60
N ILE C 401 -21.56 44.43 20.40
CA ILE C 401 -22.48 44.99 19.43
C ILE C 401 -23.82 45.23 20.10
N ASP C 402 -24.54 46.24 19.61
CA ASP C 402 -25.89 46.51 20.10
C ASP C 402 -26.86 45.47 19.52
N ASN C 403 -27.72 44.93 20.39
CA ASN C 403 -28.60 43.81 20.05
C ASN C 403 -29.86 44.23 19.28
N LYS C 404 -29.73 45.11 18.30
CA LYS C 404 -30.87 45.55 17.51
C LYS C 404 -30.46 45.68 16.05
N GLY C 405 -31.41 45.41 15.16
CA GLY C 405 -31.17 45.54 13.73
C GLY C 405 -30.47 44.35 13.12
N THR C 406 -29.55 44.59 12.19
CA THR C 406 -28.78 43.54 11.55
C THR C 406 -27.30 43.90 11.60
N TYR C 407 -26.46 42.88 11.46
CA TYR C 407 -25.01 43.08 11.50
C TYR C 407 -24.36 42.00 10.65
N LYS C 408 -23.59 42.42 9.65
CA LYS C 408 -22.90 41.51 8.76
C LYS C 408 -21.55 41.13 9.37
N PHE C 409 -21.34 39.83 9.56
CA PHE C 409 -20.10 39.30 10.11
C PHE C 409 -19.28 38.67 9.00
N THR C 410 -17.96 38.88 9.05
CA THR C 410 -17.04 38.33 8.06
C THR C 410 -16.05 37.40 8.75
N PRO C 411 -16.05 36.11 8.43
CA PRO C 411 -15.08 35.20 9.04
C PRO C 411 -13.66 35.59 8.65
N PRO C 412 -12.67 35.25 9.48
CA PRO C 412 -11.31 35.75 9.23
C PRO C 412 -10.71 35.28 7.92
N ARG C 413 -11.10 34.10 7.45
CA ARG C 413 -10.73 33.62 6.13
C ARG C 413 -11.94 32.92 5.52
N SER C 414 -12.12 33.11 4.22
CA SER C 414 -13.15 32.40 3.46
C SER C 414 -12.48 31.45 2.46
N GLY C 415 -13.30 30.58 1.88
CA GLY C 415 -12.84 29.61 0.92
C GLY C 415 -13.06 28.19 1.41
N TYR C 416 -12.73 27.24 0.54
CA TYR C 416 -12.96 25.83 0.84
C TYR C 416 -12.04 25.37 1.97
N GLY C 417 -12.64 24.84 3.03
CA GLY C 417 -11.92 24.38 4.20
C GLY C 417 -11.94 25.35 5.36
N GLN C 418 -12.43 26.57 5.16
CA GLN C 418 -12.39 27.61 6.18
C GLN C 418 -13.75 27.75 6.86
N ASP C 419 -14.19 26.67 7.49
CA ASP C 419 -15.40 26.75 8.31
C ASP C 419 -15.09 27.52 9.60
N TRP C 420 -16.04 28.36 10.01
CA TRP C 420 -15.89 29.15 11.23
C TRP C 420 -17.23 29.19 11.95
N VAL C 421 -17.16 29.43 13.27
CA VAL C 421 -18.34 29.51 14.12
C VAL C 421 -18.35 30.88 14.78
N LEU C 422 -19.49 31.58 14.65
CA LEU C 422 -19.69 32.83 15.36
C LEU C 422 -20.40 32.55 16.68
N ILE C 423 -19.94 33.24 17.73
CA ILE C 423 -20.56 33.15 19.05
C ILE C 423 -21.14 34.52 19.40
N LEU C 424 -22.41 34.54 19.78
CA LEU C 424 -23.07 35.75 20.23
C LEU C 424 -23.69 35.45 21.59
N ASP C 425 -23.18 36.09 22.63
CA ASP C 425 -23.70 35.93 23.99
C ASP C 425 -24.43 37.19 24.42
N ASP C 426 -25.53 37.00 25.17
CA ASP C 426 -26.09 38.07 25.98
C ASP C 426 -24.97 38.59 26.89
N ALA C 427 -24.57 39.85 26.71
CA ALA C 427 -23.45 40.38 27.48
C ALA C 427 -23.76 40.40 28.97
N SER C 428 -25.02 40.51 29.36
CA SER C 428 -25.37 40.58 30.78
C SER C 428 -25.23 39.25 31.49
N LYS C 429 -25.08 38.15 30.78
CA LYS C 429 -24.99 36.83 31.39
C LYS C 429 -23.58 36.44 31.80
N ASN C 430 -22.57 37.21 31.39
CA ASN C 430 -21.18 37.00 31.79
C ASN C 430 -20.68 35.61 31.43
N PHE C 431 -21.14 35.07 30.31
CA PHE C 431 -20.60 33.81 29.79
C PHE C 431 -19.10 33.96 29.54
N LEU C 432 -18.36 32.90 29.81
CA LEU C 432 -16.94 32.87 29.49
C LEU C 432 -16.73 32.22 28.12
N LYS C 433 -15.59 32.53 27.52
CA LYS C 433 -15.23 31.93 26.24
C LYS C 433 -15.20 30.41 26.39
N PRO C 434 -15.63 29.66 25.36
CA PRO C 434 -15.56 28.20 25.38
C PRO C 434 -14.14 27.67 25.49
N GLN D 1 19.76 -10.01 44.96
CA GLN D 1 19.53 -9.86 43.52
C GLN D 1 18.48 -10.85 43.05
N THR D 2 17.70 -10.45 42.04
CA THR D 2 16.64 -11.32 41.53
C THR D 2 17.14 -12.30 40.46
N TYR D 3 18.10 -11.89 39.64
CA TYR D 3 18.61 -12.75 38.57
C TYR D 3 19.98 -13.29 38.93
N THR D 4 20.13 -14.62 38.91
CA THR D 4 21.41 -15.26 39.15
C THR D 4 21.60 -16.38 38.14
N VAL D 5 22.80 -16.93 38.14
CA VAL D 5 23.15 -18.06 37.28
C VAL D 5 22.90 -19.35 38.06
N SER D 6 22.34 -20.35 37.39
CA SER D 6 21.93 -21.58 38.05
C SER D 6 23.13 -22.32 38.63
N GLU D 7 22.84 -23.38 39.38
CA GLU D 7 23.89 -24.15 40.04
C GLU D 7 24.77 -24.87 39.02
N ASN D 8 24.17 -25.42 37.96
CA ASN D 8 24.93 -26.06 36.91
C ASN D 8 25.52 -25.08 35.91
N LYS D 9 25.33 -23.77 36.14
CA LYS D 9 25.95 -22.70 35.36
C LYS D 9 25.53 -22.74 33.89
N ARG D 10 24.43 -23.42 33.58
CA ARG D 10 23.91 -23.46 32.21
C ARG D 10 22.68 -22.60 32.00
N PHE D 11 22.00 -22.16 33.06
CA PHE D 11 20.73 -21.47 32.95
C PHE D 11 20.71 -20.23 33.83
N LEU D 12 19.61 -19.47 33.71
CA LEU D 12 19.37 -18.27 34.49
C LEU D 12 18.25 -18.52 35.49
N LEU D 13 18.38 -17.95 36.68
CA LEU D 13 17.35 -18.02 37.71
C LEU D 13 16.76 -16.64 37.97
N LYS D 14 15.46 -16.62 38.26
CA LYS D 14 14.78 -15.41 38.74
C LYS D 14 14.24 -15.71 40.13
N ASP D 15 14.79 -15.03 41.13
CA ASP D 15 14.42 -15.22 42.53
C ASP D 15 14.61 -16.68 42.95
N GLY D 16 15.68 -17.30 42.44
CA GLY D 16 16.00 -18.66 42.79
C GLY D 16 15.24 -19.73 42.03
N LYS D 17 14.31 -19.33 41.15
CA LYS D 17 13.53 -20.27 40.36
C LYS D 17 13.94 -20.21 38.90
N PRO D 18 13.76 -21.29 38.13
CA PRO D 18 14.16 -21.28 36.73
C PRO D 18 13.47 -20.15 35.97
N PHE D 19 14.30 -19.33 35.30
CA PHE D 19 13.82 -18.19 34.53
C PHE D 19 14.01 -18.49 33.05
N PHE D 20 12.92 -18.50 32.30
CA PHE D 20 12.99 -18.64 30.85
C PHE D 20 13.02 -17.25 30.22
N TRP D 21 14.16 -16.90 29.64
CA TRP D 21 14.33 -15.65 28.92
C TRP D 21 13.70 -15.81 27.54
N LEU D 22 12.58 -15.13 27.32
CA LEU D 22 11.97 -14.98 26.00
C LEU D 22 11.96 -13.50 25.67
N GLY D 23 12.86 -13.09 24.78
CA GLY D 23 13.13 -11.68 24.55
C GLY D 23 12.55 -11.14 23.25
N ASP D 24 12.15 -9.87 23.30
CA ASP D 24 11.88 -9.08 22.11
C ASP D 24 12.91 -7.95 22.03
N THR D 25 13.18 -7.50 20.81
CA THR D 25 14.22 -6.50 20.56
C THR D 25 13.54 -5.16 20.32
N ALA D 26 13.58 -4.29 21.32
CA ALA D 26 13.03 -2.95 21.21
C ALA D 26 14.13 -1.92 21.46
N TRP D 27 15.14 -1.89 20.57
CA TRP D 27 16.30 -1.02 20.77
C TRP D 27 15.89 0.42 21.05
N GLU D 28 14.98 0.96 20.24
CA GLU D 28 14.61 2.37 20.28
C GLU D 28 13.44 2.67 21.22
N LEU D 29 13.18 1.81 22.21
CA LEU D 29 11.99 1.96 23.03
C LEU D 29 11.98 3.29 23.79
N PHE D 30 13.01 3.52 24.61
CA PHE D 30 13.08 4.77 25.37
C PHE D 30 13.17 5.99 24.46
N HIS D 31 13.74 5.83 23.27
CA HIS D 31 13.98 6.98 22.39
C HIS D 31 12.74 7.43 21.64
N ARG D 32 11.81 6.52 21.34
CA ARG D 32 10.81 6.77 20.32
C ARG D 32 9.36 6.50 20.72
N LEU D 33 9.09 5.82 21.82
CA LEU D 33 7.73 5.54 22.26
C LEU D 33 7.39 6.41 23.47
N ASP D 34 6.23 7.07 23.43
CA ASP D 34 5.79 7.89 24.55
C ASP D 34 5.21 6.99 25.64
N ARG D 35 4.60 7.57 26.67
CA ARG D 35 4.09 6.78 27.78
C ARG D 35 2.97 5.86 27.34
N GLU D 36 1.99 6.39 26.60
CA GLU D 36 0.85 5.57 26.19
C GLU D 36 1.26 4.49 25.20
N ASP D 37 2.18 4.80 24.28
CA ASP D 37 2.60 3.82 23.30
C ASP D 37 3.45 2.72 23.94
N ALA D 38 4.35 3.10 24.85
CA ALA D 38 5.16 2.10 25.53
C ALA D 38 4.29 1.17 26.38
N ASP D 39 3.19 1.69 26.92
CA ASP D 39 2.28 0.85 27.71
C ASP D 39 1.60 -0.19 26.84
N TYR D 40 1.16 0.22 25.65
CA TYR D 40 0.56 -0.72 24.70
C TYR D 40 1.56 -1.78 24.27
N TYR D 41 2.81 -1.37 23.98
CA TYR D 41 3.82 -2.33 23.56
C TYR D 41 4.11 -3.36 24.64
N LEU D 42 4.32 -2.90 25.88
CA LEU D 42 4.65 -3.83 26.95
C LEU D 42 3.47 -4.74 27.29
N LYS D 43 2.24 -4.21 27.22
CA LYS D 43 1.07 -5.00 27.57
C LYS D 43 0.79 -6.08 26.54
N LYS D 44 0.93 -5.75 25.26
CA LYS D 44 0.76 -6.73 24.21
C LYS D 44 1.83 -7.82 24.31
N ARG D 45 3.09 -7.42 24.51
CA ARG D 45 4.17 -8.39 24.60
C ARG D 45 4.00 -9.31 25.81
N ALA D 46 3.48 -8.79 26.92
CA ALA D 46 3.22 -9.64 28.08
C ALA D 46 2.10 -10.63 27.80
N ALA D 47 1.14 -10.25 26.96
CA ALA D 47 0.08 -11.19 26.59
C ALA D 47 0.61 -12.26 25.64
N GLN D 48 1.63 -11.94 24.84
CA GLN D 48 2.26 -12.89 23.94
C GLN D 48 3.36 -13.71 24.61
N LYS D 49 3.45 -13.65 25.94
CA LYS D 49 4.28 -14.49 26.80
C LYS D 49 5.77 -14.16 26.77
N TYR D 50 6.17 -13.00 26.24
CA TYR D 50 7.55 -12.58 26.36
C TYR D 50 7.87 -12.25 27.82
N THR D 51 9.16 -12.35 28.17
CA THR D 51 9.63 -12.06 29.52
C THR D 51 10.76 -11.05 29.61
N VAL D 52 11.45 -10.77 28.50
CA VAL D 52 12.57 -9.83 28.49
C VAL D 52 12.39 -8.89 27.31
N ILE D 53 12.56 -7.59 27.54
CA ILE D 53 12.55 -6.58 26.49
C ILE D 53 13.92 -5.92 26.46
N GLN D 54 14.56 -5.91 25.30
CA GLN D 54 15.89 -5.37 25.13
C GLN D 54 15.80 -3.97 24.57
N ALA D 55 16.40 -3.00 25.26
CA ALA D 55 16.22 -1.59 24.92
C ALA D 55 17.46 -0.81 25.33
N VAL D 56 17.70 0.29 24.61
CA VAL D 56 18.94 1.04 24.67
C VAL D 56 18.69 2.41 25.29
N ALA D 57 19.54 2.80 26.24
CA ALA D 57 19.41 4.12 26.84
C ALA D 57 19.89 5.21 25.89
N LEU D 58 21.05 5.01 25.27
CA LEU D 58 21.60 5.95 24.29
C LEU D 58 21.43 5.29 22.92
N ALA D 59 20.27 5.55 22.29
CA ALA D 59 19.82 4.79 21.14
C ALA D 59 20.73 4.96 19.94
N GLU D 60 20.64 3.98 19.02
CA GLU D 60 21.54 3.93 17.88
C GLU D 60 21.32 5.12 16.94
N PHE D 61 20.08 5.47 16.66
CA PHE D 61 19.81 6.41 15.58
C PHE D 61 19.69 7.82 16.16
N ASP D 62 20.85 8.50 16.21
CA ASP D 62 20.96 9.86 16.75
C ASP D 62 20.43 9.92 18.18
N GLY D 63 20.79 8.92 18.98
CA GLY D 63 20.28 8.82 20.34
C GLY D 63 20.63 9.98 21.24
N LEU D 64 21.68 10.74 20.91
CA LEU D 64 22.07 11.87 21.74
C LEU D 64 21.42 13.17 21.29
N ASN D 65 21.35 13.41 19.98
CA ASN D 65 20.99 14.71 19.45
C ASN D 65 19.52 14.81 19.03
N VAL D 66 18.85 13.70 18.84
CA VAL D 66 17.41 13.68 18.58
C VAL D 66 16.72 13.33 19.89
N PRO D 67 15.83 14.17 20.40
CA PRO D 67 15.28 13.95 21.74
C PRO D 67 14.23 12.85 21.75
N ASN D 68 13.88 12.43 22.97
CA ASN D 68 12.86 11.43 23.21
C ASN D 68 11.49 12.05 22.91
N PRO D 69 10.38 11.31 23.03
CA PRO D 69 9.07 11.89 22.63
C PRO D 69 8.68 13.15 23.39
N TYR D 70 9.29 13.44 24.54
CA TYR D 70 8.91 14.60 25.34
C TYR D 70 9.89 15.75 25.22
N GLY D 71 10.82 15.68 24.27
CA GLY D 71 11.73 16.78 24.00
C GLY D 71 13.06 16.72 24.73
N ASP D 72 13.32 15.66 25.47
CA ASP D 72 14.53 15.55 26.28
C ASP D 72 15.60 14.70 25.57
N LYS D 73 16.84 15.18 25.61
CA LYS D 73 18.02 14.44 25.21
C LYS D 73 18.68 13.80 26.42
N PRO D 74 19.43 12.71 26.25
CA PRO D 74 19.85 11.91 27.41
C PRO D 74 21.10 12.38 28.14
N LEU D 75 22.00 13.09 27.47
CA LEU D 75 23.24 13.54 28.10
C LEU D 75 23.34 15.05 27.99
N LEU D 76 23.44 15.73 29.13
CA LEU D 76 23.71 17.15 29.13
C LEU D 76 25.04 17.43 28.46
N ASN D 77 25.00 18.26 27.41
CA ASN D 77 26.16 18.57 26.57
C ASN D 77 26.81 17.32 25.99
N ASN D 78 26.04 16.24 25.86
CA ASN D 78 26.52 14.97 25.33
C ASN D 78 27.70 14.44 26.12
N ASP D 79 27.73 14.77 27.42
CA ASP D 79 28.78 14.35 28.32
C ASP D 79 28.28 13.18 29.15
N PRO D 80 28.86 11.98 29.02
CA PRO D 80 28.37 10.83 29.80
C PRO D 80 28.46 11.02 31.30
N THR D 81 29.26 11.97 31.79
CA THR D 81 29.33 12.22 33.23
C THR D 81 28.16 13.03 33.74
N THR D 82 27.36 13.63 32.87
CA THR D 82 26.23 14.47 33.27
C THR D 82 24.96 14.05 32.53
N PRO D 83 24.40 12.90 32.90
CA PRO D 83 23.14 12.48 32.26
C PRO D 83 21.99 13.42 32.63
N ASN D 84 21.03 13.51 31.72
CA ASN D 84 19.89 14.42 31.89
C ASN D 84 18.77 13.68 32.62
N ASP D 85 18.46 14.15 33.83
CA ASP D 85 17.42 13.50 34.63
C ASP D 85 16.08 13.49 33.92
N ALA D 86 15.78 14.56 33.16
CA ALA D 86 14.49 14.64 32.49
C ALA D 86 14.29 13.51 31.50
N TYR D 87 15.35 13.15 30.76
CA TYR D 87 15.24 12.04 29.82
C TYR D 87 15.02 10.72 30.56
N PHE D 88 15.79 10.49 31.62
CA PHE D 88 15.72 9.20 32.30
C PHE D 88 14.50 9.06 33.21
N LYS D 89 13.71 10.12 33.38
CA LYS D 89 12.40 9.96 34.00
C LYS D 89 11.48 9.15 33.11
N HIS D 90 11.61 9.29 31.79
CA HIS D 90 10.86 8.43 30.87
C HIS D 90 11.38 7.00 30.93
N VAL D 91 12.70 6.84 31.04
CA VAL D 91 13.27 5.50 31.20
C VAL D 91 12.79 4.87 32.49
N ASP D 92 12.71 5.66 33.56
CA ASP D 92 12.09 5.21 34.81
C ASP D 92 10.70 4.68 34.55
N PHE D 93 9.88 5.45 33.83
CA PHE D 93 8.49 5.07 33.59
C PHE D 93 8.41 3.72 32.86
N ILE D 94 9.20 3.55 31.81
CA ILE D 94 9.10 2.35 30.99
C ILE D 94 9.61 1.13 31.76
N ILE D 95 10.72 1.30 32.50
CA ILE D 95 11.23 0.20 33.32
C ILE D 95 10.19 -0.22 34.36
N ASP D 96 9.59 0.76 35.04
CA ASP D 96 8.59 0.45 36.05
C ASP D 96 7.33 -0.14 35.44
N LYS D 97 6.89 0.40 34.29
CA LYS D 97 5.73 -0.17 33.61
C LYS D 97 5.97 -1.62 33.24
N ALA D 98 7.17 -1.94 32.74
CA ALA D 98 7.49 -3.31 32.37
C ALA D 98 7.40 -4.24 33.56
N ALA D 99 7.95 -3.83 34.71
CA ALA D 99 7.87 -4.66 35.90
C ALA D 99 6.43 -4.87 36.33
N GLU D 100 5.58 -3.86 36.13
CA GLU D 100 4.15 -3.98 36.44
C GLU D 100 3.50 -5.10 35.63
N TYR D 101 3.95 -5.30 34.39
CA TYR D 101 3.43 -6.35 33.53
C TYR D 101 4.29 -7.61 33.56
N GLY D 102 5.22 -7.71 34.51
CA GLY D 102 6.04 -8.89 34.66
C GLY D 102 7.24 -8.97 33.74
N LEU D 103 7.62 -7.89 33.08
CA LEU D 103 8.65 -7.91 32.06
C LEU D 103 10.00 -7.48 32.64
N THR D 104 11.05 -8.18 32.22
CA THR D 104 12.43 -7.79 32.49
C THR D 104 12.94 -6.93 31.34
N ILE D 105 13.71 -5.90 31.68
CA ILE D 105 14.36 -5.04 30.69
C ILE D 105 15.78 -5.52 30.49
N GLY D 106 16.09 -5.97 29.27
CA GLY D 106 17.47 -6.15 28.86
C GLY D 106 18.07 -4.79 28.56
N PHE D 107 18.69 -4.18 29.57
CA PHE D 107 19.00 -2.76 29.56
C PHE D 107 20.39 -2.53 28.97
N LEU D 108 20.43 -1.87 27.81
CA LEU D 108 21.70 -1.51 27.20
C LEU D 108 22.04 -0.08 27.60
N PRO D 109 23.09 0.15 28.40
CA PRO D 109 23.45 1.54 28.74
C PRO D 109 23.67 2.42 27.53
N THR D 110 24.23 1.88 26.44
CA THR D 110 24.49 2.69 25.27
C THR D 110 24.61 1.78 24.05
N TRP D 111 24.40 2.37 22.88
CA TRP D 111 24.74 1.70 21.64
C TRP D 111 26.22 1.89 21.34
N GLY D 112 26.79 0.94 20.59
CA GLY D 112 28.22 0.95 20.35
C GLY D 112 28.71 2.17 19.58
N ASP D 113 27.83 2.77 18.77
CA ASP D 113 28.25 3.90 17.95
C ASP D 113 28.71 5.10 18.78
N LYS D 114 28.42 5.12 20.09
CA LYS D 114 28.89 6.18 20.96
C LYS D 114 30.33 5.96 21.40
N LEU D 115 30.85 4.74 21.24
CA LEU D 115 32.26 4.44 21.40
C LEU D 115 32.99 4.39 20.06
N ASN D 116 32.44 3.63 19.11
CA ASN D 116 33.05 3.45 17.79
C ASN D 116 31.97 3.64 16.74
N LYS D 117 32.00 4.78 16.05
CA LYS D 117 31.02 5.06 15.00
C LYS D 117 31.17 4.09 13.82
N SER D 118 32.40 3.68 13.52
CA SER D 118 32.71 2.88 12.33
C SER D 118 32.22 3.68 11.10
N THR D 119 31.91 2.99 10.01
CA THR D 119 31.55 3.67 8.77
C THR D 119 30.05 3.89 8.60
N TRP D 120 29.23 3.52 9.58
CA TRP D 120 27.79 3.64 9.43
C TRP D 120 27.07 4.27 10.62
N GLY D 121 27.71 4.40 11.78
CA GLY D 121 27.03 4.90 12.95
C GLY D 121 26.94 6.42 12.98
N LYS D 122 25.87 6.91 13.60
CA LYS D 122 25.68 8.36 13.73
C LYS D 122 26.56 8.94 14.82
N GLY D 123 26.71 8.23 15.94
CA GLY D 123 27.42 8.75 17.07
C GLY D 123 26.65 9.86 17.75
N PRO D 124 27.35 10.91 18.20
CA PRO D 124 28.81 11.10 18.12
C PRO D 124 29.55 10.19 19.09
N GLU D 125 30.85 9.98 18.85
CA GLU D 125 31.67 9.20 19.78
C GLU D 125 31.98 10.06 21.00
N VAL D 126 31.63 9.57 22.19
CA VAL D 126 31.75 10.39 23.39
C VAL D 126 32.42 9.61 24.51
N PHE D 127 32.60 8.31 24.33
CA PHE D 127 33.00 7.45 25.43
C PHE D 127 34.51 7.22 25.43
N ASN D 128 35.09 7.31 26.64
CA ASN D 128 36.46 6.88 26.92
C ASN D 128 36.44 6.05 28.19
N THR D 129 37.64 5.61 28.59
CA THR D 129 37.75 4.72 29.75
C THR D 129 37.21 5.37 31.02
N ASN D 130 37.43 6.67 31.18
CA ASN D 130 37.04 7.35 32.42
C ASN D 130 35.53 7.50 32.52
N ASN D 131 34.92 8.19 31.54
CA ASN D 131 33.50 8.50 31.68
C ASN D 131 32.60 7.29 31.51
N ALA D 132 33.12 6.20 30.94
CA ALA D 132 32.33 4.97 30.86
C ALA D 132 32.02 4.42 32.24
N ARG D 133 33.02 4.44 33.14
CA ARG D 133 32.79 3.97 34.51
C ARG D 133 31.85 4.91 35.26
N ILE D 134 31.99 6.23 35.06
CA ILE D 134 31.13 7.19 35.74
C ILE D 134 29.70 7.06 35.23
N TYR D 135 29.53 6.90 33.92
CA TYR D 135 28.20 6.75 33.35
C TYR D 135 27.56 5.44 33.79
N GLY D 136 28.32 4.34 33.77
CA GLY D 136 27.80 3.08 34.26
C GLY D 136 27.41 3.14 35.73
N LYS D 137 28.18 3.89 36.52
CA LYS D 137 27.86 4.03 37.94
C LYS D 137 26.62 4.88 38.15
N TRP D 138 26.43 5.90 37.30
CA TRP D 138 25.23 6.73 37.38
C TRP D 138 23.97 5.90 37.14
N LEU D 139 23.97 5.10 36.07
CA LEU D 139 22.81 4.26 35.77
C LEU D 139 22.57 3.25 36.88
N ALA D 140 23.62 2.55 37.30
CA ALA D 140 23.46 1.50 38.29
C ALA D 140 22.94 2.04 39.61
N ASN D 141 23.47 3.19 40.06
CA ASN D 141 22.99 3.79 41.29
C ASN D 141 21.52 4.18 41.18
N ARG D 142 21.13 4.77 40.04
CA ARG D 142 19.74 5.15 39.85
C ARG D 142 18.81 3.94 39.87
N TYR D 143 19.28 2.81 39.34
CA TYR D 143 18.45 1.62 39.22
C TYR D 143 18.88 0.50 40.16
N LYS D 144 19.63 0.84 41.22
CA LYS D 144 20.16 -0.18 42.13
C LYS D 144 19.06 -0.92 42.89
N ASN D 145 17.88 -0.32 43.03
CA ASN D 145 16.78 -0.97 43.73
C ASN D 145 15.76 -1.59 42.78
N LYS D 146 15.84 -1.30 41.48
CA LYS D 146 14.99 -1.98 40.51
C LYS D 146 15.30 -3.47 40.50
N LYS D 147 14.26 -4.28 40.35
CA LYS D 147 14.39 -5.73 40.44
C LYS D 147 14.17 -6.44 39.12
N ASN D 148 14.06 -5.72 38.01
CA ASN D 148 13.75 -6.33 36.72
C ASN D 148 14.72 -5.86 35.64
N ILE D 149 16.00 -5.73 35.97
CA ILE D 149 16.99 -5.22 35.04
C ILE D 149 18.12 -6.24 34.90
N ILE D 150 18.43 -6.59 33.65
CA ILE D 150 19.66 -7.29 33.29
C ILE D 150 20.47 -6.36 32.41
N TRP D 151 21.75 -6.20 32.72
CA TRP D 151 22.60 -5.21 32.05
C TRP D 151 23.25 -5.83 30.82
N ILE D 152 23.14 -5.14 29.69
CA ILE D 152 23.71 -5.59 28.42
C ILE D 152 24.67 -4.51 27.94
N LEU D 153 25.97 -4.73 28.13
CA LEU D 153 26.96 -3.78 27.67
C LEU D 153 27.10 -3.88 26.14
N GLY D 154 27.85 -2.93 25.59
CA GLY D 154 28.08 -2.97 24.16
C GLY D 154 26.85 -2.57 23.36
N GLY D 155 26.89 -2.92 22.08
CA GLY D 155 25.80 -2.60 21.17
C GLY D 155 26.22 -2.63 19.72
N ASP D 156 26.45 -3.84 19.19
CA ASP D 156 26.71 -4.06 17.76
C ASP D 156 28.03 -3.43 17.32
N ARG D 157 29.08 -3.58 18.12
CA ARG D 157 30.39 -3.04 17.78
C ARG D 157 31.47 -3.97 18.30
N THR D 158 32.15 -4.67 17.39
CA THR D 158 33.32 -5.45 17.78
C THR D 158 34.37 -4.54 18.38
N PRO D 159 34.92 -4.86 19.55
CA PRO D 159 36.02 -4.06 20.10
C PRO D 159 37.19 -4.01 19.13
N ARG D 160 37.65 -2.79 18.86
CA ARG D 160 38.67 -2.59 17.83
C ARG D 160 40.03 -3.08 18.32
N PRO D 161 40.76 -3.85 17.52
CA PRO D 161 42.16 -4.10 17.84
C PRO D 161 42.95 -2.80 17.80
N ASN D 162 43.92 -2.68 18.71
CA ASN D 162 44.70 -1.46 18.89
C ASN D 162 43.80 -0.30 19.32
N SER D 163 43.11 -0.49 20.44
CA SER D 163 42.24 0.53 20.99
C SER D 163 41.95 0.19 22.45
N ASP D 164 41.29 1.12 23.13
CA ASP D 164 40.88 0.94 24.52
C ASP D 164 39.48 0.34 24.63
N ASP D 165 38.90 -0.11 23.52
CA ASP D 165 37.49 -0.51 23.52
C ASP D 165 37.21 -1.56 24.59
N VAL D 166 38.12 -2.53 24.73
CA VAL D 166 37.95 -3.54 25.77
C VAL D 166 38.04 -2.89 27.15
N LYS D 167 39.01 -2.00 27.35
CA LYS D 167 39.12 -1.31 28.63
C LYS D 167 37.92 -0.42 28.90
N VAL D 168 37.26 0.06 27.86
CA VAL D 168 36.11 0.94 28.03
C VAL D 168 34.90 0.15 28.53
N TRP D 169 34.62 -1.00 27.90
CA TRP D 169 33.51 -1.82 28.36
C TRP D 169 33.78 -2.39 29.75
N ARG D 170 35.02 -2.78 30.02
CA ARG D 170 35.37 -3.25 31.35
C ARG D 170 35.21 -2.16 32.39
N ALA D 171 35.40 -0.89 31.99
CA ALA D 171 35.21 0.22 32.92
C ALA D 171 33.73 0.46 33.19
N MET D 172 32.89 0.36 32.16
CA MET D 172 31.45 0.53 32.37
C MET D 172 30.91 -0.57 33.28
N ALA D 173 31.40 -1.81 33.09
CA ALA D 173 31.04 -2.90 34.00
C ALA D 173 31.42 -2.56 35.44
N ALA D 174 32.64 -2.06 35.65
CA ALA D 174 33.07 -1.69 37.00
C ALA D 174 32.19 -0.60 37.57
N GLY D 175 31.77 0.35 36.74
CA GLY D 175 30.82 1.35 37.20
C GLY D 175 29.50 0.74 37.61
N ILE D 176 28.96 -0.15 36.78
CA ILE D 176 27.70 -0.81 37.11
C ILE D 176 27.83 -1.58 38.41
N VAL D 177 28.93 -2.32 38.58
CA VAL D 177 29.12 -3.15 39.76
C VAL D 177 29.15 -2.30 41.03
N GLU D 178 29.81 -1.13 40.97
CA GLU D 178 29.85 -0.25 42.13
C GLU D 178 28.47 0.32 42.45
N GLY D 179 27.71 0.69 41.42
CA GLY D 179 26.43 1.33 41.66
C GLY D 179 25.40 0.42 42.33
N VAL D 180 25.41 -0.86 41.98
CA VAL D 180 24.42 -1.77 42.54
C VAL D 180 24.88 -2.43 43.84
N GLY D 181 26.17 -2.34 44.16
CA GLY D 181 26.70 -2.88 45.38
C GLY D 181 27.50 -4.20 45.29
N GLY D 182 28.10 -4.50 44.15
CA GLY D 182 28.91 -5.70 44.01
C GLY D 182 28.49 -6.53 42.82
N ASN D 183 29.33 -7.52 42.53
CA ASN D 183 29.12 -8.37 41.35
C ASN D 183 27.85 -9.19 41.48
N ASP D 184 27.53 -9.63 42.70
CA ASP D 184 26.35 -10.46 42.95
C ASP D 184 25.06 -9.66 43.02
N LYS D 185 25.09 -8.37 42.71
CA LYS D 185 23.88 -7.55 42.69
C LYS D 185 23.49 -7.11 41.28
N ALA D 186 24.21 -7.56 40.26
CA ALA D 186 23.84 -7.28 38.88
C ALA D 186 24.24 -8.46 38.01
N LEU D 187 23.43 -8.69 36.97
CA LEU D 187 23.71 -9.71 35.96
C LEU D 187 24.03 -8.98 34.66
N ILE D 188 25.24 -9.19 34.15
CA ILE D 188 25.78 -8.37 33.07
C ILE D 188 26.23 -9.26 31.92
N THR D 189 25.96 -8.83 30.70
CA THR D 189 26.46 -9.48 29.50
C THR D 189 26.89 -8.39 28.51
N PHE D 190 27.26 -8.81 27.30
CA PHE D 190 27.77 -7.89 26.29
C PHE D 190 27.20 -8.30 24.94
N HIS D 191 26.66 -7.32 24.20
CA HIS D 191 26.08 -7.59 22.89
C HIS D 191 27.12 -7.37 21.81
N PRO D 192 27.48 -8.39 21.02
CA PRO D 192 28.56 -8.23 20.04
C PRO D 192 28.07 -8.10 18.62
N GLN D 193 28.98 -7.85 17.70
CA GLN D 193 28.74 -8.08 16.28
C GLN D 193 28.85 -9.57 16.01
N PRO D 194 28.39 -10.04 14.84
CA PRO D 194 28.53 -11.46 14.52
C PRO D 194 29.98 -11.92 14.58
N ASN D 195 30.19 -13.09 15.17
CA ASN D 195 31.50 -13.74 15.20
C ASN D 195 31.29 -15.21 15.55
N LYS D 196 32.39 -15.91 15.86
CA LYS D 196 32.33 -17.32 16.18
C LYS D 196 32.31 -17.60 17.68
N GLU D 197 32.90 -16.72 18.49
CA GLU D 197 32.98 -16.91 19.92
C GLU D 197 31.94 -16.12 20.71
N GLY D 198 31.30 -15.14 20.10
CA GLY D 198 30.36 -14.32 20.83
C GLY D 198 31.07 -13.28 21.68
N ALA D 199 30.31 -12.73 22.64
CA ALA D 199 30.89 -11.77 23.57
C ALA D 199 32.03 -12.40 24.37
N SER D 200 32.00 -13.72 24.55
CA SER D 200 33.04 -14.43 25.28
C SER D 200 34.41 -14.33 24.62
N GLN D 201 34.49 -13.80 23.41
CA GLN D 201 35.79 -13.65 22.76
C GLN D 201 36.71 -12.74 23.56
N TRP D 202 36.16 -11.73 24.24
CA TRP D 202 36.96 -10.81 25.03
C TRP D 202 36.73 -10.90 26.52
N PHE D 203 35.53 -11.31 26.96
CA PHE D 203 35.14 -11.15 28.36
C PHE D 203 34.83 -12.47 29.06
N HIS D 204 35.09 -13.62 28.44
CA HIS D 204 34.62 -14.87 29.01
C HIS D 204 35.16 -15.11 30.41
N ALA D 205 36.40 -14.70 30.66
CA ALA D 205 37.03 -14.89 31.96
C ALA D 205 36.76 -13.77 32.93
N ASP D 206 36.09 -12.70 32.48
CA ASP D 206 35.79 -11.58 33.37
C ASP D 206 34.77 -11.98 34.43
N GLU D 207 35.04 -11.57 35.67
CA GLU D 207 34.17 -11.95 36.78
C GLU D 207 32.79 -11.32 36.69
N TRP D 208 32.71 -10.11 36.14
CA TRP D 208 31.42 -9.44 35.96
C TRP D 208 30.62 -10.01 34.79
N PHE D 209 31.26 -10.79 33.92
CA PHE D 209 30.65 -11.34 32.71
C PHE D 209 29.89 -12.60 33.09
N ASP D 210 28.59 -12.45 33.36
CA ASP D 210 27.80 -13.54 33.91
C ASP D 210 27.42 -14.57 32.84
N PHE D 211 27.10 -14.12 31.62
CA PHE D 211 26.78 -15.07 30.57
C PHE D 211 27.17 -14.49 29.23
N ASN D 212 27.33 -15.38 28.25
CA ASN D 212 27.76 -15.02 26.91
C ASN D 212 26.56 -14.74 26.02
N MET D 213 26.71 -13.74 25.14
CA MET D 213 25.68 -13.38 24.18
C MET D 213 26.25 -13.44 22.77
N PHE D 214 25.42 -13.87 21.83
CA PHE D 214 25.77 -13.94 20.42
C PHE D 214 24.90 -12.97 19.63
N GLN D 215 25.39 -12.60 18.45
CA GLN D 215 24.56 -12.06 17.37
C GLN D 215 24.69 -13.05 16.22
N ASN D 216 23.75 -14.00 16.14
CA ASN D 216 23.80 -15.04 15.13
C ASN D 216 23.08 -14.66 13.83
N GLY D 217 22.25 -13.63 13.85
CA GLY D 217 21.63 -13.16 12.62
C GLY D 217 22.65 -12.58 11.65
N HIS D 218 22.21 -12.30 10.44
CA HIS D 218 20.84 -12.27 9.94
C HIS D 218 20.70 -13.03 8.62
N CYS D 219 21.45 -14.11 8.47
CA CYS D 219 21.49 -14.85 7.21
C CYS D 219 20.68 -16.14 7.31
N ARG D 220 20.46 -16.75 6.16
CA ARG D 220 19.73 -18.02 6.09
C ARG D 220 20.71 -19.18 6.07
N ASP D 221 20.33 -20.27 6.74
CA ASP D 221 21.05 -21.54 6.69
C ASP D 221 22.48 -21.41 7.20
N THR D 222 22.69 -20.55 8.19
CA THR D 222 24.00 -20.46 8.83
C THR D 222 24.10 -21.49 9.96
N PRO D 223 25.27 -22.08 10.18
CA PRO D 223 25.39 -23.09 11.26
C PRO D 223 25.51 -22.45 12.64
N ILE D 224 24.42 -21.80 13.07
CA ILE D 224 24.43 -21.05 14.31
C ILE D 224 24.57 -21.96 15.53
N TYR D 225 24.22 -23.23 15.40
CA TYR D 225 24.38 -24.17 16.50
C TYR D 225 25.87 -24.39 16.82
N ASP D 226 26.74 -24.25 15.83
CA ASP D 226 28.17 -24.36 16.08
C ASP D 226 28.63 -23.25 17.01
N ASN D 227 28.07 -22.05 16.85
CA ASN D 227 28.40 -20.94 17.75
C ASN D 227 27.99 -21.25 19.17
N ILE D 228 26.74 -21.67 19.37
CA ILE D 228 26.25 -21.97 20.72
C ILE D 228 27.08 -23.07 21.35
N LYS D 229 27.30 -24.16 20.62
CA LYS D 229 28.06 -25.29 21.14
C LYS D 229 29.49 -24.87 21.48
N GLY D 230 30.09 -23.99 20.68
CA GLY D 230 31.43 -23.53 20.97
C GLY D 230 31.52 -22.85 22.32
N SER D 231 30.59 -21.94 22.61
CA SER D 231 30.51 -21.35 23.94
C SER D 231 30.14 -22.38 24.98
N TYR D 232 29.16 -23.25 24.68
CA TYR D 232 28.70 -24.23 25.65
C TYR D 232 29.83 -25.17 26.07
N ASP D 233 30.68 -25.56 25.13
CA ASP D 233 31.71 -26.55 25.41
C ASP D 233 32.96 -25.95 26.06
N ARG D 234 33.01 -24.65 26.32
CA ARG D 234 34.13 -24.08 27.06
C ARG D 234 34.19 -24.68 28.46
N ALA D 235 35.42 -24.97 28.92
CA ALA D 235 35.59 -25.58 30.22
C ALA D 235 35.23 -24.63 31.36
N LEU D 236 35.31 -23.32 31.13
CA LEU D 236 34.75 -22.35 32.07
C LEU D 236 33.27 -22.23 31.76
N VAL D 237 32.44 -22.89 32.55
CA VAL D 237 31.04 -23.08 32.21
C VAL D 237 30.27 -21.80 32.55
N LYS D 238 29.59 -21.24 31.56
CA LYS D 238 28.77 -20.05 31.71
C LYS D 238 27.60 -20.13 30.74
N PRO D 239 26.45 -19.59 31.10
CA PRO D 239 25.29 -19.66 30.20
C PRO D 239 25.53 -18.85 28.93
N VAL D 240 24.77 -19.22 27.88
CA VAL D 240 24.93 -18.62 26.57
C VAL D 240 23.54 -18.45 25.95
N ILE D 241 23.39 -17.39 25.15
CA ILE D 241 22.12 -17.10 24.49
C ILE D 241 22.42 -16.33 23.20
N ASP D 242 21.46 -16.35 22.29
CA ASP D 242 21.51 -15.52 21.08
C ASP D 242 20.75 -14.24 21.37
N GLY D 243 21.48 -13.12 21.47
CA GLY D 243 20.85 -11.83 21.72
C GLY D 243 20.33 -11.13 20.49
N GLU D 244 20.60 -11.67 19.31
CA GLU D 244 20.12 -11.09 18.06
C GLU D 244 20.15 -12.15 16.96
N PRO D 245 19.04 -12.86 16.74
CA PRO D 245 18.97 -13.78 15.61
C PRO D 245 18.56 -13.02 14.36
N ILE D 246 18.18 -13.73 13.30
CA ILE D 246 17.53 -13.05 12.18
C ILE D 246 16.25 -12.42 12.71
N TYR D 247 15.94 -11.23 12.20
CA TYR D 247 14.74 -10.52 12.62
C TYR D 247 13.61 -10.81 11.65
N GLU D 248 12.38 -10.73 12.14
CA GLU D 248 11.24 -10.85 11.25
C GLU D 248 11.11 -9.60 10.39
N ASP D 249 10.64 -9.79 9.16
CA ASP D 249 10.44 -8.70 8.20
C ASP D 249 11.74 -7.90 8.01
N HIS D 250 12.85 -8.62 7.87
CA HIS D 250 14.19 -8.09 7.82
C HIS D 250 14.91 -8.52 6.54
N PRO D 251 15.74 -7.66 5.97
CA PRO D 251 16.51 -8.07 4.78
C PRO D 251 17.40 -9.27 5.09
N VAL D 252 17.27 -10.31 4.24
CA VAL D 252 18.02 -11.54 4.45
C VAL D 252 19.49 -11.29 4.17
N CYS D 253 20.34 -11.63 5.14
CA CYS D 253 21.78 -11.39 5.07
C CYS D 253 22.08 -9.95 4.66
N PHE D 254 21.22 -9.02 5.08
CA PHE D 254 21.34 -7.60 4.73
C PHE D 254 21.43 -7.39 3.22
N ASN D 255 20.82 -8.29 2.45
CA ASN D 255 20.90 -8.27 0.99
C ASN D 255 19.49 -8.44 0.41
N ALA D 256 18.62 -7.47 0.71
CA ALA D 256 17.25 -7.53 0.25
C ALA D 256 17.16 -7.53 -1.27
N THR D 257 18.10 -6.87 -1.94
CA THR D 257 18.08 -6.82 -3.40
C THR D 257 18.12 -8.22 -4.00
N ASP D 258 19.02 -9.07 -3.51
CA ASP D 258 19.16 -10.41 -4.06
C ASP D 258 18.45 -11.48 -3.24
N LEU D 259 18.22 -11.25 -1.95
CA LEU D 259 17.72 -12.29 -1.07
C LEU D 259 16.36 -11.96 -0.44
N GLY D 260 15.79 -10.80 -0.74
CA GLY D 260 14.44 -10.51 -0.26
C GLY D 260 14.36 -10.32 1.24
N ILE D 261 13.22 -10.73 1.80
CA ILE D 261 12.87 -10.46 3.19
C ILE D 261 12.69 -11.78 3.93
N SER D 262 12.97 -11.76 5.24
CA SER D 262 12.88 -12.96 6.06
C SER D 262 11.40 -13.36 6.26
N ASN D 263 11.21 -14.49 6.92
CA ASN D 263 9.87 -15.01 7.18
C ASN D 263 9.83 -15.67 8.54
N ALA D 264 8.61 -15.99 8.98
CA ALA D 264 8.43 -16.60 10.30
C ALA D 264 9.17 -17.92 10.42
N TYR D 265 9.24 -18.69 9.33
CA TYR D 265 10.00 -19.93 9.33
C TYR D 265 11.48 -19.68 9.64
N ASP D 266 12.01 -18.54 9.20
CA ASP D 266 13.38 -18.16 9.54
C ASP D 266 13.53 -17.97 11.04
N VAL D 267 12.61 -17.24 11.66
CA VAL D 267 12.75 -16.91 13.08
C VAL D 267 12.51 -18.13 13.96
N ARG D 268 11.73 -19.11 13.49
CA ARG D 268 11.58 -20.34 14.25
C ARG D 268 12.85 -21.18 14.20
N LYS D 269 13.48 -21.26 13.03
CA LYS D 269 14.69 -22.07 12.91
C LYS D 269 15.78 -21.55 13.84
N TYR D 270 15.97 -20.23 13.90
CA TYR D 270 16.94 -19.68 14.84
C TYR D 270 16.59 -20.03 16.27
N ALA D 271 15.30 -19.94 16.63
CA ALA D 271 14.90 -20.10 18.03
C ALA D 271 15.12 -21.54 18.52
N TYR D 272 14.73 -22.53 17.71
CA TYR D 272 14.85 -23.92 18.15
C TYR D 272 16.27 -24.44 18.00
N LEU D 273 16.98 -24.06 16.92
CA LEU D 273 18.37 -24.48 16.79
C LEU D 273 19.23 -23.87 17.89
N ASN D 274 18.94 -22.63 18.28
CA ASN D 274 19.66 -22.00 19.38
C ASN D 274 19.40 -22.74 20.69
N LEU D 275 18.12 -22.89 21.06
CA LEU D 275 17.78 -23.47 22.35
C LEU D 275 18.28 -24.90 22.44
N PHE D 276 18.06 -25.69 21.38
CA PHE D 276 18.41 -27.10 21.43
C PHE D 276 19.92 -27.32 21.37
N ALA D 277 20.69 -26.30 20.98
CA ALA D 277 22.14 -26.37 21.02
C ALA D 277 22.71 -26.01 22.39
N GLY D 278 21.89 -25.44 23.28
CA GLY D 278 22.35 -25.18 24.63
C GLY D 278 22.00 -23.82 25.18
N ALA D 279 21.42 -22.95 24.36
CA ALA D 279 21.02 -21.63 24.83
C ALA D 279 19.97 -21.76 25.93
N PHE D 280 20.14 -20.98 27.00
CA PHE D 280 19.20 -21.04 28.11
C PHE D 280 17.88 -20.34 27.79
N GLY D 281 17.87 -19.51 26.76
CA GLY D 281 16.66 -18.81 26.36
C GLY D 281 16.84 -18.31 24.94
N HIS D 282 15.96 -17.40 24.54
CA HIS D 282 16.06 -16.87 23.19
C HIS D 282 15.49 -15.46 23.14
N THR D 283 16.14 -14.61 22.36
CA THR D 283 15.68 -13.26 22.08
C THR D 283 15.14 -13.23 20.66
N TYR D 284 13.88 -12.82 20.53
CA TYR D 284 13.30 -12.62 19.21
C TYR D 284 13.49 -11.16 18.81
N GLY D 285 13.56 -10.93 17.50
CA GLY D 285 13.67 -9.58 16.99
C GLY D 285 12.83 -9.40 15.74
N CYS D 286 12.40 -8.16 15.53
CA CYS D 286 11.61 -7.81 14.36
C CYS D 286 12.08 -6.46 13.84
N HIS D 287 12.39 -6.41 12.54
CA HIS D 287 12.95 -5.21 11.92
C HIS D 287 12.08 -3.99 12.14
N ASP D 288 10.76 -4.17 12.26
CA ASP D 288 9.87 -3.04 12.48
C ASP D 288 9.79 -2.62 13.93
N ILE D 289 10.10 -3.53 14.86
CA ILE D 289 9.89 -3.24 16.28
C ILE D 289 11.06 -2.47 16.87
N TRP D 290 12.30 -2.91 16.59
CA TRP D 290 13.46 -2.30 17.24
C TRP D 290 13.57 -0.83 16.90
N GLN D 291 13.24 -0.45 15.68
CA GLN D 291 13.24 0.96 15.29
C GLN D 291 11.91 1.65 15.56
N MET D 292 10.89 0.91 16.02
CA MET D 292 9.57 1.47 16.31
C MET D 292 9.01 2.23 15.11
N TYR D 293 9.05 1.56 13.96
CA TYR D 293 8.65 2.15 12.68
C TYR D 293 7.26 2.80 12.79
N SER D 294 7.20 4.09 12.46
CA SER D 294 5.99 4.87 12.57
C SER D 294 6.01 5.92 11.47
N PRO D 295 4.87 6.57 11.19
CA PRO D 295 4.86 7.61 10.16
C PRO D 295 5.60 8.90 10.54
N PHE D 296 6.12 9.01 11.76
CA PHE D 296 6.70 10.25 12.24
C PHE D 296 8.21 10.30 12.12
N ARG D 297 8.86 9.18 11.80
CA ARG D 297 10.30 9.16 11.61
C ARG D 297 10.61 8.34 10.36
N GLU D 298 11.80 8.58 9.81
CA GLU D 298 12.18 7.98 8.55
C GLU D 298 12.37 6.48 8.68
N ALA D 299 11.78 5.72 7.76
CA ALA D 299 12.01 4.28 7.68
C ALA D 299 13.50 4.00 7.53
N VAL D 300 13.96 2.91 8.15
CA VAL D 300 15.36 2.51 8.10
C VAL D 300 15.46 1.09 7.57
N ASN D 301 16.16 0.93 6.44
CA ASN D 301 16.50 -0.38 5.90
C ASN D 301 15.27 -1.16 5.44
N GLY D 302 14.25 -0.45 4.96
CA GLY D 302 13.08 -1.05 4.36
C GLY D 302 12.16 -1.83 5.27
N PRO D 303 11.67 -1.22 6.35
CA PRO D 303 10.64 -1.87 7.15
C PRO D 303 9.30 -1.79 6.43
N ASN D 304 8.47 -2.81 6.64
CA ASN D 304 7.23 -2.93 5.90
C ASN D 304 5.97 -2.78 6.75
N PHE D 305 6.09 -2.76 8.07
CA PHE D 305 4.93 -2.66 8.94
C PHE D 305 5.23 -1.66 10.05
N TYR D 306 4.30 -0.75 10.29
CA TYR D 306 4.39 0.08 11.48
C TYR D 306 4.38 -0.80 12.73
N TRP D 307 5.01 -0.32 13.80
CA TRP D 307 5.34 -1.20 14.92
C TRP D 307 4.11 -1.79 15.60
N GLN D 308 2.97 -1.09 15.56
CA GLN D 308 1.77 -1.63 16.20
C GLN D 308 1.27 -2.87 15.48
N GLN D 309 1.22 -2.84 14.15
CA GLN D 309 0.80 -4.02 13.40
C GLN D 309 1.85 -5.12 13.46
N ALA D 310 3.13 -4.75 13.36
CA ALA D 310 4.21 -5.74 13.38
C ALA D 310 4.26 -6.54 14.68
N MET D 311 3.62 -6.03 15.73
CA MET D 311 3.56 -6.78 16.99
C MET D 311 2.79 -8.09 16.83
N GLU D 312 1.94 -8.19 15.80
CA GLU D 312 1.12 -9.38 15.57
C GLU D 312 1.63 -10.18 14.37
N LEU D 313 2.88 -10.01 13.97
CA LEU D 313 3.43 -10.83 12.90
C LEU D 313 3.49 -12.29 13.35
N PRO D 314 3.42 -13.24 12.40
CA PRO D 314 3.29 -14.65 12.80
C PRO D 314 4.45 -15.16 13.66
N GLY D 315 5.69 -14.88 13.26
CA GLY D 315 6.82 -15.36 14.05
C GLY D 315 6.81 -14.82 15.46
N ALA D 316 6.40 -13.57 15.63
CA ALA D 316 6.29 -12.98 16.97
C ALA D 316 5.32 -13.76 17.84
N LYS D 317 4.24 -14.27 17.25
CA LYS D 317 3.25 -15.01 18.02
C LYS D 317 3.62 -16.46 18.22
N GLN D 318 4.60 -16.98 17.49
CA GLN D 318 5.01 -18.37 17.64
C GLN D 318 6.11 -18.58 18.67
N MET D 319 6.76 -17.51 19.13
CA MET D 319 7.81 -17.66 20.13
C MET D 319 7.27 -18.23 21.44
N GLN D 320 6.02 -17.91 21.78
CA GLN D 320 5.42 -18.45 23.00
C GLN D 320 5.28 -19.97 22.94
N HIS D 321 5.13 -20.54 21.73
CA HIS D 321 5.09 -21.99 21.62
C HIS D 321 6.40 -22.63 22.04
N ALA D 322 7.52 -21.93 21.82
CA ALA D 322 8.82 -22.45 22.23
C ALA D 322 8.98 -22.35 23.75
N ARG D 323 8.55 -21.24 24.35
CA ARG D 323 8.61 -21.12 25.80
C ARG D 323 7.77 -22.21 26.47
N LYS D 324 6.54 -22.41 25.99
CA LYS D 324 5.68 -23.45 26.54
C LYS D 324 6.29 -24.84 26.34
N LEU D 325 6.99 -25.05 25.22
CA LEU D 325 7.66 -26.33 25.00
C LEU D 325 8.77 -26.56 26.02
N ILE D 326 9.69 -25.59 26.15
CA ILE D 326 10.81 -25.75 27.06
C ILE D 326 10.33 -25.88 28.50
N GLU D 327 9.32 -25.09 28.87
CA GLU D 327 8.84 -25.05 30.25
C GLU D 327 8.01 -26.26 30.64
N SER D 328 7.61 -27.09 29.68
CA SER D 328 6.75 -28.24 29.95
C SER D 328 7.50 -29.43 30.54
N ARG D 329 8.82 -29.35 30.68
CA ARG D 329 9.63 -30.46 31.16
C ARG D 329 10.68 -29.93 32.11
N PRO D 330 11.29 -30.81 32.93
CA PRO D 330 12.34 -30.37 33.87
C PRO D 330 13.36 -29.41 33.26
N PHE D 331 13.30 -28.16 33.71
CA PHE D 331 14.02 -27.08 33.06
C PHE D 331 15.53 -27.21 33.24
N LEU D 332 15.99 -27.34 34.49
CA LEU D 332 17.42 -27.30 34.77
C LEU D 332 18.15 -28.57 34.35
N ASP D 333 17.43 -29.66 34.10
CA ASP D 333 18.06 -30.88 33.63
C ASP D 333 18.44 -30.85 32.16
N ARG D 334 17.95 -29.86 31.41
CA ARG D 334 18.06 -29.88 29.96
C ARG D 334 19.52 -29.72 29.52
N VAL D 335 19.90 -30.51 28.52
CA VAL D 335 21.24 -30.46 27.94
C VAL D 335 21.16 -30.67 26.45
N PRO D 336 22.13 -30.13 25.71
CA PRO D 336 22.23 -30.45 24.27
C PRO D 336 22.92 -31.80 24.09
N ASP D 337 22.33 -32.64 23.23
CA ASP D 337 22.87 -33.98 23.00
C ASP D 337 22.61 -34.34 21.53
N GLN D 338 23.62 -34.14 20.68
CA GLN D 338 23.50 -34.54 19.29
C GLN D 338 23.62 -36.04 19.10
N SER D 339 24.11 -36.78 20.10
CA SER D 339 24.15 -38.23 20.01
C SER D 339 22.77 -38.87 20.10
N LEU D 340 21.71 -38.07 20.33
CA LEU D 340 20.36 -38.60 20.34
C LEU D 340 19.90 -39.05 18.96
N VAL D 341 20.55 -38.57 17.89
CA VAL D 341 20.17 -38.89 16.53
C VAL D 341 21.38 -39.40 15.76
N VAL D 342 21.12 -40.23 14.75
CA VAL D 342 22.17 -40.68 13.86
C VAL D 342 22.64 -39.54 12.96
N GLU D 343 21.68 -38.81 12.38
CA GLU D 343 21.98 -37.71 11.47
C GLU D 343 22.15 -36.42 12.28
N ASN D 344 23.28 -36.33 12.97
CA ASN D 344 23.54 -35.24 13.90
C ASN D 344 24.41 -34.13 13.32
N ASN D 345 24.82 -34.25 12.05
CA ASN D 345 25.61 -33.22 11.38
C ASN D 345 25.02 -32.93 10.00
N SER D 346 23.72 -32.67 9.97
CA SER D 346 23.01 -32.37 8.74
C SER D 346 23.20 -30.91 8.35
N PRO D 347 22.98 -30.57 7.08
CA PRO D 347 23.03 -29.17 6.67
C PRO D 347 22.03 -28.32 7.45
N ALA D 348 22.36 -27.04 7.59
CA ALA D 348 21.58 -26.16 8.45
C ALA D 348 20.14 -26.02 7.97
N SER D 349 19.94 -26.00 6.65
CA SER D 349 18.58 -25.86 6.11
C SER D 349 17.67 -26.99 6.59
N GLU D 350 18.23 -28.17 6.85
CA GLU D 350 17.46 -29.36 7.23
C GLU D 350 18.02 -29.97 8.50
N ARG D 351 18.47 -29.11 9.42
CA ARG D 351 19.19 -29.56 10.60
C ARG D 351 18.31 -30.43 11.49
N ILE D 352 18.92 -31.46 12.09
CA ILE D 352 18.33 -32.21 13.19
C ILE D 352 19.07 -31.80 14.45
N GLN D 353 18.42 -31.02 15.30
CA GLN D 353 18.99 -30.60 16.57
C GLN D 353 18.25 -31.28 17.70
N ALA D 354 19.00 -31.87 18.64
CA ALA D 354 18.43 -32.68 19.70
C ALA D 354 18.91 -32.19 21.06
N THR D 355 17.96 -32.11 22.00
CA THR D 355 18.25 -31.79 23.39
C THR D 355 17.43 -32.73 24.27
N ARG D 356 17.82 -32.82 25.54
CA ARG D 356 17.21 -33.81 26.41
C ARG D 356 17.40 -33.42 27.87
N GLY D 357 16.61 -34.05 28.73
CA GLY D 357 16.83 -34.01 30.16
C GLY D 357 17.22 -35.39 30.65
N LYS D 358 16.83 -35.73 31.88
CA LYS D 358 17.03 -37.11 32.32
C LYS D 358 15.89 -38.01 31.90
N ASP D 359 14.68 -37.47 31.76
CA ASP D 359 13.49 -38.28 31.49
C ASP D 359 12.68 -37.75 30.32
N TYR D 360 13.27 -36.90 29.47
CA TYR D 360 12.55 -36.36 28.33
C TYR D 360 13.55 -35.92 27.27
N ALA D 361 13.04 -35.67 26.07
CA ALA D 361 13.89 -35.26 24.96
C ALA D 361 13.06 -34.51 23.92
N PHE D 362 13.66 -33.47 23.35
CA PHE D 362 13.11 -32.75 22.21
C PHE D 362 14.03 -32.88 21.02
N ILE D 363 13.46 -33.05 19.83
CA ILE D 363 14.23 -33.20 18.60
C ILE D 363 13.60 -32.32 17.54
N TYR D 364 14.34 -31.29 17.11
CA TYR D 364 13.90 -30.37 16.07
C TYR D 364 14.35 -30.88 14.72
N SER D 365 13.42 -31.00 13.78
CA SER D 365 13.72 -31.29 12.38
C SER D 365 13.34 -30.04 11.59
N ALA D 366 14.35 -29.22 11.26
CA ALA D 366 14.11 -27.90 10.71
C ALA D 366 13.36 -27.92 9.38
N ALA D 367 13.45 -29.01 8.62
CA ALA D 367 12.72 -29.13 7.35
C ALA D 367 11.85 -30.38 7.31
N GLY D 368 11.56 -30.97 8.47
CA GLY D 368 10.71 -32.14 8.51
C GLY D 368 11.33 -33.38 7.90
N LYS D 369 12.65 -33.41 7.71
CA LYS D 369 13.30 -34.61 7.21
C LYS D 369 13.30 -35.67 8.30
N SER D 370 13.05 -36.92 7.90
CA SER D 370 13.04 -38.03 8.84
C SER D 370 14.41 -38.19 9.47
N PHE D 371 14.44 -38.87 10.62
CA PHE D 371 15.69 -39.08 11.34
C PHE D 371 15.58 -40.36 12.16
N THR D 372 16.71 -40.78 12.73
CA THR D 372 16.80 -42.00 13.50
C THR D 372 17.30 -41.67 14.90
N VAL D 373 16.53 -42.04 15.91
CA VAL D 373 16.84 -41.73 17.30
C VAL D 373 17.55 -42.91 17.93
N ASN D 374 18.57 -42.61 18.74
CA ASN D 374 19.19 -43.60 19.62
C ASN D 374 18.39 -43.64 20.91
N LEU D 375 17.83 -44.80 21.24
CA LEU D 375 16.71 -44.90 22.17
C LEU D 375 17.10 -45.25 23.59
N GLY D 376 18.37 -45.48 23.87
CA GLY D 376 18.75 -45.83 25.23
C GLY D 376 19.37 -44.69 26.01
N LYS D 377 19.01 -43.46 25.66
CA LYS D 377 19.74 -42.29 26.15
C LYS D 377 18.97 -41.44 27.15
N ILE D 378 17.69 -41.69 27.37
CA ILE D 378 17.00 -41.15 28.53
C ILE D 378 16.44 -42.32 29.34
N SER D 379 15.74 -42.03 30.42
CA SER D 379 15.27 -43.07 31.32
C SER D 379 13.93 -43.63 30.87
N GLY D 380 13.51 -44.70 31.52
CA GLY D 380 12.20 -45.28 31.29
C GLY D 380 12.21 -46.45 30.32
N THR D 381 11.60 -47.56 30.73
CA THR D 381 11.42 -48.68 29.80
C THR D 381 10.51 -48.28 28.64
N GLN D 382 9.48 -47.49 28.93
CA GLN D 382 8.53 -47.03 27.93
C GLN D 382 8.67 -45.53 27.72
N LEU D 383 8.63 -45.10 26.46
CA LEU D 383 8.69 -43.70 26.08
C LEU D 383 7.44 -43.31 25.32
N ASN D 384 6.94 -42.11 25.59
CA ASN D 384 5.79 -41.55 24.89
C ASN D 384 6.27 -40.59 23.81
N ALA D 385 5.80 -40.80 22.58
CA ALA D 385 6.21 -40.00 21.44
C ALA D 385 5.08 -39.10 20.99
N TYR D 386 5.36 -37.80 20.85
CA TYR D 386 4.42 -36.83 20.33
C TYR D 386 5.09 -36.00 19.23
N TRP D 387 4.26 -35.48 18.33
CA TRP D 387 4.71 -34.49 17.36
C TRP D 387 4.23 -33.12 17.82
N PHE D 388 5.17 -32.20 18.01
CA PHE D 388 4.87 -30.84 18.43
C PHE D 388 4.99 -29.89 17.24
N ASP D 389 3.94 -29.10 17.01
CA ASP D 389 3.89 -28.20 15.87
C ASP D 389 4.34 -26.83 16.31
N PRO D 390 5.51 -26.34 15.87
CA PRO D 390 6.00 -25.04 16.34
C PRO D 390 5.25 -23.86 15.75
N ARG D 391 4.37 -24.08 14.78
CA ARG D 391 3.63 -22.99 14.17
C ARG D 391 2.36 -22.62 14.93
N ASN D 392 1.74 -23.58 15.62
CA ASN D 392 0.54 -23.31 16.42
C ASN D 392 0.61 -23.85 17.84
N GLY D 393 1.64 -24.61 18.19
CA GLY D 393 1.77 -25.15 19.54
C GLY D 393 1.00 -26.42 19.80
N LYS D 394 0.45 -27.04 18.76
CA LYS D 394 -0.41 -28.20 18.95
C LYS D 394 0.41 -29.48 19.08
N VAL D 395 -0.15 -30.46 19.79
CA VAL D 395 0.50 -31.73 20.03
C VAL D 395 -0.36 -32.84 19.44
N GLU D 396 0.29 -33.90 18.99
CA GLU D 396 -0.42 -35.08 18.52
C GLU D 396 0.42 -36.31 18.82
N ASP D 397 -0.24 -37.39 19.24
CA ASP D 397 0.45 -38.59 19.66
C ASP D 397 0.97 -39.37 18.46
N ILE D 398 2.04 -40.13 18.69
CA ILE D 398 2.59 -41.00 17.66
C ILE D 398 2.35 -42.44 18.07
N SER D 399 2.98 -42.86 19.17
CA SER D 399 2.80 -44.21 19.70
C SER D 399 3.35 -44.23 21.13
N LYS D 400 3.63 -45.43 21.63
CA LYS D 400 4.25 -45.62 22.94
C LYS D 400 5.43 -46.58 22.77
N ILE D 401 6.47 -46.07 22.10
CA ILE D 401 7.60 -46.92 21.75
C ILE D 401 8.44 -47.25 22.98
N ASP D 402 9.08 -48.42 22.95
CA ASP D 402 9.95 -48.85 24.04
C ASP D 402 11.39 -48.44 23.75
N ASN D 403 12.07 -47.94 24.79
CA ASN D 403 13.38 -47.29 24.63
C ASN D 403 14.48 -48.34 24.52
N LYS D 404 14.54 -48.97 23.34
CA LYS D 404 15.54 -49.98 23.05
C LYS D 404 15.96 -49.87 21.60
N GLY D 405 17.27 -49.90 21.36
CA GLY D 405 17.77 -49.90 19.99
C GLY D 405 17.60 -48.53 19.33
N THR D 406 17.08 -48.55 18.10
CA THR D 406 16.89 -47.34 17.32
C THR D 406 15.47 -47.28 16.80
N TYR D 407 15.06 -46.08 16.38
CA TYR D 407 13.71 -45.84 15.90
C TYR D 407 13.73 -44.69 14.90
N LYS D 408 13.19 -44.94 13.71
CA LYS D 408 13.13 -43.92 12.67
C LYS D 408 11.78 -43.20 12.76
N PHE D 409 11.82 -41.91 13.09
CA PHE D 409 10.63 -41.07 13.15
C PHE D 409 10.51 -40.23 11.88
N THR D 410 9.28 -40.01 11.45
CA THR D 410 8.99 -39.23 10.25
C THR D 410 8.01 -38.12 10.60
N PRO D 411 8.37 -36.86 10.41
CA PRO D 411 7.46 -35.77 10.74
C PRO D 411 6.21 -35.83 9.87
N PRO D 412 5.08 -35.30 10.36
CA PRO D 412 3.83 -35.37 9.59
C PRO D 412 3.94 -34.80 8.19
N ARG D 413 4.84 -33.84 7.97
CA ARG D 413 5.03 -33.24 6.66
C ARG D 413 6.50 -32.88 6.51
N SER D 414 6.95 -32.76 5.26
CA SER D 414 8.36 -32.53 4.98
C SER D 414 8.50 -31.46 3.91
N GLY D 415 9.58 -30.70 3.99
CA GLY D 415 9.91 -29.70 3.00
C GLY D 415 10.11 -28.33 3.62
N TYR D 416 10.18 -27.33 2.74
CA TYR D 416 10.46 -25.98 3.19
C TYR D 416 9.28 -25.44 4.01
N GLY D 417 9.58 -24.96 5.21
CA GLY D 417 8.57 -24.47 6.12
C GLY D 417 7.96 -25.51 7.03
N GLN D 418 8.42 -26.76 6.95
CA GLN D 418 7.81 -27.83 7.73
C GLN D 418 8.72 -28.28 8.86
N ASP D 419 9.11 -27.35 9.73
CA ASP D 419 9.83 -27.73 10.93
C ASP D 419 8.88 -28.38 11.93
N TRP D 420 9.38 -29.37 12.65
CA TRP D 420 8.58 -30.12 13.61
C TRP D 420 9.47 -30.49 14.79
N VAL D 421 8.83 -30.74 15.94
CA VAL D 421 9.53 -31.13 17.15
C VAL D 421 8.98 -32.48 17.60
N LEU D 422 9.89 -33.41 17.90
CA LEU D 422 9.55 -34.70 18.47
C LEU D 422 9.74 -34.64 19.98
N ILE D 423 8.75 -35.14 20.72
CA ILE D 423 8.80 -35.16 22.18
C ILE D 423 8.82 -36.62 22.63
N LEU D 424 9.90 -37.01 23.29
CA LEU D 424 10.03 -38.33 23.89
C LEU D 424 9.98 -38.17 25.41
N ASP D 425 9.07 -38.90 26.04
CA ASP D 425 8.80 -38.76 27.47
C ASP D 425 8.92 -40.11 28.15
N ASP D 426 9.66 -40.15 29.26
CA ASP D 426 9.61 -41.30 30.15
C ASP D 426 8.17 -41.54 30.55
N ALA D 427 7.59 -42.65 30.09
CA ALA D 427 6.16 -42.89 30.31
C ALA D 427 5.82 -43.00 31.79
N SER D 428 6.78 -43.43 32.61
CA SER D 428 6.52 -43.55 34.04
C SER D 428 6.26 -42.19 34.68
N LYS D 429 6.93 -41.14 34.20
CA LYS D 429 6.84 -39.82 34.82
C LYS D 429 5.51 -39.12 34.55
N ASN D 430 4.70 -39.65 33.63
CA ASN D 430 3.34 -39.13 33.38
C ASN D 430 3.36 -37.65 33.01
N PHE D 431 4.28 -37.28 32.14
CA PHE D 431 4.35 -35.89 31.68
C PHE D 431 3.13 -35.54 30.84
N LEU D 432 2.65 -34.32 30.99
CA LEU D 432 1.50 -33.84 30.24
C LEU D 432 1.93 -33.24 28.91
N LYS D 433 1.07 -33.40 27.91
CA LYS D 433 1.32 -32.78 26.62
C LYS D 433 1.44 -31.27 26.79
N PRO D 434 2.49 -30.64 26.24
CA PRO D 434 2.75 -29.20 26.40
C PRO D 434 1.53 -28.34 26.14
#